data_9MED
#
_entry.id   9MED
#
_cell.length_a   86.875
_cell.length_b   86.875
_cell.length_c   475.979
_cell.angle_alpha   90.00
_cell.angle_beta   90.00
_cell.angle_gamma   90.00
#
_symmetry.space_group_name_H-M   'P 43 21 2'
#
loop_
_entity.id
_entity.type
_entity.pdbx_description
1 polymer 'Pyrophosphate--fructose 6-phosphate 1-phosphotransferase 1'
2 non-polymer 'PHOSPHATE ION'
3 non-polymer 'ADENOSINE MONOPHOSPHATE'
4 non-polymer PYROPHOSPHATE
5 non-polymer 'MAGNESIUM ION'
6 non-polymer 6-O-phosphono-beta-D-glucopyranose
7 non-polymer 'CHLORIDE ION'
8 water water
#
_entity_poly.entity_id   1
_entity_poly.type   'polypeptide(L)'
_entity_poly.pdbx_seq_one_letter_code
;MAHHHHHHMSTEAPVLGILCGGGPAPGLNGVIAGATLYALRLGWKVIGFMEGFKYLCTGDVDVVKAHTIDLTYDIVSRIH
FQGGTIIQTSRANPRKSPELQENVRKCLRALKVRYFLTIGGDDTASSAVSVASGMNGNEISVISCPKTIDNDLPLPADQS
TFGFHTARSLGMEIIRNLMVDSKSAPRWFLVEAMGRSAGHLALGMAEASGAHLCLIPEEFKQDEIEFEDVVELVEATILK
RLAYGKNYGVCVLAEGLVSKMSKKALYKLFGNREPPTDPHGHILLDDAELARSLSEELLKRLGNLGIRITPKKIGYELRC
ADPVAFDAVYTRELGYGAIDAFLNGHSAALIVRENGQVKPVQFKDLLDPATGRVRTRLVDVTSQSFKVARVYMWRMSKKD
YENKDLVARVAAAGKMTPEAFTEKFAHLTDVVVE
;
_entity_poly.pdbx_strand_id   A,B,C,D
#
# COMPACT_ATOMS: atom_id res chain seq x y z
N ALA A 13 -8.17 18.70 -39.12
CA ALA A 13 -7.55 19.05 -37.84
C ALA A 13 -6.13 18.51 -37.77
N PRO A 14 -5.25 19.22 -37.05
CA PRO A 14 -3.86 18.75 -36.94
C PRO A 14 -3.76 17.44 -36.19
N VAL A 15 -2.77 16.64 -36.59
CA VAL A 15 -2.57 15.31 -36.02
C VAL A 15 -1.39 15.36 -35.05
N LEU A 16 -1.64 14.93 -33.82
CA LEU A 16 -0.59 14.71 -32.82
C LEU A 16 -0.41 13.20 -32.69
N GLY A 17 0.80 12.73 -32.94
CA GLY A 17 1.14 11.32 -32.78
C GLY A 17 2.05 11.17 -31.56
N ILE A 18 1.79 10.15 -30.76
CA ILE A 18 2.49 9.94 -29.50
C ILE A 18 3.01 8.50 -29.47
N LEU A 19 4.26 8.35 -29.02
CA LEU A 19 4.83 7.03 -28.80
C LEU A 19 5.69 7.06 -27.54
N CYS A 20 6.00 5.88 -27.04
CA CYS A 20 6.88 5.71 -25.90
C CYS A 20 8.09 4.89 -26.32
N GLY A 21 9.27 5.29 -25.83
CA GLY A 21 10.49 4.55 -26.10
C GLY A 21 11.20 4.19 -24.81
N GLY A 22 12.04 3.17 -24.90
CA GLY A 22 12.80 2.72 -23.76
C GLY A 22 11.97 1.83 -22.85
N GLY A 23 12.51 1.60 -21.67
CA GLY A 23 11.81 0.84 -20.66
C GLY A 23 10.72 1.69 -20.03
N PRO A 24 9.64 1.07 -19.59
CA PRO A 24 8.54 1.85 -18.98
C PRO A 24 8.98 2.52 -17.69
N ALA A 25 8.26 3.58 -17.34
CA ALA A 25 8.42 4.26 -16.07
C ALA A 25 7.05 4.74 -15.58
N PRO A 26 6.80 4.73 -14.27
CA PRO A 26 5.50 5.20 -13.78
C PRO A 26 5.26 6.65 -14.17
N GLY A 27 4.09 6.91 -14.75
CA GLY A 27 3.73 8.24 -15.20
C GLY A 27 3.67 8.38 -16.71
N LEU A 28 4.13 7.38 -17.45
CA LEU A 28 3.97 7.40 -18.91
C LEU A 28 2.54 7.73 -19.29
N ASN A 29 1.58 6.99 -18.72
CA ASN A 29 0.17 7.25 -19.00
C ASN A 29 -0.22 8.67 -18.64
N GLY A 30 0.43 9.25 -17.62
CA GLY A 30 0.11 10.62 -17.24
C GLY A 30 0.51 11.63 -18.29
N VAL A 31 1.65 11.40 -18.96
CA VAL A 31 2.04 12.28 -20.06
C VAL A 31 1.12 12.09 -21.25
N ILE A 32 0.75 10.84 -21.54
CA ILE A 32 -0.17 10.57 -22.64
C ILE A 32 -1.51 11.24 -22.38
N ALA A 33 -1.98 11.20 -21.13
CA ALA A 33 -3.29 11.75 -20.80
C ALA A 33 -3.26 13.27 -20.72
N GLY A 34 -2.17 13.84 -20.21
CA GLY A 34 -2.04 15.29 -20.18
C GLY A 34 -1.93 15.88 -21.57
N ALA A 35 -1.10 15.27 -22.42
CA ALA A 35 -0.98 15.75 -23.79
C ALA A 35 -2.26 15.53 -24.56
N THR A 36 -2.85 14.34 -24.44
CA THR A 36 -4.01 14.00 -25.26
C THR A 36 -5.23 14.83 -24.87
N LEU A 37 -5.50 14.96 -23.56
CA LEU A 37 -6.69 15.69 -23.13
C LEU A 37 -6.62 17.15 -23.55
N TYR A 38 -5.47 17.80 -23.33
CA TYR A 38 -5.32 19.19 -23.72
C TYR A 38 -5.41 19.34 -25.24
N ALA A 39 -4.75 18.45 -25.98
CA ALA A 39 -4.80 18.50 -27.43
C ALA A 39 -6.23 18.33 -27.93
N LEU A 40 -7.01 17.46 -27.28
CA LEU A 40 -8.39 17.25 -27.70
C LEU A 40 -9.25 18.47 -27.45
N ARG A 41 -8.98 19.21 -26.38
CA ARG A 41 -9.71 20.46 -26.16
C ARG A 41 -9.41 21.48 -27.24
N LEU A 42 -8.23 21.40 -27.85
CA LEU A 42 -7.87 22.27 -28.96
C LEU A 42 -8.44 21.77 -30.30
N GLY A 43 -9.15 20.65 -30.30
CA GLY A 43 -9.67 20.12 -31.55
C GLY A 43 -8.72 19.25 -32.33
N TRP A 44 -7.56 18.93 -31.77
CA TRP A 44 -6.59 18.10 -32.47
C TRP A 44 -7.08 16.65 -32.55
N LYS A 45 -6.51 15.92 -33.50
CA LYS A 45 -6.63 14.47 -33.60
C LYS A 45 -5.39 13.86 -32.97
N VAL A 46 -5.58 12.88 -32.10
CA VAL A 46 -4.46 12.28 -31.37
C VAL A 46 -4.43 10.78 -31.69
N ILE A 47 -3.25 10.31 -32.10
CA ILE A 47 -3.03 8.89 -32.37
C ILE A 47 -1.81 8.45 -31.55
N GLY A 48 -1.77 7.15 -31.26
CA GLY A 48 -0.64 6.59 -30.53
C GLY A 48 -0.01 5.42 -31.25
N PHE A 49 1.29 5.51 -31.52
CA PHE A 49 2.02 4.40 -32.12
C PHE A 49 2.35 3.38 -31.04
N MET A 50 2.04 2.11 -31.32
CA MET A 50 2.31 1.03 -30.39
C MET A 50 3.79 0.63 -30.46
N GLU A 51 4.36 0.32 -29.29
CA GLU A 51 5.71 -0.19 -29.17
C GLU A 51 6.74 0.76 -29.79
N GLY A 52 6.62 2.03 -29.45
CA GLY A 52 7.67 2.98 -29.80
C GLY A 52 7.97 3.02 -31.29
N PHE A 53 9.26 2.94 -31.62
CA PHE A 53 9.74 3.01 -33.00
C PHE A 53 9.73 1.66 -33.71
N LYS A 54 9.18 0.62 -33.08
CA LYS A 54 9.29 -0.73 -33.61
C LYS A 54 8.78 -0.81 -35.04
N TYR A 55 7.58 -0.28 -35.28
CA TYR A 55 6.96 -0.41 -36.59
C TYR A 55 7.26 0.75 -37.52
N LEU A 56 7.48 1.95 -36.97
CA LEU A 56 7.91 3.08 -37.81
C LEU A 56 9.28 2.84 -38.44
N CYS A 57 10.11 1.98 -37.83
CA CYS A 57 11.42 1.70 -38.39
C CYS A 57 11.37 0.77 -39.61
N THR A 58 10.28 0.03 -39.79
CA THR A 58 10.20 -0.87 -40.92
C THR A 58 10.04 -0.12 -42.24
N GLY A 59 9.49 1.09 -42.18
CA GLY A 59 9.16 1.83 -43.37
C GLY A 59 7.89 1.34 -44.05
N ASP A 60 7.35 0.21 -43.61
CA ASP A 60 6.12 -0.32 -44.17
C ASP A 60 4.94 0.41 -43.53
N VAL A 61 4.24 1.22 -44.32
CA VAL A 61 3.14 2.01 -43.81
C VAL A 61 1.96 1.12 -43.47
N ASP A 62 1.85 -0.04 -44.12
CA ASP A 62 0.77 -0.97 -43.81
C ASP A 62 0.92 -1.56 -42.40
N VAL A 63 2.14 -1.91 -42.01
CA VAL A 63 2.36 -2.46 -40.68
C VAL A 63 2.14 -1.40 -39.61
N VAL A 64 2.63 -0.18 -39.85
CA VAL A 64 2.45 0.88 -38.87
C VAL A 64 0.97 1.13 -38.63
N LYS A 65 0.17 1.14 -39.71
CA LYS A 65 -1.26 1.40 -39.59
C LYS A 65 -1.95 0.35 -38.73
N ALA A 66 -1.47 -0.90 -38.77
CA ALA A 66 -2.03 -1.95 -37.93
C ALA A 66 -1.61 -1.83 -36.47
N HIS A 67 -0.65 -0.96 -36.14
CA HIS A 67 -0.17 -0.78 -34.79
C HIS A 67 -0.19 0.69 -34.40
N THR A 68 -1.24 1.39 -34.80
CA THR A 68 -1.58 2.70 -34.25
C THR A 68 -3.03 2.67 -33.79
N ILE A 69 -3.34 3.50 -32.80
CA ILE A 69 -4.67 3.56 -32.22
C ILE A 69 -5.06 5.03 -32.07
N ASP A 70 -6.36 5.28 -32.04
CA ASP A 70 -6.88 6.63 -31.88
C ASP A 70 -7.00 6.92 -30.38
N LEU A 71 -6.22 7.87 -29.90
CA LEU A 71 -6.25 8.26 -28.48
C LEU A 71 -7.41 9.23 -28.27
N THR A 72 -8.49 8.71 -27.67
CA THR A 72 -9.73 9.45 -27.47
C THR A 72 -9.91 9.80 -26.00
N TYR A 73 -10.88 10.67 -25.73
CA TYR A 73 -11.14 11.07 -24.35
C TYR A 73 -11.43 9.87 -23.46
N ASP A 74 -12.35 8.99 -23.86
CA ASP A 74 -12.74 7.88 -23.01
C ASP A 74 -11.55 6.96 -22.76
N ILE A 75 -10.61 6.90 -23.69
CA ILE A 75 -9.43 6.06 -23.53
C ILE A 75 -8.53 6.59 -22.44
N VAL A 76 -8.32 7.91 -22.39
CA VAL A 76 -7.26 8.50 -21.57
C VAL A 76 -7.76 9.20 -20.32
N SER A 77 -9.07 9.27 -20.10
CA SER A 77 -9.57 10.13 -19.04
C SER A 77 -9.09 9.69 -17.65
N ARG A 78 -8.86 8.39 -17.46
CA ARG A 78 -8.53 7.87 -16.13
C ARG A 78 -7.27 7.01 -16.12
N ILE A 79 -6.39 7.15 -17.12
CA ILE A 79 -5.14 6.39 -17.11
C ILE A 79 -4.05 7.08 -16.30
N HIS A 80 -4.31 8.29 -15.80
CA HIS A 80 -3.32 8.95 -14.96
C HIS A 80 -3.12 8.22 -13.63
N PHE A 81 -4.00 7.28 -13.30
CA PHE A 81 -3.84 6.45 -12.11
C PHE A 81 -2.95 5.23 -12.36
N GLN A 82 -2.72 4.88 -13.63
CA GLN A 82 -2.21 3.57 -14.00
C GLN A 82 -0.73 3.62 -14.39
N GLY A 83 0.02 2.64 -13.90
CA GLY A 83 1.38 2.43 -14.37
C GLY A 83 1.40 1.78 -15.73
N GLY A 84 2.59 1.75 -16.32
CA GLY A 84 2.73 1.21 -17.66
C GLY A 84 2.36 2.23 -18.71
N THR A 85 2.15 1.75 -19.93
CA THR A 85 1.75 2.60 -21.05
C THR A 85 0.73 1.87 -21.90
N ILE A 86 -0.40 2.52 -22.17
CA ILE A 86 -1.46 1.89 -22.96
C ILE A 86 -1.06 1.73 -24.42
N ILE A 87 -0.10 2.52 -24.91
CA ILE A 87 0.43 2.36 -26.26
C ILE A 87 1.74 1.57 -26.27
N GLN A 88 2.09 0.93 -25.15
CA GLN A 88 3.27 0.07 -25.08
C GLN A 88 4.55 0.83 -25.39
N THR A 89 5.67 0.11 -25.46
CA THR A 89 6.96 0.74 -25.68
C THR A 89 7.92 -0.27 -26.29
N SER A 90 9.06 0.23 -26.76
CA SER A 90 10.10 -0.61 -27.34
C SER A 90 11.41 0.16 -27.34
N ARG A 91 12.51 -0.57 -27.51
CA ARG A 91 13.84 0.02 -27.63
C ARG A 91 14.29 0.10 -29.09
N ALA A 92 13.39 -0.13 -30.04
CA ALA A 92 13.72 0.07 -31.45
C ALA A 92 14.35 1.44 -31.65
N ASN A 93 15.50 1.45 -32.31
CA ASN A 93 16.36 2.62 -32.38
C ASN A 93 16.67 2.98 -33.83
N PRO A 94 15.92 3.93 -34.41
CA PRO A 94 16.21 4.30 -35.80
C PRO A 94 17.54 5.01 -35.97
N ARG A 95 18.20 5.35 -34.87
CA ARG A 95 19.42 6.15 -34.93
C ARG A 95 20.60 5.40 -35.52
N LYS A 96 20.59 4.06 -35.47
CA LYS A 96 21.75 3.28 -35.88
C LYS A 96 21.95 3.24 -37.39
N SER A 97 20.94 3.58 -38.18
CA SER A 97 21.04 3.50 -39.62
C SER A 97 20.33 4.67 -40.27
N PRO A 98 20.89 5.25 -41.34
CA PRO A 98 20.15 6.28 -42.07
C PRO A 98 18.98 5.70 -42.85
N GLU A 99 19.09 4.44 -43.29
CA GLU A 99 17.97 3.79 -43.96
C GLU A 99 16.75 3.73 -43.07
N LEU A 100 16.94 3.42 -41.78
CA LEU A 100 15.82 3.39 -40.85
C LEU A 100 15.25 4.79 -40.61
N GLN A 101 16.13 5.79 -40.46
CA GLN A 101 15.67 7.15 -40.18
C GLN A 101 14.70 7.65 -41.24
N GLU A 102 14.96 7.36 -42.51
CA GLU A 102 14.04 7.79 -43.56
C GLU A 102 12.76 6.97 -43.57
N ASN A 103 12.81 5.75 -43.03
CA ASN A 103 11.60 4.95 -42.90
C ASN A 103 10.61 5.61 -41.94
N VAL A 104 11.11 6.09 -40.80
CA VAL A 104 10.23 6.77 -39.85
C VAL A 104 9.62 8.01 -40.48
N ARG A 105 10.40 8.79 -41.21
CA ARG A 105 9.87 9.97 -41.88
C ARG A 105 8.79 9.60 -42.89
N LYS A 106 9.00 8.50 -43.62
CA LYS A 106 8.02 8.12 -44.65
C LYS A 106 6.68 7.77 -44.04
N CYS A 107 6.70 7.13 -42.87
CA CYS A 107 5.46 6.73 -42.22
C CYS A 107 4.76 7.90 -41.57
N LEU A 108 5.52 8.85 -41.02
CA LEU A 108 4.91 10.01 -40.37
C LEU A 108 4.26 10.94 -41.38
N ARG A 109 4.93 11.20 -42.50
CA ARG A 109 4.29 11.98 -43.57
C ARG A 109 3.05 11.26 -44.09
N ALA A 110 3.12 9.93 -44.23
CA ALA A 110 1.98 9.18 -44.71
C ALA A 110 0.77 9.38 -43.81
N LEU A 111 0.98 9.37 -42.50
CA LEU A 111 -0.11 9.59 -41.55
C LEU A 111 -0.41 11.06 -41.31
N LYS A 112 0.36 11.97 -41.90
CA LYS A 112 0.11 13.40 -41.79
C LYS A 112 0.20 13.87 -40.33
N VAL A 113 1.13 13.27 -39.58
CA VAL A 113 1.39 13.70 -38.22
C VAL A 113 2.03 15.09 -38.26
N ARG A 114 1.33 16.08 -37.71
CA ARG A 114 1.90 17.42 -37.61
C ARG A 114 2.77 17.58 -36.38
N TYR A 115 2.35 17.01 -35.26
CA TYR A 115 3.07 17.11 -33.99
C TYR A 115 3.43 15.71 -33.53
N PHE A 116 4.70 15.51 -33.21
CA PHE A 116 5.25 14.19 -32.89
C PHE A 116 5.87 14.28 -31.50
N LEU A 117 5.26 13.57 -30.55
CA LEU A 117 5.69 13.58 -29.15
C LEU A 117 6.24 12.21 -28.81
N THR A 118 7.50 12.15 -28.44
CA THR A 118 8.14 10.93 -27.97
C THR A 118 8.34 11.05 -26.46
N ILE A 119 8.02 9.99 -25.74
CA ILE A 119 8.14 9.97 -24.29
C ILE A 119 9.15 8.87 -23.96
N GLY A 120 10.34 9.28 -23.55
CA GLY A 120 11.38 8.28 -23.31
C GLY A 120 12.62 8.89 -22.70
N GLY A 121 13.60 8.03 -22.48
CA GLY A 121 14.85 8.41 -21.85
C GLY A 121 15.85 8.99 -22.82
N ASP A 122 17.13 8.94 -22.43
CA ASP A 122 18.18 9.52 -23.25
C ASP A 122 18.28 8.81 -24.60
N ASP A 123 18.18 7.47 -24.59
CA ASP A 123 18.24 6.74 -25.85
C ASP A 123 17.10 7.15 -26.78
N THR A 124 15.91 7.40 -26.21
CA THR A 124 14.74 7.73 -27.03
C THR A 124 14.84 9.13 -27.63
N ALA A 125 15.27 10.11 -26.83
CA ALA A 125 15.33 11.48 -27.33
C ALA A 125 16.34 11.61 -28.47
N SER A 126 17.45 10.89 -28.39
CA SER A 126 18.44 10.94 -29.47
C SER A 126 17.85 10.41 -30.77
N SER A 127 17.04 9.35 -30.69
CA SER A 127 16.34 8.86 -31.87
C SER A 127 15.39 9.91 -32.43
N ALA A 128 14.67 10.60 -31.55
CA ALA A 128 13.68 11.57 -32.00
C ALA A 128 14.32 12.70 -32.82
N VAL A 129 15.47 13.19 -32.39
CA VAL A 129 16.11 14.31 -33.09
C VAL A 129 16.63 13.89 -34.45
N SER A 130 17.13 12.65 -34.56
CA SER A 130 17.62 12.17 -35.85
C SER A 130 16.52 12.23 -36.91
N VAL A 131 15.29 11.88 -36.53
CA VAL A 131 14.17 11.92 -37.46
C VAL A 131 13.82 13.36 -37.84
N ALA A 132 14.16 14.33 -36.98
CA ALA A 132 13.70 15.70 -37.15
C ALA A 132 14.48 16.49 -38.19
N SER A 133 15.78 16.25 -38.32
CA SER A 133 16.63 17.13 -39.13
C SER A 133 16.12 17.35 -40.55
N GLY A 134 15.21 16.52 -41.04
CA GLY A 134 14.62 16.74 -42.35
C GLY A 134 13.22 17.33 -42.26
N ILE A 140 6.38 18.73 -39.84
CA ILE A 140 6.34 18.01 -38.57
C ILE A 140 7.19 18.73 -37.53
N SER A 141 6.73 18.70 -36.28
CA SER A 141 7.45 19.28 -35.14
C SER A 141 7.60 18.21 -34.07
N VAL A 142 8.77 18.15 -33.44
CA VAL A 142 9.16 17.04 -32.59
C VAL A 142 9.48 17.56 -31.19
N ILE A 143 8.88 16.92 -30.19
CA ILE A 143 9.12 17.22 -28.78
C ILE A 143 9.26 15.89 -28.05
N SER A 144 10.19 15.83 -27.09
CA SER A 144 10.35 14.65 -26.24
C SER A 144 10.24 15.04 -24.77
N CYS A 145 9.69 14.11 -23.97
CA CYS A 145 9.47 14.23 -22.51
C CYS A 145 10.42 13.36 -21.72
N PRO A 146 11.02 13.88 -20.65
CA PRO A 146 12.06 13.10 -19.94
C PRO A 146 11.50 11.95 -19.13
N LYS A 147 11.81 10.72 -19.51
CA LYS A 147 11.36 9.53 -18.82
C LYS A 147 12.58 8.73 -18.41
N THR A 148 12.59 8.25 -17.17
CA THR A 148 13.57 7.24 -16.74
C THR A 148 13.50 7.07 -15.22
N ILE A 149 13.40 5.83 -14.76
CA ILE A 149 13.52 5.59 -13.32
C ILE A 149 14.98 5.72 -12.87
N ASP A 150 15.92 5.73 -13.82
CA ASP A 150 17.34 5.88 -13.51
C ASP A 150 17.73 7.31 -13.18
N ASN A 151 16.87 8.29 -13.46
CA ASN A 151 17.11 9.69 -13.11
C ASN A 151 18.35 10.23 -13.80
N ASP A 152 18.70 9.66 -14.97
CA ASP A 152 19.96 9.94 -15.63
C ASP A 152 19.83 10.93 -16.79
N LEU A 153 18.77 11.73 -16.81
CA LEU A 153 18.65 12.74 -17.86
C LEU A 153 19.29 14.05 -17.40
N PRO A 154 19.76 14.89 -18.33
CA PRO A 154 20.45 16.13 -17.95
C PRO A 154 19.50 17.27 -17.61
N LEU A 155 18.68 17.07 -16.58
CA LEU A 155 17.78 18.12 -16.11
C LEU A 155 18.49 19.03 -15.13
N PRO A 156 17.91 20.19 -14.84
CA PRO A 156 18.48 21.07 -13.80
C PRO A 156 18.73 20.30 -12.51
N ALA A 157 19.84 20.61 -11.85
CA ALA A 157 20.22 19.86 -10.66
C ALA A 157 19.11 19.93 -9.62
N ASP A 158 18.89 18.82 -8.92
CA ASP A 158 17.88 18.62 -7.89
C ASP A 158 16.51 18.32 -8.49
N GLN A 159 16.34 18.40 -9.80
CA GLN A 159 15.09 18.08 -10.47
C GLN A 159 15.13 16.68 -11.05
N SER A 160 14.16 15.86 -10.68
CA SER A 160 14.17 14.45 -11.06
C SER A 160 13.46 14.26 -12.38
N THR A 161 13.77 13.16 -13.05
CA THR A 161 12.97 12.73 -14.18
C THR A 161 11.74 12.01 -13.65
N PHE A 162 10.67 12.00 -14.43
CA PHE A 162 9.43 11.43 -13.93
C PHE A 162 9.51 9.91 -13.90
N GLY A 163 8.84 9.32 -12.91
CA GLY A 163 8.97 7.92 -12.61
C GLY A 163 10.02 7.58 -11.58
N PHE A 164 10.95 8.51 -11.33
CA PHE A 164 12.01 8.26 -10.36
C PHE A 164 11.45 8.18 -8.94
N HIS A 165 10.56 9.12 -8.59
CA HIS A 165 10.00 9.12 -7.24
C HIS A 165 9.24 7.83 -6.95
N THR A 166 8.46 7.34 -7.92
CA THR A 166 7.70 6.12 -7.72
C THR A 166 8.64 4.93 -7.55
N ALA A 167 9.62 4.79 -8.44
CA ALA A 167 10.55 3.67 -8.36
C ALA A 167 11.29 3.68 -7.03
N ARG A 168 11.71 4.86 -6.57
CA ARG A 168 12.44 4.96 -5.31
C ARG A 168 11.54 4.63 -4.13
N SER A 169 10.29 5.09 -4.15
CA SER A 169 9.41 4.89 -3.00
C SER A 169 9.04 3.41 -2.85
N LEU A 170 8.74 2.74 -3.96
CA LEU A 170 8.45 1.30 -3.88
C LEU A 170 9.72 0.53 -3.51
N GLY A 171 10.86 0.95 -4.01
CA GLY A 171 12.11 0.31 -3.63
C GLY A 171 12.39 0.43 -2.15
N MET A 172 12.09 1.59 -1.56
CA MET A 172 12.21 1.75 -0.12
C MET A 172 11.32 0.77 0.62
N GLU A 173 10.10 0.57 0.12
CA GLU A 173 9.16 -0.32 0.80
C GLU A 173 9.61 -1.77 0.73
N ILE A 174 10.15 -2.19 -0.42
CA ILE A 174 10.64 -3.56 -0.54
C ILE A 174 11.81 -3.78 0.39
N ILE A 175 12.75 -2.82 0.40
CA ILE A 175 13.93 -2.96 1.25
C ILE A 175 13.54 -2.93 2.72
N ARG A 176 12.50 -2.17 3.07
CA ARG A 176 12.02 -2.19 4.45
C ARG A 176 11.68 -3.61 4.87
N ASN A 177 10.94 -4.33 4.01
CA ASN A 177 10.62 -5.73 4.32
C ASN A 177 11.88 -6.56 4.46
N LEU A 178 12.89 -6.30 3.63
CA LEU A 178 14.15 -7.03 3.73
C LEU A 178 14.93 -6.61 4.96
N MET A 179 14.75 -5.37 5.42
CA MET A 179 15.41 -4.94 6.64
C MET A 179 14.81 -5.61 7.86
N VAL A 180 13.49 -5.74 7.90
CA VAL A 180 12.84 -6.43 9.00
C VAL A 180 13.23 -7.91 8.99
N ASP A 181 13.29 -8.50 7.80
CA ASP A 181 13.67 -9.91 7.70
C ASP A 181 15.15 -10.11 8.03
N SER A 182 16.01 -9.16 7.66
CA SER A 182 17.43 -9.31 7.94
C SER A 182 17.72 -9.26 9.44
N LYS A 183 16.96 -8.46 10.18
CA LYS A 183 17.14 -8.39 11.62
C LYS A 183 16.44 -9.54 12.34
N SER A 184 15.21 -9.85 11.93
CA SER A 184 14.45 -10.90 12.61
C SER A 184 15.16 -12.25 12.51
N ALA A 185 15.65 -12.59 11.33
CA ALA A 185 16.39 -13.83 11.07
C ALA A 185 17.77 -13.41 10.58
N PRO A 186 18.69 -13.06 11.51
CA PRO A 186 19.94 -12.41 11.13
C PRO A 186 20.55 -12.88 9.82
N ARG A 187 20.69 -11.94 8.88
CA ARG A 187 21.29 -12.22 7.58
C ARG A 187 21.61 -10.89 6.91
N TRP A 188 22.51 -10.96 5.94
CA TRP A 188 22.82 -9.83 5.06
C TRP A 188 22.16 -10.06 3.70
N PHE A 189 21.47 -9.04 3.21
CA PHE A 189 20.95 -9.03 1.84
C PHE A 189 21.82 -8.12 0.99
N LEU A 190 22.25 -8.61 -0.16
CA LEU A 190 22.89 -7.77 -1.19
C LEU A 190 21.83 -7.46 -2.24
N VAL A 191 21.28 -6.25 -2.16
CA VAL A 191 20.23 -5.80 -3.07
C VAL A 191 20.87 -5.22 -4.31
N GLU A 192 20.64 -5.83 -5.47
CA GLU A 192 21.12 -5.31 -6.74
C GLU A 192 20.01 -4.44 -7.34
N ALA A 193 20.24 -3.13 -7.36
CA ALA A 193 19.29 -2.17 -7.93
C ALA A 193 19.52 -2.03 -9.42
N MET A 194 18.46 -2.26 -10.21
CA MET A 194 18.58 -2.27 -11.65
C MET A 194 18.95 -0.89 -12.19
N GLY A 195 19.69 -0.89 -13.30
CA GLY A 195 20.13 0.33 -13.93
C GLY A 195 21.65 0.47 -13.93
N ARG A 196 22.26 0.45 -15.11
CA ARG A 196 23.72 0.56 -15.20
C ARG A 196 24.15 1.96 -15.59
N SER A 197 23.20 2.86 -15.85
CA SER A 197 23.54 4.21 -16.29
C SER A 197 24.16 5.02 -15.16
N ALA A 198 23.49 5.09 -14.01
CA ALA A 198 23.90 5.96 -12.93
C ALA A 198 23.53 5.32 -11.61
N GLY A 199 23.85 6.03 -10.52
CA GLY A 199 23.60 5.55 -9.17
C GLY A 199 22.44 6.22 -8.47
N HIS A 200 21.64 7.02 -9.18
CA HIS A 200 20.55 7.74 -8.54
C HIS A 200 19.58 6.78 -7.86
N LEU A 201 19.16 5.72 -8.57
CA LEU A 201 18.14 4.84 -8.03
C LEU A 201 18.67 4.07 -6.83
N ALA A 202 19.87 3.50 -6.95
CA ALA A 202 20.43 2.74 -5.84
C ALA A 202 20.63 3.60 -4.60
N LEU A 203 21.17 4.81 -4.78
CA LEU A 203 21.39 5.69 -3.65
C LEU A 203 20.08 6.21 -3.07
N GLY A 204 19.05 6.39 -3.90
CA GLY A 204 17.78 6.86 -3.39
C GLY A 204 17.09 5.83 -2.52
N MET A 205 16.99 4.59 -3.01
CA MET A 205 16.36 3.54 -2.23
C MET A 205 17.14 3.30 -0.93
N ALA A 206 18.47 3.34 -1.01
CA ALA A 206 19.29 3.03 0.16
C ALA A 206 19.11 4.10 1.25
N GLU A 207 19.23 5.37 0.88
CA GLU A 207 19.11 6.45 1.85
C GLU A 207 17.72 6.45 2.49
N ALA A 208 16.67 6.32 1.67
CA ALA A 208 15.31 6.34 2.21
C ALA A 208 15.08 5.18 3.17
N SER A 209 15.62 4.02 2.86
CA SER A 209 15.38 2.83 3.67
C SER A 209 16.37 2.66 4.80
N GLY A 210 17.32 3.59 4.95
CA GLY A 210 18.34 3.44 5.97
C GLY A 210 19.20 2.21 5.82
N ALA A 211 19.44 1.79 4.57
CA ALA A 211 20.31 0.65 4.32
C ALA A 211 21.71 0.90 4.86
N HIS A 212 22.40 -0.18 5.24
CA HIS A 212 23.69 -0.06 5.90
C HIS A 212 24.83 0.29 4.96
N LEU A 213 24.69 0.04 3.66
CA LEU A 213 25.75 0.38 2.73
C LEU A 213 25.14 0.60 1.36
N CYS A 214 25.77 1.49 0.58
CA CYS A 214 25.40 1.65 -0.82
C CYS A 214 26.67 1.88 -1.63
N LEU A 215 26.82 1.13 -2.71
CA LEU A 215 27.96 1.27 -3.62
C LEU A 215 27.42 1.67 -4.99
N ILE A 216 27.91 2.78 -5.51
CA ILE A 216 27.51 3.26 -6.84
C ILE A 216 28.77 3.50 -7.65
N PRO A 217 28.72 3.37 -8.98
CA PRO A 217 29.95 3.58 -9.76
C PRO A 217 30.54 4.97 -9.60
N GLU A 218 29.71 5.96 -9.25
CA GLU A 218 30.17 7.35 -9.21
C GLU A 218 31.20 7.59 -8.11
N GLU A 219 31.23 6.76 -7.08
CA GLU A 219 32.13 6.99 -5.96
C GLU A 219 33.51 6.35 -6.16
N PHE A 220 33.73 5.61 -7.23
CA PHE A 220 35.02 4.98 -7.47
C PHE A 220 35.94 5.93 -8.21
N LYS A 221 37.16 6.09 -7.67
CA LYS A 221 38.09 7.08 -8.21
C LYS A 221 38.63 6.64 -9.57
N GLN A 222 39.14 5.42 -9.66
CA GLN A 222 39.73 4.95 -10.90
C GLN A 222 38.64 4.75 -11.95
N ASP A 223 39.07 4.66 -13.21
CA ASP A 223 38.14 4.50 -14.31
C ASP A 223 37.61 3.07 -14.39
N GLU A 224 38.33 2.11 -13.83
CA GLU A 224 37.95 0.71 -13.85
C GLU A 224 37.90 0.16 -12.44
N ILE A 225 36.82 -0.52 -12.13
CA ILE A 225 36.62 -1.16 -10.83
C ILE A 225 37.23 -2.54 -10.88
N GLU A 226 37.73 -3.01 -9.74
CA GLU A 226 38.25 -4.36 -9.61
C GLU A 226 37.29 -5.19 -8.77
N PHE A 227 37.07 -6.44 -9.20
CA PHE A 227 36.14 -7.30 -8.48
C PHE A 227 36.53 -7.43 -7.01
N GLU A 228 37.83 -7.58 -6.74
CA GLU A 228 38.28 -7.73 -5.36
C GLU A 228 37.94 -6.52 -4.52
N ASP A 229 38.02 -5.31 -5.11
CA ASP A 229 37.73 -4.12 -4.33
C ASP A 229 36.26 -4.07 -3.92
N VAL A 230 35.36 -4.47 -4.83
CA VAL A 230 33.94 -4.47 -4.49
C VAL A 230 33.66 -5.47 -3.39
N VAL A 231 34.24 -6.67 -3.49
CA VAL A 231 34.06 -7.67 -2.45
C VAL A 231 34.54 -7.12 -1.11
N GLU A 232 35.68 -6.43 -1.11
CA GLU A 232 36.28 -5.96 0.14
C GLU A 232 35.53 -4.77 0.72
N LEU A 233 34.89 -3.96 -0.13
CA LEU A 233 34.09 -2.85 0.39
C LEU A 233 32.89 -3.38 1.17
N VAL A 234 32.26 -4.44 0.67
CA VAL A 234 31.19 -5.09 1.42
C VAL A 234 31.75 -5.79 2.65
N GLU A 235 32.91 -6.43 2.51
CA GLU A 235 33.48 -7.21 3.61
C GLU A 235 33.81 -6.33 4.80
N ALA A 236 34.40 -5.15 4.55
CA ALA A 236 34.76 -4.26 5.66
C ALA A 236 33.52 -3.76 6.39
N THR A 237 32.44 -3.51 5.66
CA THR A 237 31.20 -3.07 6.31
C THR A 237 30.62 -4.18 7.17
N ILE A 238 30.62 -5.41 6.67
CA ILE A 238 30.09 -6.54 7.45
C ILE A 238 30.91 -6.75 8.72
N LEU A 239 32.23 -6.67 8.61
CA LEU A 239 33.08 -6.88 9.79
C LEU A 239 32.87 -5.76 10.81
N LYS A 240 32.72 -4.52 10.35
CA LYS A 240 32.53 -3.43 11.30
C LYS A 240 31.20 -3.57 12.05
N ARG A 241 30.13 -3.89 11.33
CA ARG A 241 28.88 -4.20 12.00
C ARG A 241 29.07 -5.33 13.00
N LEU A 242 29.83 -6.35 12.60
CA LEU A 242 30.09 -7.48 13.48
C LEU A 242 30.87 -7.04 14.72
N ALA A 243 31.72 -6.02 14.59
CA ALA A 243 32.45 -5.50 15.73
C ALA A 243 31.54 -4.78 16.71
N TYR A 244 30.38 -4.32 16.26
CA TYR A 244 29.38 -3.69 17.12
C TYR A 244 28.22 -4.63 17.43
N GLY A 245 28.43 -5.94 17.32
CA GLY A 245 27.46 -6.91 17.77
C GLY A 245 26.33 -7.22 16.81
N LYS A 246 26.40 -6.75 15.57
CA LYS A 246 25.33 -6.94 14.60
C LYS A 246 25.86 -7.82 13.47
N ASN A 247 25.31 -9.03 13.34
CA ASN A 247 25.70 -9.95 12.27
C ASN A 247 24.67 -9.98 11.14
N TYR A 248 24.11 -8.83 10.78
CA TYR A 248 23.10 -8.76 9.74
C TYR A 248 23.11 -7.36 9.15
N GLY A 249 22.41 -7.20 8.03
CA GLY A 249 22.30 -5.89 7.40
C GLY A 249 21.76 -6.00 6.00
N VAL A 250 21.67 -4.83 5.36
CA VAL A 250 21.31 -4.72 3.95
C VAL A 250 22.32 -3.81 3.27
N CYS A 251 22.86 -4.26 2.14
CA CYS A 251 23.74 -3.47 1.30
C CYS A 251 23.12 -3.35 -0.08
N VAL A 252 23.01 -2.13 -0.58
CA VAL A 252 22.44 -1.86 -1.89
C VAL A 252 23.56 -1.61 -2.88
N LEU A 253 23.50 -2.30 -4.02
CA LEU A 253 24.55 -2.27 -5.04
C LEU A 253 23.93 -1.79 -6.34
N ALA A 254 24.46 -0.70 -6.90
CA ALA A 254 24.03 -0.25 -8.21
C ALA A 254 24.53 -1.22 -9.27
N GLU A 255 23.65 -1.63 -10.19
CA GLU A 255 24.06 -2.53 -11.25
C GLU A 255 25.17 -1.93 -12.10
N GLY A 256 25.32 -0.61 -12.09
CA GLY A 256 26.35 0.06 -12.87
C GLY A 256 27.76 -0.25 -12.45
N LEU A 257 27.96 -0.84 -11.27
CA LEU A 257 29.30 -1.32 -10.92
C LEU A 257 29.83 -2.26 -11.99
N VAL A 258 28.94 -3.04 -12.61
CA VAL A 258 29.35 -4.03 -13.60
C VAL A 258 29.95 -3.35 -14.82
N SER A 259 29.36 -2.23 -15.25
CA SER A 259 29.81 -1.56 -16.47
C SER A 259 31.07 -0.74 -16.26
N LYS A 260 31.59 -0.64 -15.03
CA LYS A 260 32.88 -0.03 -14.78
C LYS A 260 33.97 -1.07 -14.55
N MET A 261 33.63 -2.35 -14.52
CA MET A 261 34.60 -3.37 -14.16
C MET A 261 35.56 -3.62 -15.31
N SER A 262 36.83 -3.84 -14.96
CA SER A 262 37.85 -4.10 -15.95
C SER A 262 37.60 -5.45 -16.63
N LYS A 263 38.39 -5.73 -17.68
CA LYS A 263 38.27 -7.01 -18.35
C LYS A 263 38.51 -8.16 -17.37
N LYS A 264 39.54 -8.03 -16.52
CA LYS A 264 39.80 -9.08 -15.54
C LYS A 264 38.67 -9.17 -14.51
N ALA A 265 38.13 -8.05 -14.07
CA ALA A 265 37.05 -8.09 -13.09
C ALA A 265 35.84 -8.82 -13.65
N LEU A 266 35.58 -8.63 -14.95
CA LEU A 266 34.45 -9.31 -15.58
C LEU A 266 34.71 -10.81 -15.71
N TYR A 267 35.97 -11.19 -15.91
CA TYR A 267 36.30 -12.61 -16.01
C TYR A 267 35.98 -13.33 -14.70
N LYS A 268 36.33 -12.73 -13.56
CA LYS A 268 35.97 -13.31 -12.27
C LYS A 268 34.47 -13.24 -12.03
N LEU A 269 33.82 -12.17 -12.49
CA LEU A 269 32.39 -12.00 -12.25
C LEU A 269 31.58 -13.14 -12.87
N PHE A 270 31.90 -13.52 -14.11
CA PHE A 270 31.18 -14.59 -14.80
C PHE A 270 31.67 -15.98 -14.43
N GLY A 271 32.32 -16.14 -13.28
CA GLY A 271 32.74 -17.45 -12.84
C GLY A 271 34.09 -17.87 -13.37
N ASN A 272 35.02 -16.92 -13.51
CA ASN A 272 36.29 -17.21 -14.15
C ASN A 272 36.02 -17.79 -15.54
N ARG A 273 35.01 -17.21 -16.20
CA ARG A 273 34.70 -17.51 -17.60
C ARG A 273 35.05 -16.32 -18.48
N GLU A 274 35.16 -16.58 -19.78
CA GLU A 274 35.24 -15.49 -20.74
C GLU A 274 33.86 -14.86 -20.76
N PRO A 275 33.73 -13.56 -20.62
CA PRO A 275 32.38 -12.96 -20.57
C PRO A 275 31.58 -13.28 -21.82
N PRO A 276 30.28 -13.54 -21.69
CA PRO A 276 29.48 -13.76 -22.90
C PRO A 276 29.50 -12.52 -23.78
N THR A 277 29.17 -12.71 -25.05
CA THR A 277 29.28 -11.62 -26.00
C THR A 277 28.23 -11.78 -27.09
N ASP A 278 27.80 -10.66 -27.64
CA ASP A 278 26.83 -10.63 -28.72
C ASP A 278 27.54 -10.82 -30.05
N PRO A 279 26.78 -11.03 -31.14
CA PRO A 279 27.43 -11.25 -32.44
C PRO A 279 28.39 -10.15 -32.88
N HIS A 280 28.38 -8.99 -32.23
CA HIS A 280 29.24 -7.88 -32.65
C HIS A 280 30.52 -7.76 -31.84
N GLY A 281 30.67 -8.52 -30.75
CA GLY A 281 31.85 -8.47 -29.94
C GLY A 281 31.71 -7.71 -28.63
N HIS A 282 30.52 -7.20 -28.34
CA HIS A 282 30.25 -6.45 -27.12
C HIS A 282 29.80 -7.40 -26.02
N ILE A 283 30.19 -7.08 -24.79
CA ILE A 283 29.95 -7.97 -23.66
C ILE A 283 28.47 -7.89 -23.26
N LEU A 284 27.94 -9.02 -22.81
CA LEU A 284 26.53 -9.13 -22.44
C LEU A 284 26.40 -9.02 -20.93
N LEU A 285 26.38 -7.77 -20.46
CA LEU A 285 26.35 -7.50 -19.03
C LEU A 285 25.02 -7.91 -18.40
N ASP A 286 23.97 -8.08 -19.20
CA ASP A 286 22.69 -8.50 -18.65
C ASP A 286 22.77 -9.91 -18.06
N ASP A 287 23.71 -10.72 -18.55
CA ASP A 287 23.89 -12.07 -18.01
C ASP A 287 24.65 -12.08 -16.69
N ALA A 288 25.30 -10.97 -16.33
CA ALA A 288 26.00 -10.88 -15.06
C ALA A 288 25.02 -10.93 -13.89
N GLU A 289 25.48 -11.51 -12.79
CA GLU A 289 24.72 -11.60 -11.54
C GLU A 289 25.62 -11.04 -10.45
N LEU A 290 25.74 -9.71 -10.40
CA LEU A 290 26.69 -9.09 -9.49
C LEU A 290 26.44 -9.51 -8.05
N ALA A 291 25.20 -9.34 -7.57
CA ALA A 291 24.90 -9.61 -6.17
C ALA A 291 25.08 -11.10 -5.85
N ARG A 292 24.74 -11.98 -6.79
CA ARG A 292 24.91 -13.40 -6.53
C ARG A 292 26.38 -13.77 -6.40
N SER A 293 27.21 -13.27 -7.33
CA SER A 293 28.63 -13.57 -7.28
C SER A 293 29.27 -13.06 -5.99
N LEU A 294 28.94 -11.84 -5.59
CA LEU A 294 29.50 -11.29 -4.36
C LEU A 294 29.06 -12.11 -3.15
N SER A 295 27.83 -12.61 -3.17
CA SER A 295 27.33 -13.40 -2.04
C SER A 295 28.12 -14.68 -1.88
N GLU A 296 28.40 -15.37 -3.00
CA GLU A 296 29.18 -16.60 -2.94
C GLU A 296 30.56 -16.35 -2.37
N GLU A 297 31.24 -15.30 -2.84
CA GLU A 297 32.58 -15.01 -2.36
C GLU A 297 32.57 -14.67 -0.87
N LEU A 298 31.65 -13.80 -0.46
CA LEU A 298 31.61 -13.36 0.92
C LEU A 298 31.18 -14.47 1.89
N LEU A 299 30.42 -15.45 1.40
CA LEU A 299 30.04 -16.57 2.26
C LEU A 299 31.23 -17.47 2.54
N LYS A 300 32.09 -17.67 1.54
CA LYS A 300 33.33 -18.42 1.77
C LYS A 300 34.19 -17.75 2.83
N ARG A 301 34.27 -16.42 2.80
CA ARG A 301 35.16 -15.70 3.70
C ARG A 301 34.55 -15.51 5.08
N LEU A 302 33.23 -15.36 5.19
CA LEU A 302 32.59 -14.92 6.42
C LEU A 302 31.60 -15.90 7.02
N GLY A 303 31.31 -17.02 6.36
CA GLY A 303 30.31 -17.94 6.89
C GLY A 303 30.65 -18.43 8.29
N ASN A 304 31.93 -18.65 8.58
CA ASN A 304 32.33 -19.15 9.88
C ASN A 304 32.04 -18.17 11.01
N LEU A 305 31.90 -16.88 10.70
CA LEU A 305 31.62 -15.88 11.72
C LEU A 305 30.14 -15.80 12.08
N GLY A 306 29.31 -16.64 11.49
CA GLY A 306 27.88 -16.56 11.71
C GLY A 306 27.17 -15.68 10.71
N ILE A 307 27.77 -15.47 9.54
CA ILE A 307 27.23 -14.58 8.53
C ILE A 307 26.58 -15.39 7.44
N ARG A 308 25.34 -15.04 7.11
CA ARG A 308 24.64 -15.54 5.95
C ARG A 308 24.40 -14.39 5.00
N ILE A 309 24.55 -14.62 3.70
CA ILE A 309 24.44 -13.57 2.70
C ILE A 309 23.57 -14.09 1.56
N THR A 310 22.61 -13.27 1.14
CA THR A 310 21.63 -13.67 0.16
C THR A 310 21.47 -12.53 -0.84
N PRO A 311 21.48 -12.79 -2.13
CA PRO A 311 21.26 -11.72 -3.10
C PRO A 311 19.78 -11.55 -3.42
N LYS A 312 19.43 -10.31 -3.77
CA LYS A 312 18.05 -9.98 -4.11
C LYS A 312 18.08 -8.85 -5.11
N LYS A 313 17.36 -9.00 -6.21
CA LYS A 313 17.30 -7.99 -7.26
C LYS A 313 16.00 -7.22 -7.16
N ILE A 314 16.10 -5.90 -7.30
CA ILE A 314 14.96 -4.99 -7.29
C ILE A 314 15.03 -4.19 -8.57
N GLY A 315 14.06 -4.38 -9.46
CA GLY A 315 14.09 -3.70 -10.74
C GLY A 315 12.78 -3.71 -11.49
N TYR A 316 12.41 -4.86 -12.05
CA TYR A 316 11.29 -4.90 -12.99
C TYR A 316 9.97 -4.60 -12.30
N GLU A 317 9.86 -4.90 -11.00
CA GLU A 317 8.63 -4.61 -10.28
C GLU A 317 8.45 -3.11 -10.00
N LEU A 318 9.45 -2.28 -10.29
CA LEU A 318 9.34 -0.85 -10.08
C LEU A 318 8.84 -0.10 -11.30
N ARG A 319 9.08 -0.64 -12.49
CA ARG A 319 8.92 0.13 -13.72
C ARG A 319 7.46 0.52 -13.98
N CYS A 320 6.50 -0.35 -13.63
CA CYS A 320 5.10 -0.11 -13.94
C CYS A 320 4.22 -0.03 -12.69
N ALA A 321 4.80 0.30 -11.54
CA ALA A 321 4.00 0.66 -10.37
C ALA A 321 3.14 1.88 -10.71
N ASP A 322 1.99 1.95 -10.06
CA ASP A 322 1.14 3.13 -10.22
C ASP A 322 1.90 4.37 -9.75
N PRO A 323 1.76 5.50 -10.45
CA PRO A 323 2.56 6.67 -10.09
C PRO A 323 2.15 7.23 -8.73
N VAL A 324 3.14 7.71 -7.98
CA VAL A 324 2.88 8.42 -6.73
C VAL A 324 2.43 9.83 -7.09
N ALA A 325 1.93 10.57 -6.10
CA ALA A 325 1.33 11.87 -6.39
C ALA A 325 2.34 12.82 -7.04
N PHE A 326 3.60 12.79 -6.61
CA PHE A 326 4.59 13.69 -7.19
C PHE A 326 4.73 13.45 -8.69
N ASP A 327 4.73 12.18 -9.12
CA ASP A 327 4.87 11.90 -10.54
C ASP A 327 3.56 12.10 -11.29
N ALA A 328 2.42 12.01 -10.62
CA ALA A 328 1.15 12.30 -11.27
C ALA A 328 1.02 13.77 -11.60
N VAL A 329 1.39 14.64 -10.66
CA VAL A 329 1.40 16.07 -10.93
C VAL A 329 2.46 16.40 -11.97
N TYR A 330 3.65 15.83 -11.82
CA TYR A 330 4.76 16.10 -12.74
C TYR A 330 4.35 15.82 -14.18
N THR A 331 3.86 14.61 -14.45
CA THR A 331 3.54 14.20 -15.81
C THR A 331 2.30 14.90 -16.34
N ARG A 332 1.42 15.37 -15.45
CA ARG A 332 0.31 16.20 -15.91
C ARG A 332 0.83 17.51 -16.47
N GLU A 333 1.79 18.14 -15.77
CA GLU A 333 2.39 19.39 -16.22
C GLU A 333 3.29 19.17 -17.44
N LEU A 334 3.92 18.01 -17.57
CA LEU A 334 4.77 17.76 -18.72
C LEU A 334 3.94 17.57 -19.98
N GLY A 335 2.87 16.78 -19.90
CA GLY A 335 1.98 16.62 -21.03
C GLY A 335 1.39 17.93 -21.51
N TYR A 336 0.98 18.77 -20.55
CA TYR A 336 0.50 20.11 -20.91
C TYR A 336 1.58 20.91 -21.62
N GLY A 337 2.79 20.94 -21.03
CA GLY A 337 3.86 21.72 -21.62
C GLY A 337 4.28 21.23 -22.98
N ALA A 338 4.05 19.95 -23.27
CA ALA A 338 4.34 19.41 -24.60
C ALA A 338 3.42 20.05 -25.63
N ILE A 339 2.13 20.13 -25.33
CA ILE A 339 1.20 20.78 -26.25
C ILE A 339 1.48 22.26 -26.35
N ASP A 340 1.78 22.91 -25.22
CA ASP A 340 2.07 24.35 -25.25
C ASP A 340 3.29 24.65 -26.11
N ALA A 341 4.31 23.78 -26.04
CA ALA A 341 5.47 23.97 -26.90
C ALA A 341 5.10 23.82 -28.36
N PHE A 342 4.22 22.84 -28.66
CA PHE A 342 3.71 22.70 -30.02
C PHE A 342 2.99 23.97 -30.47
N LEU A 343 2.14 24.53 -29.60
CA LEU A 343 1.37 25.71 -29.98
C LEU A 343 2.27 26.91 -30.27
N ASN A 344 3.37 27.04 -29.55
CA ASN A 344 4.26 28.18 -29.69
C ASN A 344 5.36 27.95 -30.72
N GLY A 345 5.25 26.91 -31.54
CA GLY A 345 6.18 26.73 -32.64
C GLY A 345 7.52 26.14 -32.30
N HIS A 346 7.69 25.60 -31.10
CA HIS A 346 8.96 25.02 -30.72
C HIS A 346 9.15 23.66 -31.40
N SER A 347 10.40 23.26 -31.56
CA SER A 347 10.71 21.97 -32.15
C SER A 347 12.13 21.57 -31.73
N ALA A 348 12.39 20.26 -31.79
CA ALA A 348 13.65 19.69 -31.35
C ALA A 348 13.99 20.16 -29.93
N ALA A 349 13.00 20.09 -29.04
CA ALA A 349 13.16 20.52 -27.66
C ALA A 349 12.68 19.44 -26.72
N LEU A 350 13.09 19.56 -25.46
CA LEU A 350 12.70 18.64 -24.40
C LEU A 350 11.90 19.42 -23.37
N ILE A 351 10.73 18.90 -23.01
CA ILE A 351 9.90 19.54 -21.99
C ILE A 351 10.52 19.22 -20.63
N VAL A 352 10.96 20.26 -19.93
CA VAL A 352 11.62 20.11 -18.65
C VAL A 352 10.97 21.08 -17.66
N ARG A 353 11.07 20.75 -16.38
CA ARG A 353 10.56 21.60 -15.31
C ARG A 353 11.70 22.15 -14.47
N GLU A 354 11.72 23.47 -14.32
CA GLU A 354 12.73 24.15 -13.53
C GLU A 354 12.03 25.25 -12.74
N ASN A 355 12.17 25.22 -11.41
CA ASN A 355 11.54 26.20 -10.53
C ASN A 355 10.03 26.28 -10.77
N GLY A 356 9.39 25.11 -10.88
CA GLY A 356 7.95 25.07 -11.00
C GLY A 356 7.40 25.54 -12.32
N GLN A 357 8.24 25.72 -13.34
CA GLN A 357 7.82 26.19 -14.65
C GLN A 357 8.22 25.16 -15.69
N VAL A 358 7.24 24.67 -16.44
CA VAL A 358 7.51 23.78 -17.56
C VAL A 358 7.87 24.62 -18.77
N LYS A 359 8.95 24.27 -19.45
CA LYS A 359 9.44 25.04 -20.58
C LYS A 359 10.18 24.10 -21.52
N PRO A 360 10.20 24.40 -22.82
CA PRO A 360 11.05 23.64 -23.73
C PRO A 360 12.49 24.11 -23.68
N VAL A 361 13.40 23.16 -23.83
CA VAL A 361 14.84 23.42 -23.79
C VAL A 361 15.42 22.78 -25.04
N GLN A 362 16.09 23.59 -25.87
CA GLN A 362 16.53 23.09 -27.16
C GLN A 362 17.47 21.92 -26.99
N PHE A 363 17.34 20.95 -27.89
CA PHE A 363 18.10 19.71 -27.79
C PHE A 363 19.60 19.99 -27.85
N LYS A 364 20.01 20.98 -28.67
CA LYS A 364 21.43 21.26 -28.82
C LYS A 364 22.05 21.70 -27.51
N ASP A 365 21.28 22.38 -26.66
CA ASP A 365 21.79 22.85 -25.38
C ASP A 365 22.20 21.68 -24.48
N LEU A 366 21.67 20.49 -24.73
CA LEU A 366 21.84 19.34 -23.85
C LEU A 366 22.85 18.32 -24.36
N LEU A 367 23.32 18.46 -25.59
CA LEU A 367 24.27 17.51 -26.14
C LEU A 367 25.63 17.63 -25.46
N ASP A 368 26.31 16.50 -25.37
CA ASP A 368 27.70 16.47 -24.96
C ASP A 368 28.60 16.75 -26.17
N PRO A 369 29.37 17.84 -26.16
CA PRO A 369 30.17 18.14 -27.36
C PRO A 369 31.07 16.99 -27.76
N ALA A 370 31.50 16.17 -26.79
CA ALA A 370 32.38 15.04 -27.07
C ALA A 370 31.63 13.84 -27.64
N THR A 371 30.34 13.71 -27.35
CA THR A 371 29.62 12.47 -27.66
C THR A 371 28.61 12.60 -28.80
N GLY A 372 27.98 13.77 -28.97
CA GLY A 372 26.90 13.93 -29.90
C GLY A 372 25.57 13.36 -29.46
N ARG A 373 25.54 12.62 -28.36
CA ARG A 373 24.30 12.12 -27.77
C ARG A 373 23.95 12.91 -26.52
N VAL A 374 22.74 12.69 -26.04
CA VAL A 374 22.29 13.38 -24.84
C VAL A 374 23.24 13.11 -23.69
N ARG A 375 23.55 14.16 -22.94
CA ARG A 375 24.44 14.04 -21.80
C ARG A 375 23.74 13.30 -20.65
N THR A 376 24.48 12.40 -20.00
CA THR A 376 23.94 11.58 -18.93
C THR A 376 24.33 12.21 -17.59
N ARG A 377 23.33 12.51 -16.77
CA ARG A 377 23.57 13.10 -15.46
C ARG A 377 23.75 11.99 -14.44
N LEU A 378 24.91 11.97 -13.78
CA LEU A 378 25.23 11.00 -12.75
C LEU A 378 25.12 11.63 -11.37
N VAL A 379 25.22 10.78 -10.35
CA VAL A 379 25.26 11.27 -8.98
C VAL A 379 26.51 12.12 -8.78
N ASP A 380 26.33 13.30 -8.19
CA ASP A 380 27.42 14.20 -7.87
C ASP A 380 27.93 13.81 -6.48
N VAL A 381 29.02 13.06 -6.42
CA VAL A 381 29.52 12.54 -5.15
C VAL A 381 30.24 13.60 -4.32
N THR A 382 30.41 14.81 -4.85
CA THR A 382 30.93 15.93 -4.06
C THR A 382 29.81 16.74 -3.41
N SER A 383 28.55 16.52 -3.80
CA SER A 383 27.45 17.29 -3.25
C SER A 383 27.26 16.99 -1.76
N GLN A 384 26.50 17.87 -1.10
CA GLN A 384 26.21 17.70 0.32
C GLN A 384 25.29 16.51 0.56
N SER A 385 24.34 16.27 -0.37
CA SER A 385 23.42 15.15 -0.20
C SER A 385 24.17 13.82 -0.11
N PHE A 386 25.21 13.65 -0.92
CA PHE A 386 25.94 12.38 -0.91
C PHE A 386 26.74 12.23 0.37
N LYS A 387 27.32 13.33 0.86
CA LYS A 387 28.11 13.27 2.09
C LYS A 387 27.24 12.94 3.29
N VAL A 388 26.00 13.44 3.31
CA VAL A 388 25.08 13.10 4.40
C VAL A 388 24.67 11.63 4.32
N ALA A 389 24.26 11.19 3.13
CA ALA A 389 23.91 9.79 2.95
C ALA A 389 25.04 8.87 3.40
N ARG A 390 26.29 9.27 3.13
CA ARG A 390 27.44 8.44 3.46
C ARG A 390 27.68 8.39 4.97
N VAL A 391 27.30 9.45 5.70
CA VAL A 391 27.50 9.47 7.15
C VAL A 391 26.70 8.37 7.82
N TYR A 392 25.49 8.09 7.32
CA TYR A 392 24.60 7.13 7.95
C TYR A 392 24.82 5.70 7.46
N MET A 393 25.85 5.49 6.64
CA MET A 393 26.25 4.14 6.25
C MET A 393 27.25 3.57 7.25
N TRP A 394 27.35 2.25 7.27
CA TRP A 394 28.39 1.55 8.01
C TRP A 394 29.56 1.27 7.07
N ARG A 395 30.71 1.87 7.37
CA ARG A 395 31.87 1.75 6.50
C ARG A 395 33.10 2.24 7.25
N MET A 396 34.27 1.87 6.73
CA MET A 396 35.55 2.28 7.27
C MET A 396 36.09 3.47 6.46
N SER A 397 36.12 4.65 7.07
CA SER A 397 36.66 5.84 6.43
C SER A 397 38.18 5.87 6.60
N LYS A 398 38.83 6.89 6.02
CA LYS A 398 40.26 7.08 6.29
C LYS A 398 40.54 7.23 7.78
N LYS A 399 39.81 8.14 8.45
CA LYS A 399 40.06 8.34 9.87
C LYS A 399 39.83 7.03 10.64
N ASP A 400 38.85 6.24 10.22
CA ASP A 400 38.59 4.97 10.89
C ASP A 400 39.78 4.03 10.75
N TYR A 401 40.39 3.98 9.56
CA TYR A 401 41.56 3.12 9.37
C TYR A 401 42.76 3.60 10.18
N GLU A 402 42.79 4.88 10.55
CA GLU A 402 43.85 5.42 11.39
C GLU A 402 43.58 5.24 12.88
N ASN A 403 42.37 4.81 13.25
CA ASN A 403 41.99 4.62 14.65
C ASN A 403 42.41 3.23 15.08
N LYS A 404 43.49 3.14 15.85
CA LYS A 404 44.06 1.84 16.18
C LYS A 404 43.14 1.03 17.09
N ASP A 405 42.41 1.71 17.98
CA ASP A 405 41.43 1.01 18.82
C ASP A 405 40.32 0.40 17.98
N LEU A 406 39.82 1.14 17.00
CA LEU A 406 38.75 0.63 16.14
C LEU A 406 39.27 -0.50 15.27
N VAL A 407 40.46 -0.34 14.69
CA VAL A 407 41.02 -1.35 13.81
C VAL A 407 41.21 -2.67 14.55
N ALA A 408 41.58 -2.61 15.82
CA ALA A 408 41.74 -3.83 16.60
C ALA A 408 40.40 -4.51 16.83
N ARG A 409 39.35 -3.72 17.08
CA ARG A 409 38.03 -4.29 17.32
C ARG A 409 37.49 -4.97 16.08
N VAL A 410 37.61 -4.32 14.93
CA VAL A 410 37.11 -4.89 13.67
C VAL A 410 37.93 -6.12 13.29
N ALA A 411 39.25 -6.00 13.32
CA ALA A 411 40.12 -7.12 12.99
C ALA A 411 39.75 -8.35 13.83
N ALA A 412 39.53 -8.15 15.13
CA ALA A 412 39.14 -9.28 15.97
C ALA A 412 37.80 -9.86 15.55
N ALA A 413 36.87 -8.99 15.14
CA ALA A 413 35.59 -9.48 14.63
C ALA A 413 35.79 -10.40 13.44
N GLY A 414 36.77 -10.11 12.59
CA GLY A 414 37.08 -10.92 11.43
C GLY A 414 38.09 -12.02 11.69
N LYS A 415 38.45 -12.25 12.95
CA LYS A 415 39.41 -13.28 13.33
C LYS A 415 40.70 -13.13 12.53
N MET A 416 41.26 -11.92 12.57
CA MET A 416 42.54 -11.65 11.94
C MET A 416 43.29 -10.62 12.76
N THR A 417 44.60 -10.56 12.56
CA THR A 417 45.42 -9.63 13.30
C THR A 417 45.20 -8.20 12.77
N PRO A 418 45.49 -7.19 13.59
CA PRO A 418 45.41 -5.82 13.07
C PRO A 418 46.30 -5.59 11.86
N GLU A 419 47.44 -6.27 11.78
CA GLU A 419 48.31 -6.11 10.62
C GLU A 419 47.70 -6.71 9.37
N ALA A 420 47.02 -7.85 9.49
CA ALA A 420 46.37 -8.44 8.33
C ALA A 420 45.22 -7.57 7.84
N PHE A 421 44.44 -7.02 8.77
CA PHE A 421 43.32 -6.17 8.39
C PHE A 421 43.80 -4.93 7.65
N THR A 422 44.82 -4.25 8.19
CA THR A 422 45.36 -3.07 7.53
C THR A 422 45.89 -3.38 6.14
N GLU A 423 46.60 -4.51 6.00
CA GLU A 423 47.20 -4.84 4.71
C GLU A 423 46.15 -5.07 3.64
N LYS A 424 45.02 -5.63 4.00
CA LYS A 424 43.99 -6.01 3.04
C LYS A 424 43.04 -4.86 2.72
N PHE A 425 42.60 -4.10 3.72
CA PHE A 425 41.49 -3.17 3.55
C PHE A 425 41.90 -1.71 3.45
N ALA A 426 43.07 -1.34 3.96
CA ALA A 426 43.39 0.09 4.07
C ALA A 426 43.49 0.76 2.72
N HIS A 427 43.87 0.02 1.67
CA HIS A 427 44.03 0.63 0.36
C HIS A 427 42.71 1.12 -0.23
N LEU A 428 41.58 0.69 0.32
CA LEU A 428 40.28 1.05 -0.26
C LEU A 428 40.00 2.54 -0.17
N THR A 429 40.75 3.28 0.65
CA THR A 429 40.57 4.72 0.72
C THR A 429 41.03 5.41 -0.56
N ASP A 430 41.85 4.74 -1.35
CA ASP A 430 42.25 5.23 -2.66
C ASP A 430 41.40 4.64 -3.78
N VAL A 431 40.46 3.76 -3.45
CA VAL A 431 39.57 3.17 -4.46
C VAL A 431 38.30 3.99 -4.60
N VAL A 432 37.79 4.55 -3.51
CA VAL A 432 36.54 5.28 -3.50
C VAL A 432 36.75 6.65 -2.86
N VAL A 433 35.95 7.62 -3.31
CA VAL A 433 36.01 8.95 -2.73
C VAL A 433 35.64 8.86 -1.25
N GLU A 434 36.25 9.72 -0.44
CA GLU A 434 36.03 9.67 0.99
C GLU A 434 35.28 10.89 1.48
N GLU B 12 -26.62 -19.73 -34.27
CA GLU B 12 -26.04 -18.58 -33.59
C GLU B 12 -25.72 -18.92 -32.13
N ALA B 13 -24.90 -18.06 -31.49
CA ALA B 13 -24.40 -18.40 -30.16
C ALA B 13 -25.31 -17.85 -29.07
N PRO B 14 -25.43 -18.55 -27.94
CA PRO B 14 -26.26 -18.04 -26.84
C PRO B 14 -25.68 -16.78 -26.23
N VAL B 15 -26.57 -15.90 -25.78
CA VAL B 15 -26.21 -14.60 -25.23
C VAL B 15 -26.28 -14.67 -23.71
N LEU B 16 -25.19 -14.31 -23.06
CA LEU B 16 -25.14 -14.12 -21.61
C LEU B 16 -25.13 -12.62 -21.32
N GLY B 17 -26.11 -12.15 -20.56
CA GLY B 17 -26.18 -10.76 -20.15
C GLY B 17 -25.87 -10.62 -18.68
N ILE B 18 -25.10 -9.59 -18.33
CA ILE B 18 -24.61 -9.38 -16.97
C ILE B 18 -24.96 -7.97 -16.52
N LEU B 19 -25.43 -7.83 -15.29
CA LEU B 19 -25.64 -6.52 -14.69
C LEU B 19 -25.23 -6.58 -13.23
N CYS B 20 -25.03 -5.40 -12.64
CA CYS B 20 -24.75 -5.26 -11.21
C CYS B 20 -25.83 -4.42 -10.57
N GLY B 21 -26.27 -4.82 -9.39
CA GLY B 21 -27.21 -4.06 -8.61
C GLY B 21 -26.69 -3.81 -7.21
N GLY B 22 -27.24 -2.78 -6.58
CA GLY B 22 -26.84 -2.43 -5.23
C GLY B 22 -25.56 -1.60 -5.20
N GLY B 23 -25.01 -1.47 -4.00
CA GLY B 23 -23.78 -0.76 -3.79
C GLY B 23 -22.57 -1.57 -4.19
N PRO B 24 -21.51 -0.91 -4.66
CA PRO B 24 -20.32 -1.65 -5.06
C PRO B 24 -19.62 -2.33 -3.90
N ALA B 25 -18.86 -3.38 -4.24
CA ALA B 25 -17.98 -4.06 -3.29
C ALA B 25 -16.75 -4.51 -4.06
N PRO B 26 -15.57 -4.52 -3.42
CA PRO B 26 -14.37 -4.96 -4.13
C PRO B 26 -14.53 -6.40 -4.63
N GLY B 27 -14.21 -6.60 -5.91
CA GLY B 27 -14.31 -7.90 -6.54
C GLY B 27 -15.39 -8.05 -7.57
N LEU B 28 -16.30 -7.08 -7.70
CA LEU B 28 -17.30 -7.13 -8.76
C LEU B 28 -16.68 -7.43 -10.12
N ASN B 29 -15.64 -6.68 -10.49
CA ASN B 29 -14.99 -6.91 -11.77
C ASN B 29 -14.45 -8.34 -11.87
N GLY B 30 -14.03 -8.93 -10.76
CA GLY B 30 -13.54 -10.29 -10.80
C GLY B 30 -14.61 -11.29 -11.14
N VAL B 31 -15.84 -11.06 -10.67
CA VAL B 31 -16.94 -11.94 -11.05
C VAL B 31 -17.28 -11.74 -12.51
N ILE B 32 -17.26 -10.50 -12.99
CA ILE B 32 -17.56 -10.23 -14.40
C ILE B 32 -16.52 -10.91 -15.30
N ALA B 33 -15.25 -10.86 -14.90
CA ALA B 33 -14.19 -11.42 -15.74
C ALA B 33 -14.19 -12.94 -15.69
N GLY B 34 -14.51 -13.52 -14.53
CA GLY B 34 -14.60 -14.97 -14.46
C GLY B 34 -15.73 -15.51 -15.29
N ALA B 35 -16.91 -14.88 -15.23
CA ALA B 35 -18.04 -15.31 -16.04
C ALA B 35 -17.78 -15.07 -17.52
N THR B 36 -17.27 -13.89 -17.87
CA THR B 36 -17.13 -13.52 -19.28
C THR B 36 -16.06 -14.35 -19.97
N LEU B 37 -14.90 -14.50 -19.33
CA LEU B 37 -13.80 -15.22 -19.96
C LEU B 37 -14.15 -16.68 -20.21
N TYR B 38 -14.73 -17.34 -19.21
CA TYR B 38 -15.14 -18.73 -19.38
C TYR B 38 -16.22 -18.85 -20.45
N ALA B 39 -17.20 -17.96 -20.44
CA ALA B 39 -18.26 -17.99 -21.44
C ALA B 39 -17.69 -17.80 -22.84
N LEU B 40 -16.68 -16.95 -22.99
CA LEU B 40 -16.09 -16.71 -24.31
C LEU B 40 -15.37 -17.95 -24.83
N ARG B 41 -14.76 -18.73 -23.95
CA ARG B 41 -14.14 -19.99 -24.37
C ARG B 41 -15.20 -20.99 -24.84
N LEU B 42 -16.41 -20.90 -24.31
CA LEU B 42 -17.52 -21.73 -24.77
C LEU B 42 -18.15 -21.21 -26.05
N GLY B 43 -17.68 -20.08 -26.58
CA GLY B 43 -18.24 -19.51 -27.79
C GLY B 43 -19.46 -18.64 -27.56
N TRP B 44 -19.80 -18.35 -26.31
CA TRP B 44 -20.95 -17.52 -26.01
C TRP B 44 -20.67 -16.06 -26.38
N LYS B 45 -21.74 -15.30 -26.59
CA LYS B 45 -21.69 -13.86 -26.72
C LYS B 45 -22.08 -13.25 -25.37
N VAL B 46 -21.30 -12.28 -24.90
CA VAL B 46 -21.49 -11.70 -23.58
C VAL B 46 -21.75 -10.20 -23.72
N ILE B 47 -22.84 -9.74 -23.10
CA ILE B 47 -23.18 -8.32 -23.06
C ILE B 47 -23.35 -7.91 -21.61
N GLY B 48 -23.15 -6.62 -21.34
CA GLY B 48 -23.32 -6.08 -20.01
C GLY B 48 -24.26 -4.88 -19.97
N PHE B 49 -25.29 -4.98 -19.14
CA PHE B 49 -26.21 -3.86 -18.93
C PHE B 49 -25.59 -2.85 -17.96
N MET B 50 -25.59 -1.58 -18.36
CA MET B 50 -25.06 -0.53 -17.51
C MET B 50 -26.07 -0.13 -16.46
N GLU B 51 -25.58 0.12 -15.25
CA GLU B 51 -26.42 0.64 -14.16
C GLU B 51 -27.59 -0.29 -13.87
N GLY B 52 -27.28 -1.59 -13.77
CA GLY B 52 -28.26 -2.56 -13.29
C GLY B 52 -29.54 -2.58 -14.08
N PHE B 53 -30.66 -2.53 -13.36
CA PHE B 53 -31.99 -2.60 -13.94
C PHE B 53 -32.51 -1.23 -14.38
N LYS B 54 -31.66 -0.20 -14.33
CA LYS B 54 -32.13 1.17 -14.56
C LYS B 54 -32.84 1.29 -15.90
N TYR B 55 -32.22 0.81 -16.97
CA TYR B 55 -32.75 0.97 -18.31
C TYR B 55 -33.60 -0.21 -18.76
N LEU B 56 -33.36 -1.41 -18.23
CA LEU B 56 -34.27 -2.51 -18.49
C LEU B 56 -35.65 -2.26 -17.91
N CYS B 57 -35.75 -1.39 -16.90
CA CYS B 57 -37.04 -1.08 -16.30
C CYS B 57 -37.91 -0.20 -17.18
N THR B 58 -37.30 0.53 -18.12
CA THR B 58 -38.09 1.42 -18.98
C THR B 58 -38.88 0.64 -20.02
N GLY B 59 -38.42 -0.55 -20.39
CA GLY B 59 -39.02 -1.31 -21.47
C GLY B 59 -38.65 -0.84 -22.86
N ASP B 60 -37.99 0.30 -23.01
CA ASP B 60 -37.59 0.79 -24.31
C ASP B 60 -36.30 0.10 -24.75
N VAL B 61 -36.39 -0.68 -25.83
CA VAL B 61 -35.23 -1.47 -26.25
C VAL B 61 -34.12 -0.58 -26.80
N ASP B 62 -34.47 0.59 -27.35
CA ASP B 62 -33.44 1.50 -27.83
C ASP B 62 -32.65 2.10 -26.67
N VAL B 63 -33.33 2.44 -25.58
CA VAL B 63 -32.62 2.96 -24.42
C VAL B 63 -31.73 1.89 -23.83
N VAL B 64 -32.23 0.66 -23.74
CA VAL B 64 -31.43 -0.44 -23.20
C VAL B 64 -30.19 -0.65 -24.07
N LYS B 65 -30.36 -0.69 -25.39
CA LYS B 65 -29.22 -0.90 -26.27
C LYS B 65 -28.23 0.25 -26.17
N ALA B 66 -28.70 1.47 -25.92
CA ALA B 66 -27.79 2.59 -25.74
C ALA B 66 -27.05 2.53 -24.42
N HIS B 67 -27.44 1.63 -23.52
CA HIS B 67 -26.79 1.45 -22.23
C HIS B 67 -26.51 -0.03 -21.99
N THR B 68 -26.15 -0.75 -23.05
CA THR B 68 -25.52 -2.06 -22.92
C THR B 68 -24.28 -2.06 -23.80
N ILE B 69 -23.29 -2.87 -23.42
CA ILE B 69 -22.02 -2.93 -24.13
C ILE B 69 -21.61 -4.39 -24.30
N ASP B 70 -20.75 -4.62 -25.29
CA ASP B 70 -20.26 -5.95 -25.60
C ASP B 70 -19.06 -6.27 -24.73
N LEU B 71 -19.20 -7.26 -23.85
CA LEU B 71 -18.11 -7.70 -22.98
C LEU B 71 -17.22 -8.66 -23.76
N THR B 72 -16.07 -8.17 -24.18
CA THR B 72 -15.13 -8.89 -25.03
C THR B 72 -13.90 -9.29 -24.22
N TYR B 73 -13.06 -10.15 -24.82
CA TYR B 73 -11.85 -10.57 -24.14
C TYR B 73 -11.00 -9.38 -23.72
N ASP B 74 -10.74 -8.46 -24.65
CA ASP B 74 -9.83 -7.35 -24.36
C ASP B 74 -10.37 -6.45 -23.26
N ILE B 75 -11.70 -6.36 -23.12
CA ILE B 75 -12.27 -5.51 -22.09
C ILE B 75 -12.04 -6.10 -20.70
N VAL B 76 -12.17 -7.43 -20.56
CA VAL B 76 -12.23 -8.06 -19.25
C VAL B 76 -10.93 -8.75 -18.88
N SER B 77 -9.94 -8.75 -19.76
CA SER B 77 -8.76 -9.58 -19.54
C SER B 77 -8.01 -9.19 -18.28
N ARG B 78 -8.02 -7.91 -17.91
CA ARG B 78 -7.21 -7.44 -16.78
C ARG B 78 -8.01 -6.61 -15.78
N ILE B 79 -9.34 -6.75 -15.75
CA ILE B 79 -10.12 -6.02 -14.76
C ILE B 79 -10.18 -6.74 -13.41
N HIS B 80 -9.63 -7.95 -13.31
CA HIS B 80 -9.61 -8.64 -12.02
C HIS B 80 -8.72 -7.93 -11.00
N PHE B 81 -7.88 -6.98 -11.44
CA PHE B 81 -7.08 -6.19 -10.52
C PHE B 81 -7.83 -4.98 -9.97
N GLN B 82 -8.91 -4.57 -10.62
CA GLN B 82 -9.50 -3.25 -10.41
C GLN B 82 -10.78 -3.31 -9.60
N GLY B 83 -10.92 -2.38 -8.67
CA GLY B 83 -12.18 -2.20 -7.97
C GLY B 83 -13.22 -1.50 -8.83
N GLY B 84 -14.43 -1.45 -8.30
CA GLY B 84 -15.55 -0.86 -9.01
C GLY B 84 -16.23 -1.84 -9.96
N THR B 85 -17.00 -1.27 -10.89
CA THR B 85 -17.72 -2.04 -11.90
C THR B 85 -17.59 -1.36 -13.24
N ILE B 86 -17.13 -2.09 -14.25
CA ILE B 86 -17.00 -1.49 -15.57
C ILE B 86 -18.36 -1.27 -16.21
N ILE B 87 -19.38 -2.02 -15.78
CA ILE B 87 -20.75 -1.82 -16.24
C ILE B 87 -21.59 -1.05 -15.22
N GLN B 88 -20.95 -0.44 -14.22
CA GLN B 88 -21.66 0.38 -13.25
C GLN B 88 -22.72 -0.42 -12.50
N THR B 89 -23.53 0.26 -11.69
CA THR B 89 -24.55 -0.39 -10.88
C THR B 89 -25.65 0.62 -10.59
N SER B 90 -26.75 0.11 -10.04
CA SER B 90 -27.90 0.94 -9.72
C SER B 90 -28.75 0.20 -8.69
N ARG B 91 -29.61 0.95 -8.01
CA ARG B 91 -30.57 0.37 -7.09
C ARG B 91 -31.97 0.30 -7.71
N ALA B 92 -32.09 0.59 -9.00
CA ALA B 92 -33.36 0.41 -9.70
C ALA B 92 -33.88 -1.00 -9.47
N ASN B 93 -35.12 -1.10 -9.00
CA ASN B 93 -35.68 -2.35 -8.48
C ASN B 93 -37.00 -2.65 -9.16
N PRO B 94 -37.00 -3.46 -10.23
CA PRO B 94 -38.26 -3.77 -10.93
C PRO B 94 -39.24 -4.63 -10.15
N ARG B 95 -38.84 -5.20 -9.01
CA ARG B 95 -39.70 -6.15 -8.31
C ARG B 95 -40.94 -5.52 -7.72
N LYS B 96 -40.96 -4.20 -7.50
CA LYS B 96 -42.11 -3.56 -6.88
C LYS B 96 -43.31 -3.44 -7.83
N SER B 97 -43.12 -3.65 -9.13
CA SER B 97 -44.19 -3.47 -10.10
C SER B 97 -44.20 -4.58 -11.14
N PRO B 98 -45.39 -5.06 -11.52
CA PRO B 98 -45.43 -6.04 -12.62
C PRO B 98 -45.17 -5.43 -13.98
N GLU B 99 -45.55 -4.16 -14.20
CA GLU B 99 -45.23 -3.51 -15.46
C GLU B 99 -43.72 -3.42 -15.66
N LEU B 100 -42.98 -3.11 -14.59
CA LEU B 100 -41.52 -3.08 -14.70
C LEU B 100 -40.95 -4.46 -14.96
N GLN B 101 -41.46 -5.48 -14.26
CA GLN B 101 -40.99 -6.84 -14.49
C GLN B 101 -41.21 -7.24 -15.94
N GLU B 102 -42.36 -6.84 -16.52
CA GLU B 102 -42.64 -7.16 -17.91
C GLU B 102 -41.79 -6.32 -18.86
N ASN B 103 -41.39 -5.12 -18.45
CA ASN B 103 -40.45 -4.34 -19.25
C ASN B 103 -39.09 -5.02 -19.32
N VAL B 104 -38.59 -5.51 -18.18
CA VAL B 104 -37.33 -6.24 -18.19
C VAL B 104 -37.45 -7.48 -19.06
N ARG B 105 -38.56 -8.20 -18.94
CA ARG B 105 -38.77 -9.37 -19.80
C ARG B 105 -38.79 -8.97 -21.27
N LYS B 106 -39.41 -7.85 -21.60
CA LYS B 106 -39.51 -7.44 -22.99
C LYS B 106 -38.14 -7.11 -23.57
N CYS B 107 -37.27 -6.50 -22.76
CA CYS B 107 -35.94 -6.12 -23.23
C CYS B 107 -35.00 -7.32 -23.28
N LEU B 108 -35.13 -8.25 -22.33
CA LEU B 108 -34.27 -9.43 -22.35
C LEU B 108 -34.62 -10.33 -23.52
N ARG B 109 -35.91 -10.51 -23.79
CA ARG B 109 -36.33 -11.24 -24.98
C ARG B 109 -35.82 -10.55 -26.24
N ALA B 110 -35.92 -9.22 -26.29
CA ALA B 110 -35.48 -8.47 -27.46
C ALA B 110 -33.99 -8.69 -27.72
N LEU B 111 -33.17 -8.68 -26.68
CA LEU B 111 -31.74 -8.90 -26.82
C LEU B 111 -31.39 -10.38 -26.90
N LYS B 112 -32.39 -11.26 -26.77
CA LYS B 112 -32.18 -12.71 -26.91
C LYS B 112 -31.22 -13.23 -25.85
N VAL B 113 -31.35 -12.68 -24.64
CA VAL B 113 -30.55 -13.15 -23.50
C VAL B 113 -31.01 -14.56 -23.15
N ARG B 114 -30.13 -15.55 -23.33
CA ARG B 114 -30.40 -16.91 -22.89
C ARG B 114 -30.01 -17.12 -21.43
N TYR B 115 -28.90 -16.53 -20.99
CA TYR B 115 -28.42 -16.67 -19.62
C TYR B 115 -28.30 -15.27 -19.02
N PHE B 116 -28.89 -15.07 -17.85
CA PHE B 116 -28.99 -13.77 -17.21
C PHE B 116 -28.34 -13.84 -15.83
N LEU B 117 -27.23 -13.13 -15.67
CA LEU B 117 -26.45 -13.13 -14.44
C LEU B 117 -26.54 -11.75 -13.80
N THR B 118 -27.07 -11.70 -12.58
CA THR B 118 -27.12 -10.49 -11.79
C THR B 118 -26.14 -10.59 -10.64
N ILE B 119 -25.38 -9.52 -10.39
CA ILE B 119 -24.42 -9.46 -9.30
C ILE B 119 -24.86 -8.33 -8.39
N GLY B 120 -25.43 -8.67 -7.23
CA GLY B 120 -26.03 -7.66 -6.39
C GLY B 120 -26.51 -8.24 -5.08
N GLY B 121 -27.17 -7.39 -4.31
CA GLY B 121 -27.70 -7.76 -3.01
C GLY B 121 -29.03 -8.47 -3.12
N ASP B 122 -29.76 -8.45 -2.00
CA ASP B 122 -31.03 -9.19 -1.93
C ASP B 122 -32.06 -8.60 -2.88
N ASP B 123 -32.18 -7.28 -2.96
CA ASP B 123 -33.15 -6.68 -3.87
C ASP B 123 -32.87 -7.10 -5.31
N THR B 124 -31.60 -7.22 -5.68
CA THR B 124 -31.25 -7.57 -7.05
C THR B 124 -31.59 -9.03 -7.34
N ALA B 125 -31.26 -9.94 -6.42
CA ALA B 125 -31.58 -11.34 -6.64
C ALA B 125 -33.09 -11.57 -6.68
N SER B 126 -33.83 -10.88 -5.82
CA SER B 126 -35.28 -11.01 -5.82
C SER B 126 -35.87 -10.48 -7.13
N SER B 127 -35.32 -9.39 -7.65
CA SER B 127 -35.76 -8.88 -8.95
C SER B 127 -35.52 -9.90 -10.04
N ALA B 128 -34.35 -10.54 -10.02
CA ALA B 128 -34.04 -11.51 -11.07
C ALA B 128 -35.03 -12.68 -11.06
N VAL B 129 -35.37 -13.18 -9.88
CA VAL B 129 -36.28 -14.33 -9.82
C VAL B 129 -37.69 -13.92 -10.24
N SER B 130 -38.12 -12.71 -9.85
CA SER B 130 -39.43 -12.23 -10.27
C SER B 130 -39.51 -12.12 -11.79
N VAL B 131 -38.44 -11.64 -12.42
CA VAL B 131 -38.43 -11.54 -13.87
C VAL B 131 -38.47 -12.92 -14.51
N ALA B 132 -37.95 -13.94 -13.82
CA ALA B 132 -37.87 -15.27 -14.42
C ALA B 132 -39.20 -16.01 -14.31
N SER B 133 -39.91 -15.87 -13.18
CA SER B 133 -41.13 -16.63 -12.97
C SER B 133 -42.17 -16.37 -14.05
N GLY B 134 -42.04 -15.28 -14.80
CA GLY B 134 -42.94 -15.00 -15.90
C GLY B 134 -42.29 -15.28 -17.24
N MET B 135 -41.40 -16.27 -17.26
CA MET B 135 -40.56 -16.54 -18.42
C MET B 135 -40.41 -18.05 -18.59
N ASN B 136 -40.19 -18.47 -19.83
CA ASN B 136 -40.07 -19.89 -20.14
C ASN B 136 -38.69 -20.39 -19.73
N GLY B 137 -38.66 -21.47 -18.94
CA GLY B 137 -37.41 -22.00 -18.43
C GLY B 137 -36.47 -22.54 -19.48
N ASN B 138 -36.91 -22.66 -20.73
CA ASN B 138 -36.05 -23.08 -21.82
C ASN B 138 -35.48 -21.92 -22.62
N GLU B 139 -36.07 -20.73 -22.51
CA GLU B 139 -35.60 -19.57 -23.26
C GLU B 139 -34.65 -18.69 -22.46
N ILE B 140 -34.84 -18.56 -21.14
CA ILE B 140 -33.91 -17.82 -20.30
C ILE B 140 -33.70 -18.60 -19.01
N SER B 141 -32.47 -18.55 -18.50
CA SER B 141 -32.08 -19.13 -17.22
C SER B 141 -31.39 -18.04 -16.42
N VAL B 142 -31.71 -17.96 -15.13
CA VAL B 142 -31.35 -16.81 -14.30
C VAL B 142 -30.52 -17.28 -13.12
N ILE B 143 -29.38 -16.64 -12.91
CA ILE B 143 -28.50 -16.90 -11.78
C ILE B 143 -28.07 -15.56 -11.21
N SER B 144 -28.00 -15.47 -9.89
CA SER B 144 -27.51 -14.27 -9.23
C SER B 144 -26.33 -14.62 -8.33
N CYS B 145 -25.38 -13.69 -8.24
CA CYS B 145 -24.21 -13.86 -7.38
C CYS B 145 -24.33 -12.91 -6.20
N PRO B 146 -24.37 -13.41 -4.97
CA PRO B 146 -24.66 -12.55 -3.81
C PRO B 146 -23.44 -11.71 -3.41
N LYS B 147 -23.63 -10.39 -3.39
CA LYS B 147 -22.58 -9.44 -3.05
C LYS B 147 -22.98 -8.63 -1.82
N THR B 148 -22.02 -8.45 -0.91
CA THR B 148 -22.20 -7.52 0.21
C THR B 148 -20.89 -7.32 0.97
N ILE B 149 -20.48 -6.07 1.21
CA ILE B 149 -19.33 -5.85 2.07
C ILE B 149 -19.69 -6.03 3.55
N ASP B 150 -20.98 -6.06 3.88
CA ASP B 150 -21.43 -6.21 5.25
C ASP B 150 -21.30 -7.63 5.77
N ASN B 151 -21.06 -8.61 4.90
CA ASN B 151 -20.83 -9.99 5.32
C ASN B 151 -22.05 -10.59 6.00
N ASP B 152 -23.25 -10.11 5.64
CA ASP B 152 -24.49 -10.47 6.31
C ASP B 152 -25.27 -11.55 5.56
N LEU B 153 -24.59 -12.37 4.75
CA LEU B 153 -25.29 -13.45 4.05
C LEU B 153 -25.36 -14.69 4.93
N PRO B 154 -26.40 -15.52 4.77
CA PRO B 154 -26.57 -16.72 5.62
C PRO B 154 -25.72 -17.89 5.15
N LEU B 155 -24.41 -17.66 5.09
CA LEU B 155 -23.41 -18.66 4.73
C LEU B 155 -22.93 -19.40 5.97
N PRO B 156 -22.22 -20.52 5.79
CA PRO B 156 -21.58 -21.17 6.93
C PRO B 156 -20.72 -20.18 7.73
N ALA B 157 -20.76 -20.33 9.06
CA ALA B 157 -20.09 -19.38 9.94
C ALA B 157 -18.60 -19.32 9.67
N ASP B 158 -18.04 -18.11 9.76
CA ASP B 158 -16.65 -17.76 9.56
C ASP B 158 -16.28 -17.69 8.09
N GLN B 159 -17.19 -18.02 7.17
CA GLN B 159 -16.94 -17.93 5.74
C GLN B 159 -17.54 -16.62 5.25
N SER B 160 -16.69 -15.79 4.65
CA SER B 160 -17.06 -14.42 4.33
C SER B 160 -17.66 -14.29 2.94
N THR B 161 -18.40 -13.21 2.75
CA THR B 161 -18.86 -12.79 1.44
C THR B 161 -17.74 -12.05 0.71
N PHE B 162 -17.81 -12.03 -0.62
CA PHE B 162 -16.71 -11.45 -1.38
C PHE B 162 -16.73 -9.94 -1.26
N GLY B 163 -15.53 -9.35 -1.22
CA GLY B 163 -15.37 -7.94 -0.94
C GLY B 163 -15.22 -7.60 0.51
N PHE B 164 -15.63 -8.50 1.41
CA PHE B 164 -15.52 -8.23 2.84
C PHE B 164 -14.07 -8.19 3.29
N HIS B 165 -13.26 -9.17 2.84
CA HIS B 165 -11.86 -9.19 3.24
C HIS B 165 -11.13 -7.91 2.83
N THR B 166 -11.42 -7.41 1.62
CA THR B 166 -10.78 -6.17 1.17
C THR B 166 -11.22 -5.00 2.05
N ALA B 167 -12.53 -4.88 2.28
CA ALA B 167 -13.02 -3.76 3.08
C ALA B 167 -12.44 -3.77 4.49
N ARG B 168 -12.32 -4.97 5.08
CA ARG B 168 -11.78 -5.08 6.44
C ARG B 168 -10.29 -4.75 6.46
N SER B 169 -9.53 -5.21 5.46
CA SER B 169 -8.09 -4.99 5.48
C SER B 169 -7.76 -3.52 5.30
N LEU B 170 -8.46 -2.83 4.40
CA LEU B 170 -8.24 -1.40 4.24
C LEU B 170 -8.70 -0.64 5.49
N GLY B 171 -9.81 -1.07 6.08
CA GLY B 171 -10.26 -0.44 7.31
C GLY B 171 -9.23 -0.56 8.42
N MET B 172 -8.58 -1.72 8.52
CA MET B 172 -7.50 -1.89 9.49
C MET B 172 -6.37 -0.90 9.23
N GLU B 173 -6.00 -0.70 7.95
CA GLU B 173 -4.89 0.17 7.65
C GLU B 173 -5.19 1.63 7.99
N ILE B 174 -6.42 2.09 7.73
CA ILE B 174 -6.78 3.45 8.07
C ILE B 174 -6.75 3.64 9.59
N ILE B 175 -7.33 2.70 10.32
CA ILE B 175 -7.34 2.84 11.78
C ILE B 175 -5.93 2.78 12.33
N ARG B 176 -5.04 2.02 11.69
CA ARG B 176 -3.64 2.01 12.12
C ARG B 176 -3.08 3.42 12.17
N ASN B 177 -3.34 4.20 11.11
CA ASN B 177 -2.90 5.59 11.11
C ASN B 177 -3.54 6.38 12.24
N LEU B 178 -4.81 6.09 12.54
CA LEU B 178 -5.48 6.80 13.63
C LEU B 178 -4.97 6.34 15.00
N MET B 179 -4.53 5.08 15.11
CA MET B 179 -3.98 4.62 16.38
C MET B 179 -2.63 5.27 16.65
N VAL B 180 -1.79 5.37 15.62
CA VAL B 180 -0.50 6.04 15.75
C VAL B 180 -0.72 7.52 16.04
N ASP B 181 -1.69 8.12 15.37
CA ASP B 181 -1.96 9.53 15.61
C ASP B 181 -2.56 9.76 16.99
N SER B 182 -3.39 8.82 17.48
CA SER B 182 -3.99 8.98 18.79
C SER B 182 -2.95 8.87 19.90
N LYS B 183 -1.92 8.06 19.70
CA LYS B 183 -0.86 7.94 20.71
C LYS B 183 0.14 9.08 20.60
N SER B 184 0.54 9.45 19.38
CA SER B 184 1.53 10.51 19.21
C SER B 184 1.01 11.83 19.75
N ALA B 185 -0.24 12.17 19.44
CA ALA B 185 -0.90 13.40 19.88
C ALA B 185 -2.13 13.00 20.69
N PRO B 186 -1.94 12.64 21.97
CA PRO B 186 -3.04 12.04 22.74
C PRO B 186 -4.43 12.55 22.45
N ARG B 187 -5.29 11.65 22.00
CA ARG B 187 -6.68 11.95 21.70
C ARG B 187 -7.42 10.63 21.52
N TRP B 188 -8.74 10.69 21.66
CA TRP B 188 -9.61 9.56 21.35
C TRP B 188 -10.31 9.81 20.02
N PHE B 189 -10.28 8.82 19.13
CA PHE B 189 -11.04 8.84 17.90
C PHE B 189 -12.25 7.92 18.06
N LEU B 190 -13.43 8.43 17.70
CA LEU B 190 -14.63 7.61 17.58
C LEU B 190 -14.84 7.33 16.10
N VAL B 191 -14.42 6.14 15.67
CA VAL B 191 -14.49 5.73 14.27
C VAL B 191 -15.84 5.07 14.01
N GLU B 192 -16.65 5.69 13.15
CA GLU B 192 -17.95 5.13 12.75
C GLU B 192 -17.77 4.33 11.46
N ALA B 193 -17.94 3.01 11.55
CA ALA B 193 -17.84 2.13 10.38
C ALA B 193 -19.17 2.09 9.65
N MET B 194 -19.14 2.42 8.35
CA MET B 194 -20.36 2.52 7.56
C MET B 194 -21.02 1.15 7.43
N GLY B 195 -22.35 1.15 7.37
CA GLY B 195 -23.11 -0.09 7.32
C GLY B 195 -24.02 -0.29 8.52
N ARG B 196 -25.34 -0.30 8.27
CA ARG B 196 -26.33 -0.49 9.32
C ARG B 196 -26.89 -1.91 9.39
N SER B 197 -26.50 -2.78 8.47
CA SER B 197 -27.07 -4.12 8.45
C SER B 197 -26.62 -4.93 9.65
N ALA B 198 -25.31 -5.02 9.87
CA ALA B 198 -24.75 -5.91 10.88
C ALA B 198 -23.49 -5.28 11.44
N GLY B 199 -22.85 -6.01 12.36
CA GLY B 199 -21.65 -5.56 13.02
C GLY B 199 -20.38 -6.24 12.55
N HIS B 200 -20.44 -7.04 11.49
CA HIS B 200 -19.27 -7.79 11.05
C HIS B 200 -18.11 -6.85 10.71
N LEU B 201 -18.39 -5.80 9.94
CA LEU B 201 -17.32 -4.96 9.41
C LEU B 201 -16.65 -4.16 10.52
N ALA B 202 -17.44 -3.54 11.41
CA ALA B 202 -16.86 -2.77 12.49
C ALA B 202 -16.01 -3.64 13.41
N LEU B 203 -16.52 -4.83 13.76
CA LEU B 203 -15.77 -5.72 14.63
C LEU B 203 -14.54 -6.28 13.93
N GLY B 204 -14.61 -6.49 12.62
CA GLY B 204 -13.46 -7.02 11.91
C GLY B 204 -12.29 -6.05 11.88
N MET B 205 -12.57 -4.78 11.53
CA MET B 205 -11.53 -3.77 11.52
C MET B 205 -10.94 -3.55 12.91
N ALA B 206 -11.80 -3.54 13.93
CA ALA B 206 -11.35 -3.22 15.27
C ALA B 206 -10.41 -4.29 15.82
N GLU B 207 -10.83 -5.56 15.72
CA GLU B 207 -9.98 -6.64 16.20
C GLU B 207 -8.64 -6.65 15.46
N ALA B 208 -8.68 -6.46 14.14
CA ALA B 208 -7.45 -6.48 13.36
C ALA B 208 -6.51 -5.35 13.77
N SER B 209 -7.06 -4.18 14.05
CA SER B 209 -6.25 -3.00 14.38
C SER B 209 -5.97 -2.86 15.87
N GLY B 210 -6.44 -3.80 16.68
CA GLY B 210 -6.25 -3.69 18.11
C GLY B 210 -6.89 -2.46 18.71
N ALA B 211 -7.99 -1.99 18.13
CA ALA B 211 -8.70 -0.85 18.69
C ALA B 211 -9.14 -1.15 20.11
N HIS B 212 -9.24 -0.09 20.92
CA HIS B 212 -9.48 -0.26 22.35
C HIS B 212 -10.93 -0.60 22.66
N LEU B 213 -11.86 -0.32 21.75
CA LEU B 213 -13.26 -0.64 22.00
C LEU B 213 -13.98 -0.86 20.67
N CYS B 214 -15.00 -1.71 20.70
CA CYS B 214 -15.89 -1.88 19.57
C CYS B 214 -17.31 -2.06 20.10
N LEU B 215 -18.24 -1.28 19.54
CA LEU B 215 -19.65 -1.36 19.88
C LEU B 215 -20.43 -1.74 18.64
N ILE B 216 -21.18 -2.84 18.72
CA ILE B 216 -22.02 -3.31 17.62
C ILE B 216 -23.42 -3.54 18.16
N PRO B 217 -24.46 -3.39 17.32
CA PRO B 217 -25.82 -3.61 17.85
C PRO B 217 -26.05 -5.00 18.41
N GLU B 218 -25.29 -5.99 17.95
CA GLU B 218 -25.57 -7.38 18.34
C GLU B 218 -25.30 -7.64 19.82
N GLU B 219 -24.47 -6.83 20.47
CA GLU B 219 -24.10 -7.10 21.85
C GLU B 219 -25.05 -6.49 22.87
N PHE B 220 -26.05 -5.72 22.43
CA PHE B 220 -27.02 -5.13 23.34
C PHE B 220 -28.17 -6.10 23.57
N LYS B 221 -28.47 -6.40 24.83
CA LYS B 221 -29.49 -7.39 25.15
C LYS B 221 -30.88 -6.89 24.82
N GLN B 222 -31.18 -5.68 25.26
CA GLN B 222 -32.53 -5.18 25.08
C GLN B 222 -32.79 -4.93 23.59
N ASP B 223 -34.10 -4.84 23.24
CA ASP B 223 -34.46 -4.70 21.85
C ASP B 223 -34.20 -3.31 21.33
N GLU B 224 -34.20 -2.32 22.22
CA GLU B 224 -33.97 -0.93 21.81
C GLU B 224 -32.83 -0.37 22.64
N ILE B 225 -31.88 0.27 21.97
CA ILE B 225 -30.73 0.91 22.62
C ILE B 225 -31.08 2.34 22.96
N GLU B 226 -30.49 2.84 24.05
CA GLU B 226 -30.66 4.21 24.48
C GLU B 226 -29.36 4.99 24.24
N PHE B 227 -29.50 6.23 23.77
CA PHE B 227 -28.34 7.06 23.49
C PHE B 227 -27.42 7.16 24.70
N GLU B 228 -28.01 7.34 25.89
CA GLU B 228 -27.21 7.47 27.09
C GLU B 228 -26.35 6.24 27.33
N ASP B 229 -26.86 5.06 26.98
CA ASP B 229 -26.10 3.83 27.21
C ASP B 229 -24.85 3.80 26.34
N VAL B 230 -24.96 4.22 25.09
CA VAL B 230 -23.79 4.25 24.19
C VAL B 230 -22.77 5.24 24.72
N VAL B 231 -23.22 6.43 25.12
CA VAL B 231 -22.31 7.43 25.68
C VAL B 231 -21.58 6.87 26.90
N GLU B 232 -22.30 6.17 27.77
CA GLU B 232 -21.69 5.69 29.01
C GLU B 232 -20.75 4.52 28.78
N LEU B 233 -20.99 3.72 27.73
CA LEU B 233 -20.08 2.62 27.43
C LEU B 233 -18.72 3.15 26.98
N VAL B 234 -18.71 4.19 26.16
CA VAL B 234 -17.46 4.82 25.76
C VAL B 234 -16.84 5.55 26.95
N GLU B 235 -17.67 6.22 27.75
CA GLU B 235 -17.15 7.02 28.86
C GLU B 235 -16.40 6.15 29.87
N ALA B 236 -16.96 4.98 30.19
CA ALA B 236 -16.30 4.10 31.15
C ALA B 236 -14.98 3.60 30.60
N THR B 237 -14.91 3.34 29.30
CA THR B 237 -13.67 2.89 28.69
C THR B 237 -12.60 3.98 28.75
N ILE B 238 -12.98 5.22 28.44
CA ILE B 238 -12.03 6.32 28.48
C ILE B 238 -11.49 6.50 29.89
N LEU B 239 -12.37 6.41 30.89
CA LEU B 239 -11.93 6.56 32.28
C LEU B 239 -10.99 5.43 32.70
N LYS B 240 -11.26 4.19 32.27
CA LYS B 240 -10.40 3.08 32.67
C LYS B 240 -9.00 3.25 32.08
N ARG B 241 -8.92 3.60 30.79
CA ARG B 241 -7.62 3.92 30.20
C ARG B 241 -6.95 5.06 30.94
N LEU B 242 -7.72 6.09 31.29
CA LEU B 242 -7.17 7.22 32.04
C LEU B 242 -6.68 6.77 33.41
N ALA B 243 -7.31 5.74 33.98
CA ALA B 243 -6.87 5.21 35.27
C ALA B 243 -5.53 4.51 35.16
N TYR B 244 -5.13 4.10 33.95
CA TYR B 244 -3.81 3.54 33.71
C TYR B 244 -2.88 4.53 33.00
N GLY B 245 -3.17 5.82 33.12
CA GLY B 245 -2.27 6.83 32.63
C GLY B 245 -2.33 7.12 31.15
N LYS B 246 -3.33 6.61 30.44
CA LYS B 246 -3.46 6.79 29.00
C LYS B 246 -4.72 7.60 28.70
N ASN B 247 -4.51 8.80 28.18
CA ASN B 247 -5.59 9.73 27.81
C ASN B 247 -5.87 9.74 26.32
N TYR B 248 -5.83 8.57 25.67
CA TYR B 248 -6.02 8.47 24.23
C TYR B 248 -6.55 7.08 23.90
N GLY B 249 -6.99 6.92 22.66
CA GLY B 249 -7.45 5.63 22.20
C GLY B 249 -8.24 5.74 20.92
N VAL B 250 -8.73 4.58 20.47
CA VAL B 250 -9.63 4.49 19.33
C VAL B 250 -10.79 3.57 19.72
N CYS B 251 -12.01 4.03 19.46
CA CYS B 251 -13.23 3.23 19.65
C CYS B 251 -13.96 3.14 18.32
N VAL B 252 -14.31 1.92 17.91
CA VAL B 252 -14.99 1.68 16.65
C VAL B 252 -16.47 1.43 16.93
N LEU B 253 -17.33 2.12 16.19
CA LEU B 253 -18.78 2.05 16.38
C LEU B 253 -19.42 1.59 15.08
N ALA B 254 -20.14 0.48 15.14
CA ALA B 254 -20.90 0.04 13.97
C ALA B 254 -22.06 1.01 13.77
N GLU B 255 -22.24 1.46 12.52
CA GLU B 255 -23.33 2.39 12.23
C GLU B 255 -24.69 1.78 12.57
N GLY B 256 -24.76 0.45 12.66
CA GLY B 256 -26.01 -0.22 12.97
C GLY B 256 -26.53 0.04 14.37
N LEU B 257 -25.72 0.62 15.26
CA LEU B 257 -26.24 1.05 16.55
C LEU B 257 -27.42 1.99 16.38
N VAL B 258 -27.38 2.82 15.33
CA VAL B 258 -28.43 3.82 15.13
C VAL B 258 -29.77 3.15 14.85
N SER B 259 -29.77 2.09 14.04
CA SER B 259 -31.00 1.44 13.64
C SER B 259 -31.59 0.53 14.72
N LYS B 260 -30.91 0.40 15.86
CA LYS B 260 -31.43 -0.30 17.03
C LYS B 260 -31.95 0.66 18.09
N MET B 261 -31.79 1.96 17.89
CA MET B 261 -32.10 2.95 18.92
C MET B 261 -33.59 3.22 19.05
N SER B 262 -34.03 3.45 20.28
CA SER B 262 -35.42 3.74 20.57
C SER B 262 -35.84 5.09 19.98
N LYS B 263 -37.14 5.37 20.05
CA LYS B 263 -37.64 6.65 19.58
C LYS B 263 -37.01 7.82 20.36
N LYS B 264 -36.93 7.68 21.68
CA LYS B 264 -36.34 8.75 22.49
C LYS B 264 -34.86 8.91 22.17
N ALA B 265 -34.15 7.79 21.98
CA ALA B 265 -32.72 7.86 21.67
C ALA B 265 -32.47 8.56 20.34
N LEU B 266 -33.34 8.35 19.35
CA LEU B 266 -33.15 9.00 18.05
C LEU B 266 -33.42 10.50 18.13
N TYR B 267 -34.36 10.92 18.98
CA TYR B 267 -34.59 12.35 19.15
C TYR B 267 -33.35 13.03 19.68
N LYS B 268 -32.68 12.40 20.67
CA LYS B 268 -31.42 12.93 21.18
C LYS B 268 -30.31 12.84 20.14
N LEU B 269 -30.31 11.78 19.33
CA LEU B 269 -29.25 11.60 18.35
C LEU B 269 -29.24 12.76 17.35
N PHE B 270 -30.42 13.19 16.90
CA PHE B 270 -30.55 14.25 15.92
C PHE B 270 -30.52 15.64 16.55
N GLY B 271 -29.99 15.77 17.76
CA GLY B 271 -29.80 17.07 18.37
C GLY B 271 -30.98 17.62 19.14
N ASN B 272 -31.76 16.76 19.81
CA ASN B 272 -32.99 17.19 20.46
C ASN B 272 -33.89 17.94 19.48
N ARG B 273 -33.85 17.51 18.23
CA ARG B 273 -34.73 17.97 17.16
C ARG B 273 -35.66 16.82 16.80
N GLU B 274 -36.72 17.13 16.07
CA GLU B 274 -37.54 16.06 15.52
C GLU B 274 -36.73 15.32 14.46
N PRO B 275 -36.63 14.00 14.52
CA PRO B 275 -35.83 13.28 13.51
C PRO B 275 -36.36 13.56 12.13
N PRO B 276 -35.47 13.77 11.16
CA PRO B 276 -35.93 14.01 9.78
C PRO B 276 -36.67 12.82 9.20
N THR B 277 -37.40 13.08 8.13
CA THR B 277 -38.22 12.07 7.49
C THR B 277 -38.28 12.36 6.00
N ASP B 278 -38.40 11.32 5.20
CA ASP B 278 -38.50 11.47 3.75
C ASP B 278 -39.96 11.70 3.38
N PRO B 279 -40.27 11.93 2.10
CA PRO B 279 -41.67 12.18 1.73
C PRO B 279 -42.63 11.11 2.19
N HIS B 280 -42.26 9.83 2.06
CA HIS B 280 -43.16 8.73 2.37
C HIS B 280 -43.24 8.40 3.85
N GLY B 281 -42.32 8.90 4.67
CA GLY B 281 -42.37 8.71 6.10
C GLY B 281 -41.27 7.87 6.72
N HIS B 282 -40.20 7.57 5.99
CA HIS B 282 -39.07 6.85 6.55
C HIS B 282 -38.09 7.83 7.20
N ILE B 283 -37.73 7.57 8.46
CA ILE B 283 -36.72 8.40 9.10
C ILE B 283 -35.42 8.30 8.31
N LEU B 284 -34.73 9.45 8.18
CA LEU B 284 -33.58 9.55 7.30
C LEU B 284 -32.31 9.32 8.13
N LEU B 285 -31.99 8.04 8.33
CA LEU B 285 -30.85 7.68 9.17
C LEU B 285 -29.51 8.02 8.52
N ASP B 286 -29.48 8.20 7.20
CA ASP B 286 -28.21 8.59 6.56
C ASP B 286 -27.77 9.95 7.07
N ASP B 287 -28.72 10.78 7.50
CA ASP B 287 -28.43 12.10 8.06
C ASP B 287 -27.98 12.05 9.50
N ALA B 288 -28.16 10.92 10.18
CA ALA B 288 -27.64 10.78 11.54
C ALA B 288 -26.13 10.82 11.53
N GLU B 289 -25.54 11.38 12.59
CA GLU B 289 -24.09 11.49 12.73
C GLU B 289 -23.71 10.93 14.09
N LEU B 290 -23.69 9.59 14.19
CA LEU B 290 -23.50 8.93 15.47
C LEU B 290 -22.20 9.36 16.14
N ALA B 291 -21.08 9.24 15.44
CA ALA B 291 -19.79 9.52 16.07
C ALA B 291 -19.69 10.97 16.52
N ARG B 292 -20.22 11.90 15.72
CA ARG B 292 -20.15 13.31 16.08
C ARG B 292 -21.01 13.60 17.31
N SER B 293 -22.23 13.07 17.33
CA SER B 293 -23.12 13.31 18.46
C SER B 293 -22.53 12.80 19.77
N LEU B 294 -21.99 11.57 19.76
CA LEU B 294 -21.38 11.02 20.97
C LEU B 294 -20.15 11.83 21.39
N SER B 295 -19.38 12.30 20.42
CA SER B 295 -18.17 13.06 20.77
C SER B 295 -18.52 14.33 21.51
N GLU B 296 -19.55 15.04 21.05
CA GLU B 296 -19.97 16.27 21.73
C GLU B 296 -20.31 15.99 23.19
N GLU B 297 -21.10 14.94 23.43
CA GLU B 297 -21.54 14.62 24.79
C GLU B 297 -20.36 14.21 25.67
N LEU B 298 -19.47 13.36 25.14
CA LEU B 298 -18.35 12.90 25.94
C LEU B 298 -17.36 14.02 26.24
N LEU B 299 -17.32 15.04 25.36
CA LEU B 299 -16.44 16.18 25.60
C LEU B 299 -16.94 17.06 26.74
N LYS B 300 -18.27 17.23 26.85
CA LYS B 300 -18.81 17.95 28.00
C LYS B 300 -18.43 17.28 29.31
N ARG B 301 -18.46 15.95 29.35
CA ARG B 301 -18.24 15.25 30.61
C ARG B 301 -16.76 15.09 30.94
N LEU B 302 -15.92 14.91 29.91
CA LEU B 302 -14.55 14.47 30.09
C LEU B 302 -13.51 15.47 29.63
N GLY B 303 -13.90 16.55 28.96
CA GLY B 303 -12.92 17.53 28.51
C GLY B 303 -12.13 18.12 29.65
N ASN B 304 -12.77 18.32 30.81
CA ASN B 304 -12.10 18.90 31.97
C ASN B 304 -10.99 18.00 32.49
N LEU B 305 -11.02 16.71 32.20
CA LEU B 305 -9.99 15.78 32.64
C LEU B 305 -8.78 15.75 31.70
N GLY B 306 -8.79 16.56 30.65
CA GLY B 306 -7.72 16.51 29.66
C GLY B 306 -7.99 15.59 28.49
N ILE B 307 -9.25 15.28 28.20
CA ILE B 307 -9.63 14.37 27.13
C ILE B 307 -10.17 15.18 25.97
N ARG B 308 -9.65 14.93 24.77
CA ARG B 308 -10.21 15.43 23.53
C ARG B 308 -10.68 14.26 22.68
N ILE B 309 -11.82 14.43 22.01
CA ILE B 309 -12.46 13.35 21.25
C ILE B 309 -12.85 13.88 19.88
N THR B 310 -12.58 13.08 18.85
CA THR B 310 -12.78 13.48 17.45
C THR B 310 -13.46 12.35 16.69
N PRO B 311 -14.50 12.63 15.91
CA PRO B 311 -15.13 11.58 15.10
C PRO B 311 -14.51 11.42 13.72
N LYS B 312 -14.62 10.20 13.20
CA LYS B 312 -14.08 9.87 11.89
C LYS B 312 -14.93 8.76 11.28
N LYS B 313 -15.35 8.95 10.02
CA LYS B 313 -16.16 7.96 9.33
C LYS B 313 -15.29 7.18 8.33
N ILE B 314 -15.52 5.87 8.28
CA ILE B 314 -14.83 4.97 7.35
C ILE B 314 -15.93 4.25 6.58
N GLY B 315 -16.03 4.51 5.28
CA GLY B 315 -17.09 3.90 4.50
C GLY B 315 -16.88 3.88 3.00
N TYR B 316 -17.10 5.02 2.33
CA TYR B 316 -17.15 5.02 0.88
C TYR B 316 -15.79 4.73 0.25
N GLU B 317 -14.69 5.01 0.96
CA GLU B 317 -13.37 4.71 0.42
C GLU B 317 -13.05 3.22 0.43
N LEU B 318 -13.88 2.37 1.04
CA LEU B 318 -13.64 0.94 1.06
C LEU B 318 -14.32 0.22 -0.09
N ARG B 319 -15.40 0.78 -0.63
CA ARG B 319 -16.29 0.02 -1.53
C ARG B 319 -15.59 -0.36 -2.83
N CYS B 320 -14.73 0.51 -3.36
CA CYS B 320 -14.10 0.28 -4.66
C CYS B 320 -12.58 0.20 -4.56
N ALA B 321 -12.05 -0.12 -3.38
CA ALA B 321 -10.65 -0.49 -3.28
C ALA B 321 -10.36 -1.69 -4.17
N ASP B 322 -9.12 -1.77 -4.67
CA ASP B 322 -8.72 -2.94 -5.45
C ASP B 322 -8.80 -4.18 -4.58
N PRO B 323 -9.25 -5.32 -5.14
CA PRO B 323 -9.44 -6.51 -4.30
C PRO B 323 -8.11 -7.07 -3.82
N VAL B 324 -8.11 -7.56 -2.57
CA VAL B 324 -6.97 -8.30 -2.04
C VAL B 324 -6.99 -9.69 -2.65
N ALA B 325 -5.91 -10.45 -2.48
CA ALA B 325 -5.77 -11.72 -3.17
C ALA B 325 -6.90 -12.68 -2.82
N PHE B 326 -7.34 -12.69 -1.57
CA PHE B 326 -8.41 -13.60 -1.17
C PHE B 326 -9.68 -13.34 -1.98
N ASP B 327 -9.98 -12.07 -2.23
CA ASP B 327 -11.18 -11.75 -3.00
C ASP B 327 -10.98 -11.90 -4.50
N ALA B 328 -9.74 -11.80 -4.98
CA ALA B 328 -9.50 -12.05 -6.40
C ALA B 328 -9.75 -13.52 -6.73
N VAL B 329 -9.27 -14.43 -5.87
CA VAL B 329 -9.57 -15.85 -6.04
C VAL B 329 -11.05 -16.11 -5.83
N TYR B 330 -11.63 -15.51 -4.77
CA TYR B 330 -13.03 -15.74 -4.45
C TYR B 330 -13.92 -15.42 -5.64
N THR B 331 -13.80 -14.21 -6.19
CA THR B 331 -14.69 -13.78 -7.27
C THR B 331 -14.37 -14.47 -8.58
N ARG B 332 -13.13 -14.96 -8.76
CA ARG B 332 -12.85 -15.79 -9.93
C ARG B 332 -13.62 -17.10 -9.87
N GLU B 333 -13.64 -17.74 -8.71
CA GLU B 333 -14.37 -18.99 -8.56
C GLU B 333 -15.87 -18.78 -8.64
N LEU B 334 -16.36 -17.60 -8.24
CA LEU B 334 -17.79 -17.33 -8.34
C LEU B 334 -18.20 -17.11 -9.80
N GLY B 335 -17.44 -16.28 -10.52
CA GLY B 335 -17.74 -16.08 -11.94
C GLY B 335 -17.73 -17.40 -12.70
N TYR B 336 -16.75 -18.25 -12.41
CA TYR B 336 -16.74 -19.59 -12.99
C TYR B 336 -17.99 -20.35 -12.61
N GLY B 337 -18.35 -20.33 -11.32
CA GLY B 337 -19.48 -21.12 -10.85
C GLY B 337 -20.81 -20.68 -11.44
N ALA B 338 -20.93 -19.41 -11.82
CA ALA B 338 -22.14 -18.96 -12.49
C ALA B 338 -22.25 -19.59 -13.87
N ILE B 339 -21.14 -19.61 -14.62
CA ILE B 339 -21.15 -20.26 -15.93
C ILE B 339 -21.42 -21.75 -15.77
N ASP B 340 -20.83 -22.37 -14.74
CA ASP B 340 -21.06 -23.79 -14.50
C ASP B 340 -22.52 -24.07 -14.20
N ALA B 341 -23.17 -23.18 -13.44
CA ALA B 341 -24.57 -23.37 -13.13
C ALA B 341 -25.44 -23.24 -14.38
N PHE B 342 -25.12 -22.29 -15.26
CA PHE B 342 -25.87 -22.18 -16.51
C PHE B 342 -25.76 -23.47 -17.31
N LEU B 343 -24.54 -24.01 -17.42
CA LEU B 343 -24.33 -25.22 -18.20
C LEU B 343 -25.06 -26.40 -17.59
N ASN B 344 -25.19 -26.44 -16.27
CA ASN B 344 -25.82 -27.55 -15.59
C ASN B 344 -27.34 -27.39 -15.45
N GLY B 345 -27.91 -26.42 -16.16
CA GLY B 345 -29.36 -26.27 -16.23
C GLY B 345 -30.01 -25.62 -15.04
N HIS B 346 -29.23 -25.02 -14.15
CA HIS B 346 -29.78 -24.39 -12.96
C HIS B 346 -30.40 -23.04 -13.28
N SER B 347 -31.36 -22.64 -12.44
CA SER B 347 -32.01 -21.34 -12.57
C SER B 347 -32.63 -20.98 -11.24
N ALA B 348 -32.87 -19.69 -11.05
CA ALA B 348 -33.35 -19.15 -9.77
C ALA B 348 -32.47 -19.66 -8.62
N ALA B 349 -31.16 -19.60 -8.83
CA ALA B 349 -30.18 -20.06 -7.85
C ALA B 349 -29.19 -18.95 -7.58
N LEU B 350 -28.48 -19.08 -6.47
CA LEU B 350 -27.47 -18.12 -6.05
C LEU B 350 -26.13 -18.85 -5.97
N ILE B 351 -25.12 -18.32 -6.65
CA ILE B 351 -23.79 -18.93 -6.61
C ILE B 351 -23.12 -18.56 -5.29
N VAL B 352 -22.85 -19.56 -4.46
CA VAL B 352 -22.23 -19.35 -3.16
C VAL B 352 -21.09 -20.36 -3.02
N ARG B 353 -20.14 -20.05 -2.14
CA ARG B 353 -19.02 -20.93 -1.88
C ARG B 353 -19.18 -21.53 -0.48
N GLU B 354 -19.02 -22.85 -0.39
CA GLU B 354 -19.20 -23.58 0.85
C GLU B 354 -18.05 -24.56 1.02
N ASN B 355 -17.28 -24.40 2.09
CA ASN B 355 -16.20 -25.32 2.38
C ASN B 355 -15.32 -25.55 1.16
N GLY B 356 -14.98 -24.44 0.48
CA GLY B 356 -14.11 -24.49 -0.67
C GLY B 356 -14.73 -24.99 -1.96
N GLN B 357 -16.06 -25.11 -2.03
CA GLN B 357 -16.74 -25.59 -3.22
C GLN B 357 -17.78 -24.56 -3.65
N VAL B 358 -17.67 -24.09 -4.89
CA VAL B 358 -18.68 -23.21 -5.47
C VAL B 358 -19.81 -24.04 -6.03
N LYS B 359 -21.05 -23.69 -5.68
CA LYS B 359 -22.22 -24.44 -6.12
C LYS B 359 -23.42 -23.51 -6.13
N PRO B 360 -24.41 -23.79 -6.98
CA PRO B 360 -25.67 -23.01 -6.94
C PRO B 360 -26.59 -23.47 -5.82
N VAL B 361 -27.28 -22.52 -5.21
CA VAL B 361 -28.19 -22.76 -4.10
C VAL B 361 -29.48 -22.01 -4.37
N GLN B 362 -30.60 -22.73 -4.41
CA GLN B 362 -31.87 -22.13 -4.84
C GLN B 362 -32.27 -20.98 -3.92
N PHE B 363 -32.82 -19.93 -4.54
CA PHE B 363 -33.18 -18.72 -3.79
C PHE B 363 -34.19 -19.03 -2.69
N LYS B 364 -35.17 -19.89 -2.97
CA LYS B 364 -36.19 -20.19 -1.96
C LYS B 364 -35.58 -20.94 -0.78
N ASP B 365 -34.54 -21.74 -1.02
CA ASP B 365 -33.90 -22.47 0.07
C ASP B 365 -33.23 -21.54 1.09
N LEU B 366 -32.95 -20.30 0.72
CA LEU B 366 -32.21 -19.36 1.57
C LEU B 366 -33.13 -18.37 2.27
N LEU B 367 -34.40 -18.34 1.92
CA LEU B 367 -35.35 -17.40 2.51
C LEU B 367 -35.66 -17.75 3.96
N ASP B 368 -35.95 -16.71 4.74
CA ASP B 368 -36.50 -16.89 6.08
C ASP B 368 -38.01 -17.05 5.96
N PRO B 369 -38.59 -18.19 6.32
CA PRO B 369 -40.04 -18.38 6.11
C PRO B 369 -40.91 -17.35 6.81
N ALA B 370 -40.44 -16.73 7.89
CA ALA B 370 -41.25 -15.76 8.61
C ALA B 370 -41.32 -14.42 7.89
N THR B 371 -40.31 -14.10 7.08
CA THR B 371 -40.18 -12.78 6.46
C THR B 371 -40.38 -12.80 4.95
N GLY B 372 -40.04 -13.90 4.28
CA GLY B 372 -39.99 -13.92 2.83
C GLY B 372 -38.73 -13.35 2.23
N ARG B 373 -37.85 -12.73 3.02
CA ARG B 373 -36.56 -12.27 2.52
C ARG B 373 -35.44 -13.20 2.97
N VAL B 374 -34.28 -13.06 2.32
CA VAL B 374 -33.12 -13.83 2.68
C VAL B 374 -32.78 -13.57 4.14
N ARG B 375 -32.40 -14.63 4.85
CA ARG B 375 -32.06 -14.50 6.27
C ARG B 375 -30.73 -13.75 6.42
N THR B 376 -30.67 -12.86 7.41
CA THR B 376 -29.52 -12.00 7.64
C THR B 376 -28.65 -12.59 8.73
N ARG B 377 -27.38 -12.84 8.41
CA ARG B 377 -26.41 -13.34 9.39
C ARG B 377 -25.72 -12.18 10.09
N LEU B 378 -25.88 -12.13 11.41
CA LEU B 378 -25.24 -11.13 12.25
C LEU B 378 -24.06 -11.74 13.01
N VAL B 379 -23.32 -10.88 13.71
CA VAL B 379 -22.25 -11.36 14.57
C VAL B 379 -22.83 -12.24 15.65
N ASP B 380 -22.24 -13.42 15.82
CA ASP B 380 -22.64 -14.36 16.88
C ASP B 380 -21.82 -14.02 18.11
N VAL B 381 -22.43 -13.29 19.06
CA VAL B 381 -21.71 -12.81 20.23
C VAL B 381 -21.48 -13.88 21.27
N THR B 382 -22.00 -15.09 21.08
CA THR B 382 -21.69 -16.21 21.96
C THR B 382 -20.50 -17.03 21.45
N SER B 383 -20.09 -16.83 20.20
CA SER B 383 -19.02 -17.60 19.62
C SER B 383 -17.69 -17.33 20.35
N GLN B 384 -16.73 -18.20 20.11
CA GLN B 384 -15.42 -18.04 20.73
C GLN B 384 -14.70 -16.83 20.16
N SER B 385 -14.87 -16.56 18.86
CA SER B 385 -14.21 -15.42 18.24
C SER B 385 -14.60 -14.10 18.90
N PHE B 386 -15.88 -13.94 19.25
CA PHE B 386 -16.31 -12.67 19.83
C PHE B 386 -15.77 -12.51 21.25
N LYS B 387 -15.73 -13.60 22.03
CA LYS B 387 -15.20 -13.50 23.38
C LYS B 387 -13.71 -13.18 23.36
N VAL B 388 -12.98 -13.67 22.35
CA VAL B 388 -11.56 -13.33 22.23
C VAL B 388 -11.40 -11.86 21.89
N ALA B 389 -12.15 -11.37 20.91
CA ALA B 389 -12.10 -9.94 20.59
C ALA B 389 -12.36 -9.09 21.82
N ARG B 390 -13.29 -9.53 22.67
CA ARG B 390 -13.67 -8.75 23.84
C ARG B 390 -12.58 -8.75 24.90
N VAL B 391 -11.75 -9.80 24.94
CA VAL B 391 -10.67 -9.87 25.93
C VAL B 391 -9.66 -8.74 25.72
N TYR B 392 -9.37 -8.41 24.46
CA TYR B 392 -8.34 -7.45 24.14
C TYR B 392 -8.85 -6.02 24.05
N MET B 393 -10.12 -5.79 24.39
CA MET B 393 -10.66 -4.45 24.51
C MET B 393 -10.45 -3.91 25.93
N TRP B 394 -10.48 -2.58 26.04
CA TRP B 394 -10.49 -1.91 27.34
C TRP B 394 -11.93 -1.62 27.73
N ARG B 395 -12.37 -2.21 28.84
CA ARG B 395 -13.76 -2.09 29.27
C ARG B 395 -13.88 -2.57 30.70
N MET B 396 -14.99 -2.19 31.34
CA MET B 396 -15.30 -2.62 32.69
C MET B 396 -16.23 -3.83 32.62
N SER B 397 -15.70 -5.00 32.98
CA SER B 397 -16.46 -6.23 32.96
C SER B 397 -17.27 -6.36 34.25
N LYS B 398 -18.06 -7.43 34.34
CA LYS B 398 -18.77 -7.73 35.59
C LYS B 398 -17.79 -7.82 36.75
N LYS B 399 -16.77 -8.66 36.61
CA LYS B 399 -15.78 -8.81 37.68
C LYS B 399 -15.07 -7.50 37.97
N ASP B 400 -14.82 -6.70 36.94
CA ASP B 400 -14.12 -5.43 37.14
C ASP B 400 -14.90 -4.49 38.05
N TYR B 401 -16.22 -4.43 37.89
CA TYR B 401 -17.03 -3.57 38.74
C TYR B 401 -17.03 -4.02 40.19
N GLU B 402 -16.74 -5.29 40.46
CA GLU B 402 -16.67 -5.80 41.83
C GLU B 402 -15.30 -5.60 42.46
N ASN B 403 -14.30 -5.18 41.68
CA ASN B 403 -12.94 -4.97 42.18
C ASN B 403 -12.86 -3.55 42.71
N LYS B 404 -12.90 -3.41 44.05
CA LYS B 404 -12.93 -2.09 44.66
C LYS B 404 -11.62 -1.32 44.46
N ASP B 405 -10.49 -2.02 44.39
CA ASP B 405 -9.24 -1.32 44.10
C ASP B 405 -9.32 -0.64 42.74
N LEU B 406 -9.87 -1.33 41.74
CA LEU B 406 -9.98 -0.79 40.40
C LEU B 406 -11.01 0.33 40.34
N VAL B 407 -12.18 0.12 40.94
CA VAL B 407 -13.23 1.13 40.88
C VAL B 407 -12.77 2.44 41.52
N ALA B 408 -11.95 2.36 42.57
CA ALA B 408 -11.43 3.57 43.19
C ALA B 408 -10.44 4.28 42.26
N ARG B 409 -9.62 3.51 41.55
CA ARG B 409 -8.65 4.10 40.64
C ARG B 409 -9.34 4.79 39.48
N VAL B 410 -10.36 4.15 38.91
CA VAL B 410 -11.09 4.73 37.78
C VAL B 410 -11.87 5.95 38.22
N ALA B 411 -12.62 5.84 39.32
CA ALA B 411 -13.37 6.98 39.82
C ALA B 411 -12.49 8.20 40.03
N ALA B 412 -11.30 7.99 40.60
CA ALA B 412 -10.38 9.11 40.80
C ALA B 412 -9.94 9.72 39.48
N ALA B 413 -9.71 8.87 38.46
CA ALA B 413 -9.37 9.39 37.15
C ALA B 413 -10.48 10.30 36.63
N GLY B 414 -11.73 9.97 36.92
CA GLY B 414 -12.87 10.77 36.52
C GLY B 414 -13.29 11.81 37.53
N LYS B 415 -12.50 12.04 38.58
CA LYS B 415 -12.81 13.03 39.61
C LYS B 415 -14.22 12.85 40.16
N MET B 416 -14.50 11.63 40.61
CA MET B 416 -15.77 11.30 41.25
C MET B 416 -15.51 10.26 42.32
N THR B 417 -16.45 10.15 43.25
CA THR B 417 -16.30 9.20 44.34
C THR B 417 -16.50 7.78 43.83
N PRO B 418 -15.94 6.78 44.52
CA PRO B 418 -16.19 5.39 44.10
C PRO B 418 -17.66 5.03 44.09
N GLU B 419 -18.44 5.56 45.03
CA GLU B 419 -19.87 5.31 45.05
C GLU B 419 -20.55 6.01 43.88
N ALA B 420 -20.08 7.21 43.53
CA ALA B 420 -20.64 7.92 42.38
C ALA B 420 -20.38 7.16 41.09
N PHE B 421 -19.16 6.63 40.93
CA PHE B 421 -18.83 5.85 39.75
C PHE B 421 -19.70 4.61 39.63
N THR B 422 -19.80 3.84 40.72
CA THR B 422 -20.63 2.64 40.69
C THR B 422 -22.08 2.99 40.38
N GLU B 423 -22.58 4.09 40.95
CA GLU B 423 -23.98 4.47 40.73
C GLU B 423 -24.25 4.80 39.27
N LYS B 424 -23.29 5.39 38.57
CA LYS B 424 -23.53 5.89 37.22
C LYS B 424 -23.32 4.80 36.16
N PHE B 425 -22.27 4.00 36.30
CA PHE B 425 -21.84 3.10 35.23
C PHE B 425 -22.17 1.63 35.48
N ALA B 426 -22.41 1.24 36.73
CA ALA B 426 -22.54 -0.18 37.05
C ALA B 426 -23.69 -0.85 36.32
N HIS B 427 -24.76 -0.11 36.01
CA HIS B 427 -25.90 -0.71 35.35
C HIS B 427 -25.58 -1.19 33.93
N LEU B 428 -24.45 -0.78 33.37
CA LEU B 428 -24.11 -1.13 31.99
C LEU B 428 -23.91 -2.62 31.80
N THR B 429 -23.70 -3.38 32.88
CA THR B 429 -23.53 -4.82 32.76
C THR B 429 -24.83 -5.52 32.36
N ASP B 430 -25.96 -4.85 32.52
CA ASP B 430 -27.25 -5.34 32.04
C ASP B 430 -27.60 -4.80 30.67
N VAL B 431 -26.74 -3.97 30.08
CA VAL B 431 -27.00 -3.41 28.76
C VAL B 431 -26.43 -4.30 27.65
N VAL B 432 -25.27 -4.89 27.88
CA VAL B 432 -24.58 -5.67 26.85
C VAL B 432 -24.21 -7.03 27.40
N VAL B 433 -24.16 -8.02 26.50
CA VAL B 433 -23.75 -9.36 26.89
C VAL B 433 -22.30 -9.29 27.39
N GLU B 434 -21.99 -10.15 28.37
CA GLU B 434 -20.67 -10.13 28.98
C GLU B 434 -19.90 -11.40 28.66
N GLU C 12 31.64 14.35 31.55
CA GLU C 12 30.84 13.49 30.69
C GLU C 12 30.54 14.16 29.35
N ALA C 13 29.64 13.53 28.57
CA ALA C 13 29.32 13.90 27.20
C ALA C 13 28.24 14.97 27.15
N PRO C 14 28.24 15.82 26.12
CA PRO C 14 27.19 16.84 26.01
C PRO C 14 25.83 16.19 25.86
N VAL C 15 24.81 16.83 26.42
CA VAL C 15 23.45 16.31 26.41
C VAL C 15 22.65 17.07 25.36
N LEU C 16 22.06 16.32 24.43
CA LEU C 16 21.10 16.83 23.46
C LEU C 16 19.71 16.36 23.87
N GLY C 17 18.81 17.31 24.08
CA GLY C 17 17.42 17.02 24.41
C GLY C 17 16.53 17.35 23.23
N ILE C 18 15.55 16.49 22.96
CA ILE C 18 14.67 16.63 21.81
C ILE C 18 13.23 16.51 22.26
N LEU C 19 12.36 17.39 21.75
CA LEU C 19 10.94 17.28 21.97
C LEU C 19 10.20 17.68 20.70
N CYS C 20 8.92 17.28 20.64
CA CYS C 20 8.04 17.63 19.54
C CYS C 20 6.84 18.40 20.05
N GLY C 21 6.45 19.44 19.33
CA GLY C 21 5.25 20.19 19.64
C GLY C 21 4.35 20.28 18.43
N GLY C 22 3.08 20.57 18.70
CA GLY C 22 2.10 20.71 17.64
C GLY C 22 1.54 19.39 17.16
N GLY C 23 0.86 19.45 16.02
CA GLY C 23 0.32 18.26 15.43
C GLY C 23 1.38 17.47 14.70
N PRO C 24 1.25 16.14 14.69
CA PRO C 24 2.25 15.32 14.00
C PRO C 24 2.20 15.54 12.49
N ALA C 25 3.33 15.21 11.87
CA ALA C 25 3.46 15.18 10.41
C ALA C 25 4.37 14.01 10.06
N PRO C 26 4.12 13.34 8.92
CA PRO C 26 4.98 12.21 8.56
C PRO C 26 6.43 12.65 8.40
N GLY C 27 7.32 11.94 9.08
CA GLY C 27 8.74 12.24 9.03
C GLY C 27 9.32 12.77 10.32
N LEU C 28 8.49 13.11 11.30
CA LEU C 28 9.00 13.53 12.60
C LEU C 28 10.06 12.55 13.11
N ASN C 29 9.73 11.25 13.11
CA ASN C 29 10.69 10.24 13.57
C ASN C 29 11.99 10.30 12.77
N GLY C 30 11.92 10.65 11.49
CA GLY C 30 13.12 10.76 10.69
C GLY C 30 14.03 11.88 11.15
N VAL C 31 13.43 13.00 11.60
CA VAL C 31 14.23 14.08 12.15
C VAL C 31 14.86 13.65 13.48
N ILE C 32 14.09 12.94 14.31
CA ILE C 32 14.63 12.50 15.59
C ILE C 32 15.79 11.55 15.38
N ALA C 33 15.67 10.65 14.40
CA ALA C 33 16.72 9.65 14.18
C ALA C 33 17.93 10.24 13.47
N GLY C 34 17.72 11.19 12.57
CA GLY C 34 18.85 11.83 11.92
C GLY C 34 19.69 12.63 12.89
N ALA C 35 19.05 13.41 13.75
CA ALA C 35 19.77 14.15 14.77
C ALA C 35 20.43 13.20 15.77
N THR C 36 19.69 12.18 16.22
CA THR C 36 20.19 11.32 17.29
C THR C 36 21.37 10.48 16.82
N LEU C 37 21.27 9.87 15.63
CA LEU C 37 22.33 8.98 15.16
C LEU C 37 23.63 9.74 14.95
N TYR C 38 23.56 10.92 14.32
CA TYR C 38 24.77 11.72 14.12
C TYR C 38 25.36 12.16 15.46
N ALA C 39 24.50 12.59 16.39
CA ALA C 39 24.99 13.00 17.70
C ALA C 39 25.67 11.85 18.43
N LEU C 40 25.13 10.63 18.30
CA LEU C 40 25.73 9.48 18.98
C LEU C 40 27.10 9.16 18.41
N ARG C 41 27.30 9.36 17.11
CA ARG C 41 28.63 9.18 16.54
C ARG C 41 29.61 10.21 17.06
N LEU C 42 29.10 11.40 17.44
CA LEU C 42 29.93 12.42 18.06
C LEU C 42 30.17 12.17 19.55
N GLY C 43 29.59 11.11 20.11
CA GLY C 43 29.74 10.81 21.52
C GLY C 43 28.76 11.53 22.42
N TRP C 44 27.78 12.24 21.87
CA TRP C 44 26.81 12.93 22.68
C TRP C 44 25.86 11.95 23.36
N LYS C 45 25.25 12.41 24.45
CA LYS C 45 24.13 11.74 25.11
C LYS C 45 22.85 12.40 24.62
N VAL C 46 21.87 11.60 24.23
CA VAL C 46 20.63 12.12 23.65
C VAL C 46 19.45 11.64 24.50
N ILE C 47 18.60 12.59 24.89
CA ILE C 47 17.39 12.32 25.65
C ILE C 47 16.22 12.92 24.89
N GLY C 48 15.04 12.34 25.11
CA GLY C 48 13.82 12.84 24.48
C GLY C 48 12.71 13.10 25.48
N PHE C 49 12.21 14.33 25.50
CA PHE C 49 11.07 14.67 26.34
C PHE C 49 9.77 14.20 25.70
N MET C 50 8.96 13.49 26.47
CA MET C 50 7.67 13.03 25.97
C MET C 50 6.65 14.16 26.02
N GLU C 51 5.83 14.24 24.98
CA GLU C 51 4.73 15.22 24.92
C GLU C 51 5.25 16.65 25.05
N GLY C 52 6.30 16.96 24.28
CA GLY C 52 6.75 18.33 24.15
C GLY C 52 7.10 18.97 25.47
N PHE C 53 6.57 20.17 25.67
CA PHE C 53 6.84 20.97 26.87
C PHE C 53 5.90 20.64 28.02
N LYS C 54 5.06 19.61 27.87
CA LYS C 54 4.00 19.36 28.83
C LYS C 54 4.57 19.16 30.24
N TYR C 55 5.59 18.32 30.38
CA TYR C 55 6.15 18.03 31.70
C TYR C 55 7.30 18.94 32.07
N LEU C 56 8.02 19.50 31.08
CA LEU C 56 9.00 20.54 31.40
C LEU C 56 8.32 21.76 31.99
N CYS C 57 7.02 21.94 31.74
CA CYS C 57 6.30 23.09 32.27
C CYS C 57 5.99 22.94 33.76
N THR C 58 6.01 21.72 34.30
CA THR C 58 5.66 21.55 35.70
C THR C 58 6.74 22.06 36.65
N GLY C 59 8.00 22.06 36.20
CA GLY C 59 9.11 22.41 37.05
C GLY C 59 9.53 21.33 38.03
N ASP C 60 8.74 20.28 38.20
CA ASP C 60 9.09 19.17 39.09
C ASP C 60 10.05 18.25 38.33
N VAL C 61 11.30 18.17 38.79
CA VAL C 61 12.30 17.43 38.03
C VAL C 61 12.06 15.93 38.10
N ASP C 62 11.41 15.44 39.16
CA ASP C 62 11.07 14.02 39.21
C ASP C 62 10.02 13.68 38.17
N VAL C 63 9.05 14.59 37.96
CA VAL C 63 8.03 14.37 36.93
C VAL C 63 8.67 14.36 35.55
N VAL C 64 9.57 15.31 35.28
CA VAL C 64 10.23 15.36 33.98
C VAL C 64 11.01 14.08 33.73
N LYS C 65 11.78 13.63 34.73
CA LYS C 65 12.57 12.42 34.54
C LYS C 65 11.69 11.20 34.32
N ALA C 66 10.50 11.18 34.93
CA ALA C 66 9.58 10.07 34.71
C ALA C 66 8.94 10.10 33.33
N HIS C 67 9.09 11.20 32.60
CA HIS C 67 8.56 11.35 31.25
C HIS C 67 9.64 11.86 30.31
N THR C 68 10.87 11.42 30.53
CA THR C 68 11.94 11.53 29.56
C THR C 68 12.57 10.15 29.38
N ILE C 69 13.14 9.92 28.20
CA ILE C 69 13.71 8.64 27.85
C ILE C 69 15.07 8.86 27.21
N ASP C 70 15.91 7.83 27.29
CA ASP C 70 17.24 7.86 26.71
C ASP C 70 17.12 7.43 25.26
N LEU C 71 17.38 8.36 24.34
CA LEU C 71 17.33 8.05 22.91
C LEU C 71 18.68 7.43 22.55
N THR C 72 18.68 6.11 22.42
CA THR C 72 19.89 5.34 22.16
C THR C 72 19.86 4.86 20.71
N TYR C 73 21.00 4.31 20.28
CA TYR C 73 21.08 3.78 18.92
C TYR C 73 19.94 2.80 18.69
N ASP C 74 19.73 1.88 19.63
CA ASP C 74 18.72 0.84 19.46
C ASP C 74 17.31 1.42 19.38
N ILE C 75 17.06 2.55 20.04
CA ILE C 75 15.72 3.13 20.00
C ILE C 75 15.42 3.70 18.62
N VAL C 76 16.39 4.37 17.99
CA VAL C 76 16.15 5.20 16.82
C VAL C 76 16.61 4.56 15.52
N SER C 77 17.26 3.40 15.59
CA SER C 77 17.91 2.87 14.40
C SER C 77 16.92 2.59 13.28
N ARG C 78 15.68 2.23 13.61
CA ARG C 78 14.72 1.81 12.60
C ARG C 78 13.40 2.57 12.69
N ILE C 79 13.39 3.75 13.30
CA ILE C 79 12.16 4.54 13.36
C ILE C 79 11.96 5.43 12.14
N HIS C 80 12.92 5.48 11.23
CA HIS C 80 12.73 6.28 10.02
C HIS C 80 11.66 5.70 9.10
N PHE C 81 11.22 4.47 9.34
CA PHE C 81 10.12 3.90 8.58
C PHE C 81 8.75 4.29 9.13
N GLN C 82 8.69 4.78 10.36
CA GLN C 82 7.43 4.86 11.11
C GLN C 82 6.91 6.28 11.13
N GLY C 83 5.61 6.42 10.89
CA GLY C 83 4.94 7.70 11.08
C GLY C 83 4.72 8.01 12.53
N GLY C 84 4.31 9.26 12.78
CA GLY C 84 4.11 9.70 14.15
C GLY C 84 5.43 10.11 14.79
N THR C 85 5.42 10.15 16.11
CA THR C 85 6.61 10.47 16.89
C THR C 85 6.67 9.56 18.11
N ILE C 86 7.81 8.88 18.29
CA ILE C 86 7.96 7.95 19.40
C ILE C 86 8.01 8.66 20.74
N ILE C 87 8.38 9.94 20.76
CA ILE C 87 8.36 10.73 21.99
C ILE C 87 7.09 11.55 22.09
N GLN C 88 6.08 11.26 21.25
CA GLN C 88 4.80 11.93 21.34
C GLN C 88 4.95 13.42 21.12
N THR C 89 3.86 14.17 21.31
CA THR C 89 3.88 15.61 21.10
C THR C 89 2.77 16.21 21.96
N SER C 90 2.79 17.54 22.05
CA SER C 90 1.81 18.26 22.83
C SER C 90 1.79 19.70 22.35
N ARG C 91 0.70 20.39 22.66
CA ARG C 91 0.59 21.82 22.39
C ARG C 91 0.81 22.64 23.65
N ALA C 92 1.29 22.02 24.73
CA ALA C 92 1.71 22.77 25.90
C ALA C 92 2.68 23.86 25.47
N ASN C 93 2.37 25.11 25.82
CA ASN C 93 3.06 26.27 25.28
C ASN C 93 3.54 27.13 26.44
N PRO C 94 4.80 26.95 26.87
CA PRO C 94 5.31 27.76 27.99
C PRO C 94 5.50 29.22 27.63
N ARG C 95 5.31 29.61 26.37
CA ARG C 95 5.59 31.00 25.99
C ARG C 95 4.60 31.96 26.64
N LYS C 96 3.41 31.47 27.02
CA LYS C 96 2.43 32.37 27.61
C LYS C 96 2.79 32.77 29.03
N SER C 97 3.68 32.01 29.70
CA SER C 97 4.06 32.34 31.07
C SER C 97 5.54 32.06 31.33
N PRO C 98 6.23 33.00 31.99
CA PRO C 98 7.62 32.82 32.41
C PRO C 98 7.70 31.95 33.64
N GLU C 99 6.63 31.94 34.44
CA GLU C 99 6.58 30.98 35.53
C GLU C 99 6.75 29.58 34.97
N LEU C 100 6.09 29.31 33.83
CA LEU C 100 6.32 28.05 33.13
C LEU C 100 7.69 28.05 32.45
N GLN C 101 8.08 29.15 31.80
CA GLN C 101 9.36 29.18 31.11
C GLN C 101 10.51 28.90 32.06
N GLU C 102 10.44 29.46 33.28
CA GLU C 102 11.50 29.26 34.26
C GLU C 102 11.45 27.85 34.83
N ASN C 103 10.27 27.23 34.82
CA ASN C 103 10.18 25.82 35.16
C ASN C 103 10.93 24.98 34.12
N VAL C 104 10.71 25.29 32.84
CA VAL C 104 11.44 24.61 31.78
C VAL C 104 12.93 24.88 31.91
N ARG C 105 13.30 26.13 32.20
CA ARG C 105 14.71 26.45 32.40
C ARG C 105 15.29 25.66 33.57
N LYS C 106 14.51 25.51 34.64
CA LYS C 106 15.00 24.80 35.82
C LYS C 106 15.26 23.33 35.51
N CYS C 107 14.41 22.72 34.68
CA CYS C 107 14.56 21.31 34.35
C CYS C 107 15.66 21.09 33.34
N LEU C 108 15.85 22.03 32.41
CA LEU C 108 16.92 21.89 31.43
C LEU C 108 18.29 22.04 32.08
N ARG C 109 18.43 23.01 32.99
CA ARG C 109 19.67 23.14 33.74
C ARG C 109 19.95 21.90 34.58
N ALA C 110 18.92 21.38 35.26
CA ALA C 110 19.13 20.18 36.08
C ALA C 110 19.59 19.01 35.24
N LEU C 111 19.01 18.84 34.04
CA LEU C 111 19.40 17.76 33.15
C LEU C 111 20.65 18.10 32.35
N LYS C 112 21.18 19.31 32.49
CA LYS C 112 22.42 19.71 31.85
C LYS C 112 22.31 19.62 30.32
N VAL C 113 21.16 19.99 29.78
CA VAL C 113 20.96 20.04 28.35
C VAL C 113 21.85 21.14 27.78
N ARG C 114 22.83 20.74 26.97
CA ARG C 114 23.67 21.69 26.24
C ARG C 114 23.05 22.08 24.91
N TYR C 115 22.41 21.14 24.23
CA TYR C 115 21.78 21.36 22.93
C TYR C 115 20.31 20.96 23.01
N PHE C 116 19.44 21.87 22.59
CA PHE C 116 17.99 21.70 22.72
C PHE C 116 17.35 21.82 21.35
N LEU C 117 16.79 20.71 20.85
CA LEU C 117 16.18 20.67 19.53
C LEU C 117 14.68 20.44 19.68
N THR C 118 13.88 21.40 19.21
CA THR C 118 12.43 21.28 19.18
C THR C 118 11.95 21.14 17.73
N ILE C 119 11.01 20.23 17.51
CA ILE C 119 10.42 20.00 16.19
C ILE C 119 8.94 20.32 16.33
N GLY C 120 8.50 21.43 15.76
CA GLY C 120 7.12 21.86 15.99
C GLY C 120 6.79 23.08 15.16
N GLY C 121 5.57 23.58 15.40
CA GLY C 121 5.06 24.73 14.72
C GLY C 121 5.59 26.03 15.31
N ASP C 122 4.86 27.11 15.03
CA ASP C 122 5.31 28.43 15.47
C ASP C 122 5.31 28.52 17.00
N ASP C 123 4.28 28.01 17.65
CA ASP C 123 4.22 28.05 19.11
C ASP C 123 5.38 27.30 19.73
N THR C 124 5.78 26.18 19.13
CA THR C 124 6.86 25.38 19.69
C THR C 124 8.21 26.07 19.50
N ALA C 125 8.46 26.61 18.31
CA ALA C 125 9.71 27.31 18.06
C ALA C 125 9.81 28.55 18.93
N SER C 126 8.72 29.29 19.07
CA SER C 126 8.74 30.50 19.89
C SER C 126 8.97 30.17 21.36
N SER C 127 8.36 29.09 21.85
CA SER C 127 8.58 28.67 23.22
C SER C 127 10.06 28.36 23.46
N ALA C 128 10.69 27.66 22.52
CA ALA C 128 12.10 27.29 22.69
C ALA C 128 12.98 28.53 22.83
N VAL C 129 12.73 29.56 22.01
CA VAL C 129 13.56 30.75 22.06
C VAL C 129 13.31 31.53 23.35
N SER C 130 12.05 31.57 23.81
CA SER C 130 11.74 32.26 25.06
C SER C 130 12.51 31.63 26.22
N VAL C 131 12.59 30.29 26.25
CA VAL C 131 13.35 29.62 27.29
C VAL C 131 14.83 29.94 27.15
N ALA C 132 15.29 30.21 25.92
CA ALA C 132 16.70 30.46 25.70
C ALA C 132 17.11 31.88 26.07
N SER C 133 16.25 32.87 25.75
CA SER C 133 16.59 34.26 25.99
C SER C 133 16.86 34.56 27.46
N GLY C 134 16.43 33.69 28.37
CA GLY C 134 16.66 33.84 29.79
C GLY C 134 17.78 32.99 30.35
N MET C 135 18.54 32.32 29.49
CA MET C 135 19.70 31.55 29.89
C MET C 135 20.95 32.17 29.26
N ASN C 136 22.10 31.83 29.81
CA ASN C 136 23.35 32.30 29.25
C ASN C 136 23.62 31.60 27.92
N GLY C 137 24.16 32.35 26.95
CA GLY C 137 24.45 31.78 25.66
C GLY C 137 25.48 30.66 25.70
N ASN C 138 26.29 30.60 26.76
CA ASN C 138 27.34 29.60 26.84
C ASN C 138 26.81 28.25 27.30
N GLU C 139 25.72 28.22 28.05
CA GLU C 139 25.27 26.97 28.67
C GLU C 139 24.31 26.18 27.79
N ILE C 140 23.58 26.82 26.89
CA ILE C 140 22.60 26.12 26.07
C ILE C 140 22.54 26.78 24.70
N SER C 141 22.34 25.96 23.67
CA SER C 141 22.13 26.41 22.31
C SER C 141 20.85 25.75 21.80
N VAL C 142 20.02 26.54 21.12
CA VAL C 142 18.65 26.13 20.80
C VAL C 142 18.45 26.18 19.30
N ILE C 143 17.91 25.10 18.76
CA ILE C 143 17.57 24.98 17.35
C ILE C 143 16.17 24.38 17.27
N SER C 144 15.35 24.90 16.37
CA SER C 144 14.04 24.33 16.11
C SER C 144 13.94 23.98 14.64
N CYS C 145 13.23 22.89 14.35
CA CYS C 145 13.01 22.48 12.97
C CYS C 145 11.56 22.74 12.65
N PRO C 146 11.25 23.63 11.71
CA PRO C 146 9.85 24.00 11.46
C PRO C 146 9.08 22.89 10.74
N LYS C 147 7.95 22.52 11.34
CA LYS C 147 7.10 21.44 10.86
C LYS C 147 5.76 21.98 10.41
N THR C 148 5.29 21.48 9.27
CA THR C 148 3.92 21.74 8.82
C THR C 148 3.54 20.81 7.68
N ILE C 149 2.43 20.10 7.85
CA ILE C 149 1.90 19.27 6.77
C ILE C 149 1.16 20.10 5.73
N ASP C 150 0.83 21.35 6.06
CA ASP C 150 0.09 22.24 5.18
C ASP C 150 0.97 22.81 4.06
N ASN C 151 2.28 22.63 4.12
CA ASN C 151 3.19 23.14 3.10
C ASN C 151 3.16 24.67 3.06
N ASP C 152 2.85 25.29 4.20
CA ASP C 152 2.62 26.72 4.27
C ASP C 152 3.83 27.49 4.80
N LEU C 153 5.07 26.89 4.69
CA LEU C 153 6.26 27.63 5.06
C LEU C 153 6.78 28.45 3.88
N PRO C 154 7.45 29.56 4.15
CA PRO C 154 7.93 30.45 3.08
C PRO C 154 9.23 29.96 2.44
N LEU C 155 9.19 28.75 1.89
CA LEU C 155 10.33 28.24 1.15
C LEU C 155 10.23 28.70 -0.29
N PRO C 156 11.31 28.61 -1.07
CA PRO C 156 11.21 28.91 -2.50
C PRO C 156 10.06 28.11 -3.13
N ALA C 157 9.34 28.74 -4.04
CA ALA C 157 8.13 28.15 -4.58
C ALA C 157 8.41 26.80 -5.23
N ASP C 158 7.46 25.88 -5.05
CA ASP C 158 7.48 24.50 -5.55
C ASP C 158 8.31 23.60 -4.65
N GLN C 159 8.96 24.13 -3.62
CA GLN C 159 9.76 23.34 -2.69
C GLN C 159 8.91 23.04 -1.46
N SER C 160 8.78 21.76 -1.14
CA SER C 160 7.82 21.33 -0.14
C SER C 160 8.44 21.30 1.26
N THR C 161 7.55 21.42 2.25
CA THR C 161 7.90 21.15 3.64
C THR C 161 7.81 19.64 3.88
N PHE C 162 8.52 19.17 4.90
CA PHE C 162 8.56 17.73 5.10
C PHE C 162 7.22 17.24 5.64
N GLY C 163 6.82 16.05 5.18
CA GLY C 163 5.51 15.52 5.46
C GLY C 163 4.44 15.84 4.43
N PHE C 164 4.65 16.88 3.60
CA PHE C 164 3.63 17.24 2.62
C PHE C 164 3.51 16.18 1.53
N HIS C 165 4.64 15.67 1.01
CA HIS C 165 4.57 14.67 -0.05
C HIS C 165 3.77 13.45 0.38
N THR C 166 3.98 12.99 1.62
CA THR C 166 3.25 11.82 2.11
C THR C 166 1.76 12.11 2.20
N ALA C 167 1.39 13.23 2.82
CA ALA C 167 -0.03 13.57 2.96
C ALA C 167 -0.71 13.69 1.61
N ARG C 168 -0.02 14.29 0.63
CA ARG C 168 -0.61 14.46 -0.69
C ARG C 168 -0.79 13.13 -1.39
N SER C 169 0.19 12.24 -1.26
CA SER C 169 0.12 10.97 -1.98
C SER C 169 -0.96 10.06 -1.40
N LEU C 170 -1.09 10.03 -0.07
CA LEU C 170 -2.16 9.24 0.54
C LEU C 170 -3.52 9.83 0.22
N GLY C 171 -3.63 11.17 0.22
CA GLY C 171 -4.89 11.79 -0.17
C GLY C 171 -5.27 11.43 -1.59
N MET C 172 -4.29 11.40 -2.49
CA MET C 172 -4.57 10.97 -3.86
C MET C 172 -5.13 9.55 -3.87
N GLU C 173 -4.58 8.67 -3.03
CA GLU C 173 -5.03 7.28 -3.03
C GLU C 173 -6.46 7.16 -2.53
N ILE C 174 -6.84 7.96 -1.53
CA ILE C 174 -8.21 7.92 -1.04
C ILE C 174 -9.16 8.45 -2.11
N ILE C 175 -8.81 9.56 -2.75
CA ILE C 175 -9.68 10.14 -3.76
C ILE C 175 -9.82 9.21 -4.95
N ARG C 176 -8.75 8.48 -5.29
CA ARG C 176 -8.86 7.51 -6.37
C ARG C 176 -9.99 6.52 -6.10
N ASN C 177 -10.07 6.01 -4.87
CA ASN C 177 -11.16 5.11 -4.52
C ASN C 177 -12.50 5.79 -4.66
N LEU C 178 -12.57 7.09 -4.32
CA LEU C 178 -13.84 7.82 -4.47
C LEU C 178 -14.14 8.11 -5.94
N MET C 179 -13.11 8.23 -6.77
CA MET C 179 -13.34 8.45 -8.21
C MET C 179 -13.90 7.18 -8.86
N VAL C 180 -13.37 6.02 -8.47
CA VAL C 180 -13.90 4.77 -8.97
C VAL C 180 -15.33 4.55 -8.46
N ASP C 181 -15.57 4.88 -7.19
CA ASP C 181 -16.92 4.69 -6.63
C ASP C 181 -17.91 5.67 -7.25
N SER C 182 -17.47 6.90 -7.54
CA SER C 182 -18.38 7.87 -8.12
C SER C 182 -18.79 7.47 -9.53
N LYS C 183 -17.90 6.80 -10.27
CA LYS C 183 -18.24 6.34 -11.61
C LYS C 183 -19.06 5.04 -11.57
N SER C 184 -18.68 4.12 -10.68
CA SER C 184 -19.37 2.83 -10.62
C SER C 184 -20.83 3.00 -10.22
N ALA C 185 -21.08 3.83 -9.20
CA ALA C 185 -22.42 4.11 -8.68
C ALA C 185 -22.64 5.61 -8.80
N PRO C 186 -23.04 6.10 -9.99
CA PRO C 186 -23.04 7.55 -10.26
C PRO C 186 -23.42 8.42 -9.08
N ARG C 187 -22.49 9.28 -8.67
CA ARG C 187 -22.69 10.22 -7.58
C ARG C 187 -21.56 11.24 -7.61
N TRP C 188 -21.82 12.38 -6.97
CA TRP C 188 -20.79 13.39 -6.73
C TRP C 188 -20.35 13.33 -5.27
N PHE C 189 -19.04 13.28 -5.06
CA PHE C 189 -18.43 13.40 -3.74
C PHE C 189 -17.85 14.79 -3.56
N LEU C 190 -18.16 15.44 -2.44
CA LEU C 190 -17.49 16.68 -2.04
C LEU C 190 -16.43 16.31 -0.99
N VAL C 191 -15.18 16.22 -1.43
CA VAL C 191 -14.07 15.88 -0.55
C VAL C 191 -13.56 17.17 0.08
N GLU C 192 -13.72 17.29 1.39
CA GLU C 192 -13.21 18.42 2.16
C GLU C 192 -11.84 18.05 2.73
N ALA C 193 -10.79 18.69 2.23
CA ALA C 193 -9.45 18.44 2.77
C ALA C 193 -9.24 19.32 4.01
N MET C 194 -8.99 18.68 5.15
CA MET C 194 -8.88 19.41 6.40
C MET C 194 -7.61 20.26 6.41
N GLY C 195 -7.68 21.37 7.14
CA GLY C 195 -6.60 22.34 7.19
C GLY C 195 -7.08 23.68 6.65
N ARG C 196 -7.10 24.69 7.52
CA ARG C 196 -7.60 26.00 7.13
C ARG C 196 -6.48 26.99 6.82
N SER C 197 -5.21 26.57 6.92
CA SER C 197 -4.11 27.50 6.69
C SER C 197 -4.02 27.91 5.23
N ALA C 198 -3.94 26.95 4.31
CA ALA C 198 -3.71 27.25 2.91
C ALA C 198 -4.36 26.18 2.04
N GLY C 199 -4.19 26.32 0.73
CA GLY C 199 -4.78 25.41 -0.23
C GLY C 199 -3.84 24.44 -0.91
N HIS C 200 -2.58 24.36 -0.47
CA HIS C 200 -1.62 23.47 -1.11
C HIS C 200 -2.11 22.04 -1.08
N LEU C 201 -2.58 21.60 0.08
CA LEU C 201 -2.91 20.19 0.29
C LEU C 201 -4.13 19.78 -0.51
N ALA C 202 -5.20 20.59 -0.48
CA ALA C 202 -6.39 20.28 -1.26
C ALA C 202 -6.08 20.27 -2.76
N LEU C 203 -5.32 21.27 -3.23
CA LEU C 203 -4.98 21.33 -4.64
C LEU C 203 -4.04 20.21 -5.04
N GLY C 204 -3.17 19.77 -4.13
CA GLY C 204 -2.25 18.69 -4.46
C GLY C 204 -2.97 17.37 -4.68
N MET C 205 -3.86 17.02 -3.76
CA MET C 205 -4.65 15.80 -3.91
C MET C 205 -5.51 15.86 -5.17
N ALA C 206 -6.10 17.02 -5.44
CA ALA C 206 -7.03 17.16 -6.57
C ALA C 206 -6.31 17.01 -7.90
N GLU C 207 -5.22 17.77 -8.09
CA GLU C 207 -4.46 17.69 -9.33
C GLU C 207 -3.91 16.29 -9.55
N ALA C 208 -3.36 15.68 -8.51
CA ALA C 208 -2.78 14.35 -8.64
C ALA C 208 -3.83 13.31 -9.02
N SER C 209 -5.03 13.42 -8.45
CA SER C 209 -6.08 12.44 -8.67
C SER C 209 -6.98 12.77 -9.85
N GLY C 210 -6.73 13.86 -10.56
CA GLY C 210 -7.61 14.25 -11.65
C GLY C 210 -9.02 14.54 -11.20
N ALA C 211 -9.20 15.05 -9.99
CA ALA C 211 -10.53 15.43 -9.54
C ALA C 211 -11.11 16.49 -10.47
N HIS C 212 -12.43 16.49 -10.57
CA HIS C 212 -13.10 17.33 -11.56
C HIS C 212 -13.16 18.80 -11.16
N LEU C 213 -13.00 19.11 -9.88
CA LEU C 213 -13.00 20.50 -9.44
C LEU C 213 -12.21 20.61 -8.15
N CYS C 214 -11.57 21.76 -7.96
CA CYS C 214 -10.92 22.08 -6.69
C CYS C 214 -11.13 23.56 -6.41
N LEU C 215 -11.59 23.86 -5.20
CA LEU C 215 -11.79 25.23 -4.74
C LEU C 215 -10.90 25.49 -3.53
N ILE C 216 -10.08 26.54 -3.62
CA ILE C 216 -9.20 26.93 -2.52
C ILE C 216 -9.48 28.40 -2.22
N PRO C 217 -9.32 28.86 -0.98
CA PRO C 217 -9.59 30.28 -0.70
C PRO C 217 -8.72 31.22 -1.52
N GLU C 218 -7.56 30.76 -1.96
CA GLU C 218 -6.61 31.64 -2.65
C GLU C 218 -7.11 32.11 -4.00
N GLU C 219 -8.06 31.41 -4.62
CA GLU C 219 -8.51 31.77 -5.97
C GLU C 219 -9.63 32.80 -5.97
N PHE C 220 -10.14 33.19 -4.81
CA PHE C 220 -11.21 34.19 -4.75
C PHE C 220 -10.60 35.59 -4.69
N LYS C 221 -11.10 36.47 -5.57
CA LYS C 221 -10.54 37.81 -5.72
C LYS C 221 -10.86 38.69 -4.51
N GLN C 222 -12.13 38.73 -4.12
CA GLN C 222 -12.63 39.54 -3.02
C GLN C 222 -12.14 39.03 -1.67
N ASP C 223 -12.23 39.90 -0.66
CA ASP C 223 -11.68 39.57 0.65
C ASP C 223 -12.57 38.61 1.44
N GLU C 224 -13.87 38.59 1.18
CA GLU C 224 -14.80 37.72 1.89
C GLU C 224 -15.60 36.91 0.88
N ILE C 225 -15.69 35.60 1.13
CA ILE C 225 -16.43 34.67 0.29
C ILE C 225 -17.88 34.61 0.76
N GLU C 226 -18.79 34.37 -0.19
CA GLU C 226 -20.20 34.21 0.10
C GLU C 226 -20.60 32.75 -0.08
N PHE C 227 -21.44 32.27 0.84
CA PHE C 227 -21.89 30.88 0.77
C PHE C 227 -22.54 30.57 -0.58
N GLU C 228 -23.34 31.50 -1.10
CA GLU C 228 -24.04 31.26 -2.36
C GLU C 228 -23.05 31.04 -3.50
N ASP C 229 -21.94 31.77 -3.52
CA ASP C 229 -20.98 31.63 -4.61
C ASP C 229 -20.33 30.25 -4.60
N VAL C 230 -20.00 29.74 -3.41
CA VAL C 230 -19.41 28.40 -3.34
C VAL C 230 -20.39 27.37 -3.87
N VAL C 231 -21.66 27.48 -3.47
CA VAL C 231 -22.68 26.58 -3.98
C VAL C 231 -22.75 26.66 -5.50
N GLU C 232 -22.69 27.88 -6.05
CA GLU C 232 -22.88 28.03 -7.49
C GLU C 232 -21.67 27.60 -8.29
N LEU C 233 -20.46 27.70 -7.72
CA LEU C 233 -19.27 27.24 -8.44
C LEU C 233 -19.27 25.72 -8.58
N VAL C 234 -19.69 25.01 -7.53
CA VAL C 234 -19.84 23.55 -7.65
C VAL C 234 -21.00 23.23 -8.56
N GLU C 235 -22.08 24.00 -8.47
CA GLU C 235 -23.28 23.73 -9.25
C GLU C 235 -22.99 23.83 -10.75
N ALA C 236 -22.21 24.83 -11.15
CA ALA C 236 -21.88 24.98 -12.56
C ALA C 236 -21.05 23.82 -13.07
N THR C 237 -20.14 23.30 -12.24
CA THR C 237 -19.33 22.16 -12.66
C THR C 237 -20.21 20.93 -12.85
N ILE C 238 -21.14 20.69 -11.92
CA ILE C 238 -22.02 19.53 -12.04
C ILE C 238 -22.87 19.63 -13.30
N LEU C 239 -23.39 20.84 -13.58
CA LEU C 239 -24.23 21.01 -14.77
C LEU C 239 -23.42 20.80 -16.05
N LYS C 240 -22.18 21.29 -16.10
CA LYS C 240 -21.39 21.14 -17.32
C LYS C 240 -21.06 19.67 -17.57
N ARG C 241 -20.65 18.95 -16.51
CA ARG C 241 -20.46 17.51 -16.64
C ARG C 241 -21.75 16.83 -17.08
N LEU C 242 -22.89 17.25 -16.50
CA LEU C 242 -24.17 16.67 -16.86
C LEU C 242 -24.50 16.92 -18.32
N ALA C 243 -24.06 18.06 -18.87
CA ALA C 243 -24.27 18.36 -20.28
C ALA C 243 -23.46 17.45 -21.18
N TYR C 244 -22.39 16.85 -20.67
CA TYR C 244 -21.58 15.88 -21.41
C TYR C 244 -21.88 14.45 -21.00
N GLY C 245 -23.05 14.19 -20.44
CA GLY C 245 -23.49 12.83 -20.18
C GLY C 245 -22.92 12.19 -18.94
N LYS C 246 -22.25 12.96 -18.08
CA LYS C 246 -21.63 12.44 -16.87
C LYS C 246 -22.37 13.06 -15.69
N ASN C 247 -23.10 12.24 -14.94
CA ASN C 247 -23.84 12.71 -13.77
C ASN C 247 -23.13 12.36 -12.47
N TYR C 248 -21.80 12.46 -12.47
CA TYR C 248 -20.99 12.09 -11.31
C TYR C 248 -19.67 12.86 -11.37
N GLY C 249 -18.93 12.81 -10.27
CA GLY C 249 -17.63 13.43 -10.22
C GLY C 249 -17.14 13.55 -8.79
N VAL C 250 -15.97 14.17 -8.67
CA VAL C 250 -15.39 14.49 -7.36
C VAL C 250 -14.96 15.96 -7.38
N CYS C 251 -15.33 16.69 -6.33
CA CYS C 251 -14.90 18.06 -6.13
C CYS C 251 -14.19 18.14 -4.78
N VAL C 252 -12.99 18.72 -4.78
CA VAL C 252 -12.18 18.88 -3.57
C VAL C 252 -12.27 20.32 -3.10
N LEU C 253 -12.53 20.49 -1.80
CA LEU C 253 -12.70 21.80 -1.18
C LEU C 253 -11.66 21.93 -0.07
N ALA C 254 -10.82 22.95 -0.16
CA ALA C 254 -9.91 23.25 0.95
C ALA C 254 -10.73 23.79 2.11
N GLU C 255 -10.49 23.27 3.32
CA GLU C 255 -11.25 23.72 4.46
C GLU C 255 -11.09 25.22 4.70
N GLY C 256 -10.04 25.83 4.15
CA GLY C 256 -9.81 27.25 4.33
C GLY C 256 -10.87 28.14 3.72
N LEU C 257 -11.73 27.60 2.85
CA LEU C 257 -12.86 28.39 2.37
C LEU C 257 -13.68 28.93 3.54
N VAL C 258 -13.76 28.16 4.62
CA VAL C 258 -14.57 28.56 5.78
C VAL C 258 -14.02 29.82 6.42
N SER C 259 -12.70 29.92 6.54
CA SER C 259 -12.09 31.04 7.24
C SER C 259 -12.05 32.33 6.41
N LYS C 260 -12.49 32.29 5.15
CA LYS C 260 -12.66 33.50 4.36
C LYS C 260 -14.11 33.94 4.26
N MET C 261 -15.04 33.18 4.83
CA MET C 261 -16.46 33.46 4.64
C MET C 261 -16.90 34.65 5.47
N SER C 262 -17.79 35.44 4.89
CA SER C 262 -18.32 36.63 5.55
C SER C 262 -19.17 36.24 6.76
N LYS C 263 -19.55 37.24 7.55
CA LYS C 263 -20.43 36.99 8.69
C LYS C 263 -21.75 36.40 8.22
N LYS C 264 -22.32 36.95 7.14
CA LYS C 264 -23.56 36.41 6.59
C LYS C 264 -23.36 35.01 6.06
N ALA C 265 -22.23 34.75 5.40
CA ALA C 265 -21.97 33.43 4.85
C ALA C 265 -21.88 32.38 5.96
N LEU C 266 -21.29 32.74 7.11
CA LEU C 266 -21.18 31.77 8.19
C LEU C 266 -22.54 31.49 8.83
N TYR C 267 -23.43 32.48 8.85
CA TYR C 267 -24.77 32.27 9.38
C TYR C 267 -25.50 31.18 8.60
N LYS C 268 -25.42 31.22 7.26
CA LYS C 268 -26.02 30.16 6.46
C LYS C 268 -25.26 28.85 6.64
N LEU C 269 -23.94 28.93 6.80
CA LEU C 269 -23.14 27.71 6.93
C LEU C 269 -23.59 26.87 8.12
N PHE C 270 -23.83 27.52 9.25
CA PHE C 270 -24.22 26.83 10.47
C PHE C 270 -25.73 26.60 10.57
N GLY C 271 -26.44 26.62 9.45
CA GLY C 271 -27.86 26.32 9.45
C GLY C 271 -28.75 27.52 9.69
N ASN C 272 -28.37 28.70 9.20
CA ASN C 272 -29.07 29.94 9.48
C ASN C 272 -29.22 30.14 10.99
N ARG C 273 -28.19 29.73 11.73
CA ARG C 273 -28.06 29.99 13.15
C ARG C 273 -26.87 30.92 13.39
N GLU C 274 -26.80 31.45 14.60
CA GLU C 274 -25.62 32.20 15.01
C GLU C 274 -24.42 31.26 15.10
N PRO C 275 -23.27 31.63 14.53
CA PRO C 275 -22.11 30.72 14.55
C PRO C 275 -21.71 30.33 15.96
N PRO C 276 -21.27 29.08 16.17
CA PRO C 276 -20.82 28.68 17.49
C PRO C 276 -19.65 29.52 17.97
N THR C 277 -19.43 29.50 19.29
CA THR C 277 -18.41 30.34 19.90
C THR C 277 -17.87 29.66 21.14
N ASP C 278 -16.60 29.95 21.45
CA ASP C 278 -15.93 29.41 22.62
C ASP C 278 -16.24 30.28 23.83
N PRO C 279 -15.74 29.94 25.02
CA PRO C 279 -15.92 30.85 26.17
C PRO C 279 -15.40 32.26 25.94
N HIS C 280 -14.26 32.40 25.26
CA HIS C 280 -13.65 33.72 25.06
C HIS C 280 -14.33 34.52 23.96
N GLY C 281 -15.41 34.02 23.37
CA GLY C 281 -16.13 34.73 22.34
C GLY C 281 -15.70 34.44 20.91
N HIS C 282 -14.50 33.88 20.72
CA HIS C 282 -14.00 33.65 19.38
C HIS C 282 -14.77 32.51 18.70
N ILE C 283 -14.90 32.61 17.38
CA ILE C 283 -15.75 31.69 16.64
C ILE C 283 -15.08 30.33 16.53
N LEU C 284 -15.89 29.27 16.54
CA LEU C 284 -15.42 27.89 16.53
C LEU C 284 -15.64 27.29 15.15
N LEU C 285 -14.70 27.56 14.24
CA LEU C 285 -14.85 27.10 12.87
C LEU C 285 -14.70 25.59 12.74
N ASP C 286 -14.11 24.93 13.73
CA ASP C 286 -14.00 23.47 13.68
C ASP C 286 -15.35 22.79 13.69
N ASP C 287 -16.39 23.44 14.22
CA ASP C 287 -17.73 22.88 14.24
C ASP C 287 -18.44 23.01 12.89
N ALA C 288 -17.91 23.80 11.97
CA ALA C 288 -18.50 23.91 10.64
C ALA C 288 -18.36 22.59 9.90
N GLU C 289 -19.34 22.32 9.03
CA GLU C 289 -19.36 21.13 8.18
C GLU C 289 -19.52 21.64 6.74
N LEU C 290 -18.45 22.17 6.18
CA LEU C 290 -18.53 22.81 4.87
C LEU C 290 -19.09 21.85 3.82
N ALA C 291 -18.49 20.66 3.70
CA ALA C 291 -18.90 19.74 2.65
C ALA C 291 -20.35 19.28 2.84
N ARG C 292 -20.76 19.07 4.09
CA ARG C 292 -22.13 18.62 4.35
C ARG C 292 -23.14 19.70 4.01
N SER C 293 -22.91 20.94 4.44
CA SER C 293 -23.86 22.01 4.16
C SER C 293 -24.02 22.21 2.66
N LEU C 294 -22.90 22.24 1.93
CA LEU C 294 -22.99 22.39 0.48
C LEU C 294 -23.73 21.20 -0.14
N SER C 295 -23.53 20.01 0.39
CA SER C 295 -24.21 18.83 -0.16
C SER C 295 -25.71 18.93 0.01
N GLU C 296 -26.17 19.33 1.20
CA GLU C 296 -27.61 19.48 1.42
C GLU C 296 -28.21 20.50 0.46
N GLU C 297 -27.56 21.65 0.32
CA GLU C 297 -28.09 22.68 -0.56
C GLU C 297 -28.12 22.22 -2.00
N LEU C 298 -27.04 21.56 -2.45
CA LEU C 298 -26.97 21.10 -3.83
C LEU C 298 -27.97 20.00 -4.11
N LEU C 299 -28.37 19.25 -3.08
CA LEU C 299 -29.39 18.23 -3.27
C LEU C 299 -30.75 18.86 -3.50
N LYS C 300 -31.03 19.98 -2.82
CA LYS C 300 -32.28 20.70 -3.06
C LYS C 300 -32.37 21.14 -4.51
N ARG C 301 -31.26 21.65 -5.06
CA ARG C 301 -31.27 22.25 -6.38
C ARG C 301 -31.16 21.24 -7.51
N LEU C 302 -30.41 20.15 -7.30
CA LEU C 302 -30.06 19.26 -8.39
C LEU C 302 -30.59 17.85 -8.23
N GLY C 303 -31.21 17.52 -7.10
CA GLY C 303 -31.72 16.17 -6.90
C GLY C 303 -32.72 15.80 -7.98
N ASN C 304 -33.52 16.76 -8.44
CA ASN C 304 -34.50 16.49 -9.48
C ASN C 304 -33.85 16.11 -10.81
N LEU C 305 -32.58 16.46 -11.01
CA LEU C 305 -31.87 16.09 -12.22
C LEU C 305 -31.28 14.69 -12.17
N GLY C 306 -31.45 13.97 -11.05
CA GLY C 306 -30.82 12.67 -10.88
C GLY C 306 -29.46 12.71 -10.23
N ILE C 307 -29.15 13.75 -9.47
CA ILE C 307 -27.86 13.92 -8.83
C ILE C 307 -28.00 13.59 -7.34
N ARG C 308 -27.11 12.73 -6.84
CA ARG C 308 -26.96 12.49 -5.41
C ARG C 308 -25.57 12.98 -5.03
N ILE C 309 -25.46 13.61 -3.85
CA ILE C 309 -24.23 14.27 -3.44
C ILE C 309 -23.92 13.88 -2.01
N THR C 310 -22.66 13.53 -1.75
CA THR C 310 -22.23 13.01 -0.46
C THR C 310 -20.94 13.67 -0.03
N PRO C 311 -20.83 14.11 1.23
CA PRO C 311 -19.58 14.70 1.72
C PRO C 311 -18.60 13.68 2.26
N LYS C 312 -17.32 14.02 2.19
CA LYS C 312 -16.26 13.15 2.68
C LYS C 312 -15.10 14.00 3.17
N LYS C 313 -14.63 13.70 4.38
CA LYS C 313 -13.52 14.42 5.00
C LYS C 313 -12.23 13.62 4.95
N ILE C 314 -11.13 14.30 4.60
CA ILE C 314 -9.80 13.72 4.56
C ILE C 314 -8.89 14.60 5.41
N GLY C 315 -8.41 14.05 6.53
CA GLY C 315 -7.58 14.84 7.43
C GLY C 315 -6.69 14.04 8.36
N TYR C 316 -7.26 13.53 9.45
CA TYR C 316 -6.44 12.95 10.52
C TYR C 316 -5.73 11.67 10.10
N GLU C 317 -6.25 10.94 9.11
CA GLU C 317 -5.58 9.72 8.65
C GLU C 317 -4.30 10.02 7.88
N LEU C 318 -4.01 11.28 7.58
CA LEU C 318 -2.81 11.64 6.84
C LEU C 318 -1.62 11.93 7.74
N ARG C 319 -1.87 12.36 8.98
CA ARG C 319 -0.83 12.96 9.79
C ARG C 319 0.27 11.97 10.17
N CYS C 320 -0.09 10.71 10.43
CA CYS C 320 0.87 9.73 10.90
C CYS C 320 1.02 8.55 9.96
N ALA C 321 0.68 8.73 8.68
CA ALA C 321 1.06 7.74 7.68
C ALA C 321 2.59 7.62 7.65
N ASP C 322 3.06 6.43 7.32
CA ASP C 322 4.50 6.21 7.20
C ASP C 322 5.05 7.13 6.10
N PRO C 323 6.22 7.71 6.29
CA PRO C 323 6.73 8.65 5.29
C PRO C 323 7.12 7.96 3.99
N VAL C 324 6.85 8.63 2.87
CA VAL C 324 7.30 8.18 1.56
C VAL C 324 8.78 8.49 1.42
N ALA C 325 9.41 7.95 0.37
CA ALA C 325 10.87 8.04 0.26
C ALA C 325 11.34 9.48 0.24
N PHE C 326 10.60 10.37 -0.44
CA PHE C 326 11.03 11.77 -0.50
C PHE C 326 11.13 12.37 0.89
N ASP C 327 10.19 12.04 1.78
CA ASP C 327 10.21 12.59 3.13
C ASP C 327 11.18 11.85 4.04
N ALA C 328 11.50 10.60 3.74
CA ALA C 328 12.51 9.90 4.55
C ALA C 328 13.90 10.50 4.32
N VAL C 329 14.25 10.77 3.07
CA VAL C 329 15.51 11.45 2.78
C VAL C 329 15.48 12.87 3.32
N TYR C 330 14.35 13.56 3.13
CA TYR C 330 14.22 14.94 3.59
C TYR C 330 14.52 15.06 5.08
N THR C 331 13.84 14.27 5.90
CA THR C 331 13.98 14.41 7.35
C THR C 331 15.32 13.88 7.84
N ARG C 332 15.97 12.99 7.10
CA ARG C 332 17.34 12.60 7.44
C ARG C 332 18.29 13.78 7.28
N GLU C 333 18.12 14.56 6.20
CA GLU C 333 18.98 15.72 5.98
C GLU C 333 18.71 16.82 6.99
N LEU C 334 17.47 16.93 7.49
CA LEU C 334 17.16 17.95 8.48
C LEU C 334 17.77 17.59 9.83
N GLY C 335 17.61 16.34 10.26
CA GLY C 335 18.22 15.92 11.51
C GLY C 335 19.73 16.11 11.52
N TYR C 336 20.38 15.76 10.41
CA TYR C 336 21.81 16.00 10.29
C TYR C 336 22.12 17.49 10.40
N GLY C 337 21.38 18.32 9.67
CA GLY C 337 21.67 19.74 9.64
C GLY C 337 21.48 20.43 10.97
N ALA C 338 20.61 19.88 11.82
CA ALA C 338 20.46 20.45 13.17
C ALA C 338 21.72 20.21 14.00
N ILE C 339 22.28 19.00 13.94
CA ILE C 339 23.53 18.72 14.65
C ILE C 339 24.65 19.57 14.09
N ASP C 340 24.71 19.70 12.76
CA ASP C 340 25.74 20.53 12.15
C ASP C 340 25.60 21.98 12.61
N ALA C 341 24.37 22.46 12.73
CA ALA C 341 24.16 23.83 13.21
C ALA C 341 24.61 23.98 14.65
N PHE C 342 24.32 22.99 15.50
CA PHE C 342 24.83 23.04 16.87
C PHE C 342 26.36 23.10 16.87
N LEU C 343 26.98 22.26 16.04
CA LEU C 343 28.45 22.19 15.99
C LEU C 343 29.05 23.52 15.53
N ASN C 344 28.37 24.24 14.64
CA ASN C 344 28.88 25.50 14.12
C ASN C 344 28.45 26.70 14.96
N GLY C 345 27.92 26.48 16.16
CA GLY C 345 27.64 27.56 17.08
C GLY C 345 26.35 28.32 16.85
N HIS C 346 25.46 27.82 16.00
CA HIS C 346 24.21 28.52 15.75
C HIS C 346 23.24 28.30 16.90
N SER C 347 22.35 29.29 17.09
CA SER C 347 21.34 29.21 18.13
C SER C 347 20.22 30.18 17.78
N ALA C 348 19.04 29.91 18.34
CA ALA C 348 17.82 30.65 17.99
C ALA C 348 17.66 30.68 16.47
N ALA C 349 17.84 29.52 15.84
CA ALA C 349 17.77 29.38 14.40
C ALA C 349 16.79 28.27 14.04
N LEU C 350 16.36 28.28 12.79
CA LEU C 350 15.43 27.28 12.25
C LEU C 350 16.12 26.50 11.15
N ILE C 351 16.14 25.18 11.29
CA ILE C 351 16.72 24.32 10.27
C ILE C 351 15.73 24.14 9.13
N VAL C 352 16.08 24.62 7.94
CA VAL C 352 15.22 24.52 6.77
C VAL C 352 16.08 24.09 5.59
N ARG C 353 15.42 23.51 4.59
CA ARG C 353 16.05 23.07 3.35
C ARG C 353 15.59 23.95 2.20
N GLU C 354 16.55 24.55 1.50
CA GLU C 354 16.29 25.46 0.40
C GLU C 354 17.27 25.20 -0.73
N ASN C 355 16.75 24.99 -1.93
CA ASN C 355 17.57 24.71 -3.10
C ASN C 355 18.50 23.53 -2.85
N GLY C 356 17.95 22.48 -2.24
CA GLY C 356 18.68 21.26 -2.02
C GLY C 356 19.74 21.33 -0.94
N GLN C 357 19.76 22.40 -0.15
CA GLN C 357 20.77 22.59 0.88
C GLN C 357 20.09 22.81 2.22
N VAL C 358 20.43 21.99 3.21
CA VAL C 358 19.96 22.20 4.57
C VAL C 358 20.85 23.24 5.23
N LYS C 359 20.23 24.25 5.84
CA LYS C 359 20.94 25.39 6.40
C LYS C 359 20.16 25.94 7.58
N PRO C 360 20.82 26.55 8.56
CA PRO C 360 20.09 27.27 9.60
C PRO C 360 19.71 28.66 9.10
N VAL C 361 18.52 29.10 9.47
CA VAL C 361 17.99 30.40 9.06
C VAL C 361 17.44 31.10 10.30
N GLN C 362 17.96 32.28 10.59
CA GLN C 362 17.59 32.98 11.81
C GLN C 362 16.10 33.32 11.82
N PHE C 363 15.54 33.33 13.02
CA PHE C 363 14.09 33.53 13.17
C PHE C 363 13.63 34.78 12.45
N LYS C 364 14.44 35.83 12.47
CA LYS C 364 14.00 37.11 11.91
C LYS C 364 13.76 37.03 10.41
N ASP C 365 14.52 36.18 9.71
CA ASP C 365 14.36 36.09 8.27
C ASP C 365 12.99 35.57 7.86
N LEU C 366 12.31 34.82 8.73
CA LEU C 366 11.07 34.16 8.36
C LEU C 366 9.82 34.76 8.98
N LEU C 367 9.94 35.61 10.00
CA LEU C 367 8.74 36.15 10.62
C LEU C 367 8.08 37.17 9.71
N ASP C 368 6.75 37.17 9.71
CA ASP C 368 5.99 38.25 9.10
C ASP C 368 5.79 39.34 10.14
N PRO C 369 6.31 40.55 9.94
CA PRO C 369 6.18 41.58 11.00
C PRO C 369 4.76 41.86 11.42
N ALA C 370 3.76 41.57 10.57
CA ALA C 370 2.38 41.86 10.91
C ALA C 370 1.83 40.88 11.95
N THR C 371 2.38 39.67 12.02
CA THR C 371 1.84 38.62 12.87
C THR C 371 2.70 38.29 14.08
N GLY C 372 4.02 38.43 13.98
CA GLY C 372 4.92 37.91 14.99
C GLY C 372 5.13 36.41 14.88
N ARG C 373 4.37 35.74 14.03
CA ARG C 373 4.52 34.32 13.73
C ARG C 373 5.13 34.19 12.33
N VAL C 374 5.59 32.97 12.02
CA VAL C 374 6.18 32.72 10.72
C VAL C 374 5.20 33.08 9.61
N ARG C 375 5.74 33.61 8.51
CA ARG C 375 4.93 34.01 7.37
C ARG C 375 4.30 32.79 6.71
N THR C 376 3.06 32.96 6.25
CA THR C 376 2.30 31.87 5.66
C THR C 376 2.41 31.96 4.14
N ARG C 377 2.92 30.89 3.53
CA ARG C 377 3.00 30.78 2.07
C ARG C 377 1.72 30.14 1.56
N LEU C 378 1.01 30.87 0.70
CA LEU C 378 -0.23 30.35 0.12
C LEU C 378 0.04 29.93 -1.32
N VAL C 379 -0.96 29.26 -1.90
CA VAL C 379 -0.87 28.89 -3.32
C VAL C 379 -0.81 30.15 -4.16
N ASP C 380 0.14 30.19 -5.09
CA ASP C 380 0.26 31.31 -6.02
C ASP C 380 -0.63 31.03 -7.23
N VAL C 381 -1.81 31.67 -7.25
CA VAL C 381 -2.79 31.39 -8.30
C VAL C 381 -2.44 32.06 -9.62
N THR C 382 -1.38 32.86 -9.68
CA THR C 382 -0.90 33.39 -10.95
C THR C 382 0.17 32.50 -11.58
N SER C 383 0.71 31.55 -10.83
CA SER C 383 1.76 30.68 -11.34
C SER C 383 1.25 29.79 -12.46
N GLN C 384 2.19 29.23 -13.22
CA GLN C 384 1.83 28.33 -14.31
C GLN C 384 1.28 27.02 -13.77
N SER C 385 1.81 26.53 -12.65
CA SER C 385 1.33 25.27 -12.08
C SER C 385 -0.17 25.34 -11.80
N PHE C 386 -0.64 26.47 -11.28
CA PHE C 386 -2.06 26.61 -10.97
C PHE C 386 -2.90 26.66 -12.24
N LYS C 387 -2.40 27.34 -13.27
CA LYS C 387 -3.15 27.39 -14.53
C LYS C 387 -3.22 26.02 -15.19
N VAL C 388 -2.18 25.20 -15.04
CA VAL C 388 -2.21 23.85 -15.59
C VAL C 388 -3.25 23.01 -14.86
N ALA C 389 -3.22 23.03 -13.51
CA ALA C 389 -4.24 22.33 -12.74
C ALA C 389 -5.64 22.76 -13.15
N ARG C 390 -5.82 24.06 -13.41
CA ARG C 390 -7.13 24.58 -13.74
C ARG C 390 -7.57 24.14 -15.13
N VAL C 391 -6.62 23.89 -16.04
CA VAL C 391 -6.98 23.47 -17.39
C VAL C 391 -7.69 22.13 -17.36
N TYR C 392 -7.28 21.22 -16.47
CA TYR C 392 -7.79 19.87 -16.44
C TYR C 392 -9.00 19.73 -15.52
N MET C 393 -9.52 20.82 -14.98
CA MET C 393 -10.76 20.79 -14.23
C MET C 393 -11.95 20.99 -15.19
N TRP C 394 -13.12 20.55 -14.73
CA TRP C 394 -14.38 20.84 -15.40
C TRP C 394 -14.99 22.09 -14.79
N ARG C 395 -15.13 23.13 -15.60
CA ARG C 395 -15.61 24.41 -15.08
C ARG C 395 -16.02 25.31 -16.24
N MET C 396 -16.84 26.31 -15.93
CA MET C 396 -17.30 27.29 -16.91
C MET C 396 -16.40 28.52 -16.80
N SER C 397 -15.58 28.73 -17.83
CA SER C 397 -14.65 29.84 -17.89
C SER C 397 -15.34 31.10 -18.42
N LYS C 398 -14.57 32.19 -18.47
CA LYS C 398 -15.07 33.41 -19.10
C LYS C 398 -15.54 33.13 -20.52
N LYS C 399 -14.67 32.49 -21.31
CA LYS C 399 -14.96 32.18 -22.70
C LYS C 399 -16.19 31.27 -22.82
N ASP C 400 -16.35 30.34 -21.88
CA ASP C 400 -17.47 29.41 -21.96
C ASP C 400 -18.81 30.10 -21.85
N TYR C 401 -18.93 31.10 -20.97
CA TYR C 401 -20.20 31.80 -20.82
C TYR C 401 -20.57 32.59 -22.07
N GLU C 402 -19.59 32.96 -22.91
CA GLU C 402 -19.84 33.64 -24.15
C GLU C 402 -20.12 32.69 -25.32
N ASN C 403 -19.93 31.39 -25.10
CA ASN C 403 -20.19 30.37 -26.13
C ASN C 403 -21.66 29.99 -26.03
N LYS C 404 -22.47 30.48 -26.95
CA LYS C 404 -23.91 30.28 -26.84
C LYS C 404 -24.29 28.81 -27.02
N ASP C 405 -23.54 28.07 -27.85
CA ASP C 405 -23.81 26.64 -28.01
C ASP C 405 -23.62 25.89 -26.70
N LEU C 406 -22.54 26.20 -25.98
CA LEU C 406 -22.29 25.51 -24.71
C LEU C 406 -23.31 25.92 -23.65
N VAL C 407 -23.57 27.22 -23.52
CA VAL C 407 -24.50 27.69 -22.51
C VAL C 407 -25.87 27.08 -22.73
N ALA C 408 -26.24 26.82 -23.98
CA ALA C 408 -27.53 26.20 -24.26
C ALA C 408 -27.57 24.76 -23.75
N ARG C 409 -26.50 23.99 -23.96
CA ARG C 409 -26.50 22.61 -23.50
C ARG C 409 -26.43 22.52 -21.98
N VAL C 410 -25.59 23.35 -21.35
CA VAL C 410 -25.48 23.31 -19.90
C VAL C 410 -26.79 23.76 -19.27
N ALA C 411 -27.33 24.88 -19.75
CA ALA C 411 -28.63 25.34 -19.26
C ALA C 411 -29.68 24.23 -19.38
N ALA C 412 -29.68 23.52 -20.52
CA ALA C 412 -30.64 22.43 -20.70
C ALA C 412 -30.39 21.31 -19.69
N ALA C 413 -29.12 21.03 -19.40
CA ALA C 413 -28.81 20.02 -18.38
C ALA C 413 -29.43 20.40 -17.04
N GLY C 414 -29.46 21.68 -16.72
CA GLY C 414 -30.06 22.20 -15.52
C GLY C 414 -31.53 22.54 -15.62
N LYS C 415 -32.17 22.18 -16.73
CA LYS C 415 -33.60 22.43 -16.95
C LYS C 415 -33.93 23.90 -16.69
N MET C 416 -33.19 24.79 -17.35
CA MET C 416 -33.45 26.21 -17.28
C MET C 416 -33.09 26.84 -18.63
N THR C 417 -33.61 28.05 -18.86
CA THR C 417 -33.35 28.73 -20.11
C THR C 417 -31.92 29.27 -20.14
N PRO C 418 -31.36 29.47 -21.34
CA PRO C 418 -30.04 30.13 -21.41
C PRO C 418 -30.04 31.52 -20.80
N GLU C 419 -31.14 32.26 -20.85
CA GLU C 419 -31.15 33.58 -20.21
C GLU C 419 -31.04 33.45 -18.70
N ALA C 420 -31.72 32.46 -18.13
CA ALA C 420 -31.65 32.23 -16.69
C ALA C 420 -30.25 31.79 -16.28
N PHE C 421 -29.64 30.88 -17.03
CA PHE C 421 -28.32 30.38 -16.68
C PHE C 421 -27.27 31.49 -16.70
N THR C 422 -27.23 32.27 -17.79
CA THR C 422 -26.28 33.38 -17.85
C THR C 422 -26.55 34.37 -16.73
N GLU C 423 -27.82 34.66 -16.46
CA GLU C 423 -28.19 35.64 -15.44
C GLU C 423 -27.77 35.17 -14.04
N LYS C 424 -27.79 33.87 -13.80
CA LYS C 424 -27.47 33.34 -12.48
C LYS C 424 -25.98 33.14 -12.26
N PHE C 425 -25.28 32.58 -13.26
CA PHE C 425 -23.92 32.09 -13.08
C PHE C 425 -22.85 32.99 -13.68
N ALA C 426 -23.20 33.87 -14.62
CA ALA C 426 -22.17 34.60 -15.36
C ALA C 426 -21.31 35.47 -14.45
N HIS C 427 -21.86 35.93 -13.33
CA HIS C 427 -21.10 36.78 -12.42
C HIS C 427 -19.93 36.06 -11.76
N LEU C 428 -19.88 34.73 -11.82
CA LEU C 428 -18.83 33.99 -11.13
C LEU C 428 -17.45 34.27 -11.71
N THR C 429 -17.37 34.83 -12.92
CA THR C 429 -16.08 35.16 -13.50
C THR C 429 -15.39 36.32 -12.80
N ASP C 430 -16.14 37.12 -12.05
CA ASP C 430 -15.58 38.17 -11.20
C ASP C 430 -15.38 37.70 -9.77
N VAL C 431 -15.73 36.45 -9.47
CA VAL C 431 -15.59 35.89 -8.13
C VAL C 431 -14.24 35.20 -7.96
N VAL C 432 -13.74 34.52 -8.98
CA VAL C 432 -12.51 33.76 -8.91
C VAL C 432 -11.60 34.16 -10.05
N VAL C 433 -10.29 34.06 -9.81
CA VAL C 433 -9.32 34.41 -10.84
C VAL C 433 -9.50 33.49 -12.05
N GLU C 434 -9.26 34.06 -13.23
CA GLU C 434 -9.44 33.35 -14.49
C GLU C 434 -8.12 33.13 -15.23
N ALA D 13 4.76 -14.96 40.94
CA ALA D 13 3.86 -15.16 39.80
C ALA D 13 4.45 -16.19 38.83
N PRO D 14 3.59 -16.94 38.15
CA PRO D 14 4.10 -17.91 37.18
C PRO D 14 4.75 -17.22 35.99
N VAL D 15 5.80 -17.86 35.47
CA VAL D 15 6.59 -17.31 34.38
C VAL D 15 6.25 -18.02 33.08
N LEU D 16 5.89 -17.23 32.06
CA LEU D 16 5.72 -17.71 30.69
C LEU D 16 6.90 -17.22 29.86
N GLY D 17 7.62 -18.15 29.24
CA GLY D 17 8.72 -17.82 28.36
C GLY D 17 8.34 -18.13 26.92
N ILE D 18 8.73 -17.23 26.01
CA ILE D 18 8.33 -17.31 24.61
C ILE D 18 9.58 -17.21 23.73
N LEU D 19 9.65 -18.06 22.70
CA LEU D 19 10.71 -17.97 21.71
C LEU D 19 10.12 -18.28 20.34
N CYS D 20 10.85 -17.90 19.30
CA CYS D 20 10.49 -18.21 17.92
C CYS D 20 11.60 -19.01 17.26
N GLY D 21 11.22 -20.02 16.46
CA GLY D 21 12.16 -20.78 15.68
C GLY D 21 11.75 -20.79 14.22
N GLY D 22 12.73 -21.06 13.37
CA GLY D 22 12.50 -21.11 11.94
C GLY D 22 12.50 -19.73 11.32
N GLY D 23 12.05 -19.68 10.06
CA GLY D 23 11.93 -18.44 9.33
C GLY D 23 10.69 -17.67 9.74
N PRO D 24 10.75 -16.34 9.69
CA PRO D 24 9.58 -15.54 10.06
C PRO D 24 8.44 -15.73 9.07
N ALA D 25 7.25 -15.42 9.54
CA ALA D 25 6.04 -15.37 8.73
C ALA D 25 5.22 -14.21 9.25
N PRO D 26 4.50 -13.49 8.38
CA PRO D 26 3.71 -12.35 8.86
C PRO D 26 2.72 -12.80 9.91
N GLY D 27 2.73 -12.13 11.06
CA GLY D 27 1.87 -12.46 12.17
C GLY D 27 2.55 -13.05 13.38
N LEU D 28 3.84 -13.38 13.29
CA LEU D 28 4.57 -13.81 14.48
C LEU D 28 4.36 -12.84 15.63
N ASN D 29 4.54 -11.55 15.38
CA ASN D 29 4.34 -10.56 16.43
C ASN D 29 2.91 -10.62 16.97
N GLY D 30 1.94 -10.98 16.14
CA GLY D 30 0.57 -11.09 16.61
C GLY D 30 0.39 -12.24 17.57
N VAL D 31 1.10 -13.33 17.35
CA VAL D 31 1.05 -14.46 18.28
C VAL D 31 1.73 -14.09 19.60
N ILE D 32 2.86 -13.39 19.52
CA ILE D 32 3.59 -13.00 20.73
C ILE D 32 2.75 -12.06 21.58
N ALA D 33 2.07 -11.10 20.94
CA ALA D 33 1.26 -10.13 21.67
C ALA D 33 -0.04 -10.74 22.16
N GLY D 34 -0.62 -11.66 21.40
CA GLY D 34 -1.83 -12.31 21.85
C GLY D 34 -1.61 -13.13 23.11
N ALA D 35 -0.52 -13.90 23.15
CA ALA D 35 -0.18 -14.64 24.36
C ALA D 35 0.20 -13.71 25.50
N THR D 36 1.04 -12.71 25.22
CA THR D 36 1.62 -11.90 26.29
C THR D 36 0.57 -11.03 26.96
N LEU D 37 -0.26 -10.34 26.17
CA LEU D 37 -1.23 -9.42 26.74
C LEU D 37 -2.23 -10.15 27.63
N TYR D 38 -2.74 -11.29 27.16
CA TYR D 38 -3.66 -12.09 27.96
C TYR D 38 -2.99 -12.60 29.23
N ALA D 39 -1.75 -13.09 29.11
CA ALA D 39 -1.04 -13.60 30.27
C ALA D 39 -0.82 -12.51 31.31
N LEU D 40 -0.56 -11.28 30.86
CA LEU D 40 -0.32 -10.19 31.80
C LEU D 40 -1.58 -9.85 32.59
N ARG D 41 -2.76 -9.98 31.98
CA ARG D 41 -4.00 -9.76 32.72
C ARG D 41 -4.20 -10.81 33.79
N LEU D 42 -3.64 -12.01 33.61
CA LEU D 42 -3.68 -13.05 34.64
C LEU D 42 -2.63 -12.84 35.71
N GLY D 43 -1.82 -11.79 35.60
CA GLY D 43 -0.76 -11.54 36.56
C GLY D 43 0.52 -12.28 36.29
N TRP D 44 0.62 -12.96 35.15
CA TRP D 44 1.84 -13.70 34.82
C TRP D 44 2.98 -12.75 34.50
N LYS D 45 4.21 -13.25 34.65
CA LYS D 45 5.41 -12.60 34.16
C LYS D 45 5.80 -13.27 32.84
N VAL D 46 6.11 -12.47 31.83
CA VAL D 46 6.40 -12.97 30.49
C VAL D 46 7.82 -12.55 30.10
N ILE D 47 8.61 -13.52 29.63
CA ILE D 47 9.95 -13.27 29.12
C ILE D 47 10.02 -13.83 27.70
N GLY D 48 10.92 -13.27 26.91
CA GLY D 48 11.13 -13.75 25.55
C GLY D 48 12.59 -14.06 25.28
N PHE D 49 12.89 -15.29 24.86
CA PHE D 49 14.23 -15.66 24.47
C PHE D 49 14.52 -15.18 23.05
N MET D 50 15.65 -14.49 22.88
CA MET D 50 16.05 -13.99 21.57
C MET D 50 16.66 -15.11 20.74
N GLU D 51 16.34 -15.11 19.45
CA GLU D 51 16.93 -16.04 18.49
C GLU D 51 16.67 -17.50 18.90
N GLY D 52 15.42 -17.77 19.25
CA GLY D 52 15.00 -19.15 19.47
C GLY D 52 15.85 -19.85 20.53
N PHE D 53 16.30 -21.05 20.19
CA PHE D 53 17.08 -21.89 21.09
C PHE D 53 18.58 -21.59 21.04
N LYS D 54 18.99 -20.55 20.32
CA LYS D 54 20.41 -20.33 20.07
C LYS D 54 21.21 -20.25 21.36
N TYR D 55 20.76 -19.43 22.31
CA TYR D 55 21.51 -19.21 23.54
C TYR D 55 21.10 -20.16 24.66
N LEU D 56 19.87 -20.67 24.62
CA LEU D 56 19.51 -21.74 25.56
C LEU D 56 20.35 -22.99 25.33
N CYS D 57 20.91 -23.16 24.14
CA CYS D 57 21.71 -24.34 23.83
C CYS D 57 23.07 -24.32 24.52
N THR D 58 23.57 -23.16 24.91
CA THR D 58 24.87 -23.12 25.56
C THR D 58 24.81 -23.66 26.99
N GLY D 59 23.64 -23.55 27.62
CA GLY D 59 23.50 -23.94 29.02
C GLY D 59 24.03 -22.93 30.01
N ASP D 60 24.76 -21.91 29.56
CA ASP D 60 25.29 -20.88 30.45
C ASP D 60 24.19 -19.88 30.76
N VAL D 61 23.79 -19.82 32.03
CA VAL D 61 22.65 -18.99 32.40
C VAL D 61 22.97 -17.51 32.26
N ASP D 62 24.24 -17.13 32.37
CA ASP D 62 24.60 -15.73 32.16
C ASP D 62 24.44 -15.33 30.71
N VAL D 63 24.81 -16.23 29.78
CA VAL D 63 24.63 -15.96 28.36
C VAL D 63 23.15 -15.88 28.01
N VAL D 64 22.35 -16.80 28.56
CA VAL D 64 20.91 -16.77 28.29
C VAL D 64 20.30 -15.47 28.79
N LYS D 65 20.69 -15.04 30.00
CA LYS D 65 20.11 -13.82 30.55
C LYS D 65 20.45 -12.60 29.70
N ALA D 66 21.63 -12.60 29.07
CA ALA D 66 22.01 -11.49 28.20
C ALA D 66 21.24 -11.49 26.89
N HIS D 67 20.51 -12.56 26.59
CA HIS D 67 19.71 -12.66 25.37
C HIS D 67 18.29 -13.11 25.70
N THR D 68 17.76 -12.63 26.82
CA THR D 68 16.33 -12.69 27.11
C THR D 68 15.87 -11.30 27.51
N ILE D 69 14.60 -11.02 27.28
CA ILE D 69 14.03 -9.70 27.53
C ILE D 69 12.69 -9.86 28.25
N ASP D 70 12.29 -8.78 28.92
CA ASP D 70 11.02 -8.74 29.63
C ASP D 70 9.93 -8.31 28.65
N LEU D 71 9.01 -9.23 28.35
CA LEU D 71 7.89 -8.93 27.45
C LEU D 71 6.80 -8.25 28.28
N THR D 72 6.71 -6.93 28.17
CA THR D 72 5.80 -6.11 28.95
C THR D 72 4.70 -5.56 28.05
N TYR D 73 3.68 -4.98 28.70
CA TYR D 73 2.57 -4.39 27.96
C TYR D 73 3.09 -3.37 26.94
N ASP D 74 3.98 -2.47 27.38
CA ASP D 74 4.46 -1.42 26.50
C ASP D 74 5.21 -1.99 25.30
N ILE D 75 5.88 -3.13 25.47
CA ILE D 75 6.62 -3.74 24.38
C ILE D 75 5.68 -4.33 23.33
N VAL D 76 4.60 -4.99 23.77
CA VAL D 76 3.79 -5.79 22.87
C VAL D 76 2.48 -5.13 22.50
N SER D 77 2.20 -3.94 23.05
CA SER D 77 0.87 -3.36 22.89
C SER D 77 0.54 -3.08 21.42
N ARG D 78 1.55 -2.74 20.61
CA ARG D 78 1.30 -2.32 19.23
C ARG D 78 2.14 -3.07 18.21
N ILE D 79 2.66 -4.25 18.55
CA ILE D 79 3.44 -5.02 17.59
C ILE D 79 2.58 -5.86 16.67
N HIS D 80 1.27 -5.89 16.87
CA HIS D 80 0.38 -6.61 15.96
C HIS D 80 0.31 -5.98 14.58
N PHE D 81 0.80 -4.75 14.40
CA PHE D 81 0.85 -4.14 13.08
C PHE D 81 2.09 -4.53 12.30
N GLN D 82 3.10 -5.08 12.96
CA GLN D 82 4.45 -5.18 12.41
C GLN D 82 4.78 -6.61 12.00
N GLY D 83 5.41 -6.74 10.84
CA GLY D 83 5.99 -8.00 10.44
C GLY D 83 7.26 -8.31 11.18
N GLY D 84 7.76 -9.52 10.98
CA GLY D 84 8.97 -9.94 11.67
C GLY D 84 8.70 -10.47 13.07
N THR D 85 9.76 -10.48 13.87
CA THR D 85 9.70 -10.94 15.25
C THR D 85 10.52 -10.01 16.12
N ILE D 86 9.91 -9.48 17.18
CA ILE D 86 10.65 -8.58 18.05
C ILE D 86 11.68 -9.33 18.88
N ILE D 87 11.48 -10.63 19.11
CA ILE D 87 12.47 -11.45 19.79
C ILE D 87 13.31 -12.26 18.79
N GLN D 88 13.22 -11.94 17.51
CA GLN D 88 14.04 -12.60 16.49
C GLN D 88 13.76 -14.10 16.46
N THR D 89 14.54 -14.83 15.67
CA THR D 89 14.35 -16.26 15.52
C THR D 89 15.65 -16.89 15.07
N SER D 90 15.70 -18.22 15.16
CA SER D 90 16.88 -18.97 14.74
C SER D 90 16.45 -20.41 14.51
N ARG D 91 17.31 -21.14 13.82
CA ARG D 91 17.11 -22.57 13.59
C ARG D 91 17.93 -23.43 14.55
N ALA D 92 18.49 -22.84 15.59
CA ALA D 92 19.15 -23.61 16.64
C ALA D 92 18.22 -24.71 17.15
N ASN D 93 18.73 -25.94 17.12
CA ASN D 93 17.92 -27.14 17.37
C ASN D 93 18.60 -27.97 18.44
N PRO D 94 18.19 -27.84 19.71
CA PRO D 94 18.85 -28.62 20.77
C PRO D 94 18.60 -30.12 20.69
N ARG D 95 17.71 -30.56 19.80
CA ARG D 95 17.30 -31.96 19.74
C ARG D 95 18.40 -32.88 19.23
N LYS D 96 19.40 -32.34 18.52
CA LYS D 96 20.42 -33.19 17.90
C LYS D 96 21.37 -33.81 18.92
N SER D 97 21.40 -33.33 20.16
CA SER D 97 22.31 -33.82 21.18
C SER D 97 21.58 -33.91 22.51
N PRO D 98 21.84 -34.94 23.31
CA PRO D 98 21.24 -34.97 24.65
C PRO D 98 21.82 -33.92 25.59
N GLU D 99 23.11 -33.59 25.43
CA GLU D 99 23.71 -32.52 26.23
C GLU D 99 23.02 -31.18 25.97
N LEU D 100 22.70 -30.89 24.71
CA LEU D 100 22.02 -29.63 24.42
C LEU D 100 20.63 -29.60 25.06
N GLN D 101 19.89 -30.69 24.97
CA GLN D 101 18.57 -30.73 25.58
C GLN D 101 18.66 -30.44 27.07
N GLU D 102 19.69 -30.99 27.74
CA GLU D 102 19.83 -30.77 29.17
C GLU D 102 20.30 -29.35 29.47
N ASN D 103 21.01 -28.72 28.52
CA ASN D 103 21.36 -27.31 28.68
C ASN D 103 20.10 -26.44 28.67
N VAL D 104 19.20 -26.69 27.72
CA VAL D 104 17.94 -25.96 27.67
C VAL D 104 17.14 -26.22 28.95
N ARG D 105 17.11 -27.48 29.40
CA ARG D 105 16.43 -27.80 30.65
C ARG D 105 17.05 -27.05 31.82
N LYS D 106 18.39 -26.95 31.82
CA LYS D 106 19.09 -26.30 32.93
C LYS D 106 18.78 -24.80 32.98
N CYS D 107 18.66 -24.17 31.82
CA CYS D 107 18.39 -22.73 31.78
C CYS D 107 16.92 -22.42 32.05
N LEU D 108 16.01 -23.29 31.60
CA LEU D 108 14.59 -23.06 31.87
C LEU D 108 14.27 -23.25 33.34
N ARG D 109 14.86 -24.27 33.97
CA ARG D 109 14.70 -24.44 35.41
C ARG D 109 15.25 -23.21 36.16
N ALA D 110 16.40 -22.71 35.71
CA ALA D 110 17.01 -21.56 36.38
C ALA D 110 16.07 -20.35 36.34
N LEU D 111 15.38 -20.13 35.24
CA LEU D 111 14.48 -19.00 35.07
C LEU D 111 13.08 -19.24 35.65
N LYS D 112 12.80 -20.42 36.20
CA LYS D 112 11.50 -20.71 36.80
C LYS D 112 10.39 -20.59 35.76
N VAL D 113 10.67 -21.01 34.53
CA VAL D 113 9.67 -21.00 33.47
C VAL D 113 8.60 -22.04 33.81
N ARG D 114 7.38 -21.57 34.11
CA ARG D 114 6.26 -22.48 34.31
C ARG D 114 5.57 -22.84 33.00
N TYR D 115 5.43 -21.87 32.09
CA TYR D 115 4.76 -22.06 30.82
C TYR D 115 5.72 -21.70 29.69
N PHE D 116 5.86 -22.60 28.72
CA PHE D 116 6.86 -22.46 27.67
C PHE D 116 6.16 -22.49 26.33
N LEU D 117 6.17 -21.36 25.62
CA LEU D 117 5.50 -21.21 24.33
C LEU D 117 6.54 -21.00 23.25
N THR D 118 6.60 -21.91 22.29
CA THR D 118 7.46 -21.79 21.12
C THR D 118 6.61 -21.54 19.89
N ILE D 119 7.02 -20.60 19.05
CA ILE D 119 6.31 -20.27 17.81
C ILE D 119 7.28 -20.57 16.67
N GLY D 120 7.03 -21.67 15.95
CA GLY D 120 7.96 -22.12 14.94
C GLY D 120 7.40 -23.32 14.21
N GLY D 121 8.24 -23.87 13.32
CA GLY D 121 7.85 -25.04 12.57
C GLY D 121 8.03 -26.26 13.45
N ASP D 122 8.03 -27.44 12.82
CA ASP D 122 8.12 -28.66 13.60
C ASP D 122 9.49 -28.79 14.25
N ASP D 123 10.58 -28.42 13.55
CA ASP D 123 11.88 -28.52 14.19
C ASP D 123 11.87 -27.74 15.48
N THR D 124 11.15 -26.61 15.50
CA THR D 124 11.05 -25.82 16.72
C THR D 124 10.16 -26.51 17.75
N ALA D 125 9.00 -27.02 17.31
CA ALA D 125 8.08 -27.70 18.22
C ALA D 125 8.70 -28.97 18.77
N SER D 126 9.42 -29.72 17.94
CA SER D 126 10.06 -30.94 18.39
C SER D 126 11.13 -30.65 19.44
N SER D 127 11.88 -29.56 19.28
CA SER D 127 12.84 -29.18 20.31
C SER D 127 12.12 -28.93 21.62
N ALA D 128 10.97 -28.24 21.57
CA ALA D 128 10.21 -27.97 22.78
C ALA D 128 9.76 -29.29 23.42
N VAL D 129 9.34 -30.25 22.60
CA VAL D 129 8.85 -31.53 23.13
C VAL D 129 10.01 -32.33 23.73
N SER D 130 11.17 -32.32 23.08
CA SER D 130 12.31 -33.05 23.61
C SER D 130 12.74 -32.52 24.97
N VAL D 131 12.77 -31.19 25.13
CA VAL D 131 13.16 -30.62 26.41
C VAL D 131 12.12 -30.93 27.48
N ALA D 132 10.86 -31.09 27.10
CA ALA D 132 9.82 -31.31 28.09
C ALA D 132 9.76 -32.76 28.55
N SER D 133 9.88 -33.70 27.61
CA SER D 133 9.75 -35.11 27.95
C SER D 133 10.81 -35.55 28.96
N GLY D 134 11.90 -34.81 29.08
CA GLY D 134 12.91 -35.09 30.08
C GLY D 134 12.81 -34.13 31.23
N MET D 135 11.58 -33.77 31.59
CA MET D 135 11.31 -32.72 32.57
C MET D 135 10.01 -33.04 33.27
N ASN D 136 9.98 -32.82 34.58
CA ASN D 136 8.79 -33.12 35.36
C ASN D 136 7.61 -32.31 34.84
N GLY D 137 6.44 -32.95 34.80
CA GLY D 137 5.26 -32.32 34.24
C GLY D 137 4.60 -31.27 35.12
N ASN D 138 5.02 -31.15 36.38
CA ASN D 138 4.44 -30.19 37.30
C ASN D 138 5.24 -28.90 37.41
N GLU D 139 6.50 -28.90 36.98
CA GLU D 139 7.33 -27.71 37.01
C GLU D 139 7.21 -26.88 35.75
N ILE D 140 6.94 -27.52 34.61
CA ILE D 140 6.88 -26.81 33.33
C ILE D 140 5.84 -27.47 32.44
N SER D 141 5.14 -26.65 31.68
CA SER D 141 4.17 -27.08 30.67
C SER D 141 4.56 -26.40 29.37
N VAL D 142 4.50 -27.15 28.27
CA VAL D 142 5.09 -26.71 27.01
C VAL D 142 4.03 -26.77 25.92
N ILE D 143 3.91 -25.67 25.16
CA ILE D 143 3.00 -25.57 24.03
C ILE D 143 3.77 -24.94 22.88
N SER D 144 3.51 -25.41 21.66
CA SER D 144 4.06 -24.81 20.46
C SER D 144 2.92 -24.38 19.54
N CYS D 145 3.13 -23.27 18.85
CA CYS D 145 2.16 -22.77 17.88
C CYS D 145 2.74 -23.00 16.49
N PRO D 146 2.10 -23.81 15.65
CA PRO D 146 2.70 -24.18 14.35
C PRO D 146 2.61 -23.03 13.35
N LYS D 147 3.75 -22.61 12.85
CA LYS D 147 3.85 -21.51 11.90
C LYS D 147 4.46 -22.01 10.59
N THR D 148 3.86 -21.58 9.48
CA THR D 148 4.41 -21.83 8.16
C THR D 148 3.71 -20.96 7.12
N ILE D 149 4.50 -20.25 6.31
CA ILE D 149 3.95 -19.47 5.20
C ILE D 149 3.55 -20.33 4.02
N ASP D 150 3.99 -21.59 3.98
CA ASP D 150 3.71 -22.48 2.87
C ASP D 150 2.29 -23.04 2.86
N ASN D 151 1.51 -22.86 3.93
CA ASN D 151 0.13 -23.33 3.99
C ASN D 151 0.04 -24.86 3.92
N ASP D 152 1.08 -25.55 4.38
CA ASP D 152 1.20 -26.99 4.22
C ASP D 152 0.84 -27.77 5.50
N LEU D 153 0.01 -27.18 6.39
CA LEU D 153 -0.42 -27.92 7.57
C LEU D 153 -1.68 -28.72 7.27
N PRO D 154 -1.91 -29.83 7.97
CA PRO D 154 -3.07 -30.68 7.68
C PRO D 154 -4.37 -30.16 8.32
N LEU D 155 -4.74 -28.94 7.97
CA LEU D 155 -6.02 -28.40 8.42
C LEU D 155 -7.10 -28.82 7.45
N PRO D 156 -8.37 -28.68 7.83
CA PRO D 156 -9.46 -28.92 6.87
C PRO D 156 -9.20 -28.16 5.58
N ALA D 157 -9.51 -28.79 4.46
CA ALA D 157 -9.18 -28.20 3.17
C ALA D 157 -9.79 -26.82 3.04
N ASP D 158 -9.05 -25.92 2.40
CA ASP D 158 -9.40 -24.52 2.18
C ASP D 158 -9.11 -23.64 3.40
N GLN D 159 -8.63 -24.21 4.51
CA GLN D 159 -8.28 -23.44 5.70
C GLN D 159 -6.78 -23.15 5.69
N SER D 160 -6.44 -21.87 5.77
CA SER D 160 -5.07 -21.42 5.59
C SER D 160 -4.31 -21.36 6.91
N THR D 161 -2.98 -21.42 6.81
CA THR D 161 -2.09 -21.14 7.91
C THR D 161 -1.85 -19.64 8.04
N PHE D 162 -1.47 -19.20 9.25
CA PHE D 162 -1.30 -17.77 9.47
C PHE D 162 -0.02 -17.31 8.78
N GLY D 163 -0.07 -16.09 8.24
CA GLY D 163 0.99 -15.58 7.41
C GLY D 163 0.85 -15.90 5.94
N PHE D 164 0.04 -16.91 5.60
CA PHE D 164 -0.13 -17.27 4.19
C PHE D 164 -0.90 -16.20 3.44
N HIS D 165 -1.97 -15.66 4.04
CA HIS D 165 -2.75 -14.64 3.36
C HIS D 165 -1.91 -13.41 3.05
N THR D 166 -1.06 -13.01 4.00
CA THR D 166 -0.19 -11.86 3.76
C THR D 166 0.80 -12.16 2.63
N ALA D 167 1.45 -13.32 2.69
CA ALA D 167 2.42 -13.68 1.67
C ALA D 167 1.79 -13.73 0.28
N ARG D 168 0.57 -14.30 0.20
CA ARG D 168 -0.10 -14.41 -1.09
C ARG D 168 -0.55 -13.04 -1.62
N SER D 169 -1.06 -12.19 -0.74
CA SER D 169 -1.58 -10.91 -1.21
C SER D 169 -0.48 -9.99 -1.69
N LEU D 170 0.65 -9.96 -0.97
CA LEU D 170 1.76 -9.15 -1.45
C LEU D 170 2.36 -9.75 -2.71
N GLY D 171 2.44 -11.08 -2.79
CA GLY D 171 2.91 -11.71 -4.01
C GLY D 171 2.03 -11.37 -5.20
N MET D 172 0.72 -11.34 -4.99
CA MET D 172 -0.19 -10.91 -6.05
C MET D 172 0.14 -9.49 -6.50
N GLU D 173 0.46 -8.60 -5.55
CA GLU D 173 0.73 -7.22 -5.91
C GLU D 173 2.01 -7.10 -6.72
N ILE D 174 3.04 -7.87 -6.36
CA ILE D 174 4.28 -7.85 -7.14
C ILE D 174 4.03 -8.36 -8.55
N ILE D 175 3.29 -9.47 -8.67
CA ILE D 175 3.04 -10.02 -9.99
C ILE D 175 2.18 -9.08 -10.82
N ARG D 176 1.25 -8.35 -10.18
CA ARG D 176 0.47 -7.37 -10.92
C ARG D 176 1.38 -6.39 -11.64
N ASN D 177 2.39 -5.88 -10.94
CA ASN D 177 3.35 -4.98 -11.58
C ASN D 177 4.09 -5.67 -12.72
N LEU D 178 4.39 -6.96 -12.56
CA LEU D 178 5.08 -7.69 -13.62
C LEU D 178 4.14 -7.96 -14.80
N MET D 179 2.84 -8.10 -14.54
CA MET D 179 1.89 -8.30 -15.64
C MET D 179 1.74 -7.03 -16.46
N VAL D 180 1.70 -5.88 -15.78
CA VAL D 180 1.62 -4.61 -16.48
C VAL D 180 2.91 -4.36 -17.26
N ASP D 181 4.06 -4.69 -16.67
CA ASP D 181 5.33 -4.47 -17.36
C ASP D 181 5.50 -5.43 -18.53
N SER D 182 5.01 -6.67 -18.39
CA SER D 182 5.17 -7.63 -19.47
C SER D 182 4.33 -7.24 -20.68
N LYS D 183 3.19 -6.59 -20.45
CA LYS D 183 2.36 -6.14 -21.57
C LYS D 183 2.88 -4.83 -22.15
N SER D 184 3.27 -3.89 -21.28
CA SER D 184 3.73 -2.59 -21.76
C SER D 184 4.98 -2.74 -22.62
N ALA D 185 5.94 -3.55 -22.18
CA ALA D 185 7.18 -3.82 -22.90
C ALA D 185 7.24 -5.32 -23.16
N PRO D 186 6.53 -5.80 -24.20
CA PRO D 186 6.33 -7.25 -24.38
C PRO D 186 7.49 -8.15 -24.00
N ARG D 187 7.25 -9.02 -23.02
CA ARG D 187 8.23 -10.01 -22.55
C ARG D 187 7.50 -11.02 -21.68
N TRP D 188 8.13 -12.17 -21.47
CA TRP D 188 7.66 -13.17 -20.54
C TRP D 188 8.51 -13.16 -19.26
N PHE D 189 7.84 -13.18 -18.11
CA PHE D 189 8.50 -13.36 -16.82
C PHE D 189 8.26 -14.77 -16.31
N LEU D 190 9.32 -15.46 -15.90
CA LEU D 190 9.22 -16.71 -15.16
C LEU D 190 9.45 -16.38 -13.68
N VAL D 191 8.36 -16.28 -12.93
CA VAL D 191 8.40 -15.93 -11.51
C VAL D 191 8.59 -17.20 -10.70
N GLU D 192 9.71 -17.31 -10.00
CA GLU D 192 9.96 -18.46 -9.12
C GLU D 192 9.51 -18.09 -7.71
N ALA D 193 8.44 -18.75 -7.25
CA ALA D 193 7.92 -18.54 -5.90
C ALA D 193 8.71 -19.38 -4.92
N MET D 194 9.31 -18.73 -3.93
CA MET D 194 10.17 -19.42 -2.98
C MET D 194 9.36 -20.39 -2.13
N GLY D 195 10.02 -21.49 -1.76
CA GLY D 195 9.35 -22.53 -0.98
C GLY D 195 9.26 -23.83 -1.76
N ARG D 196 9.95 -24.88 -1.30
CA ARG D 196 9.96 -26.15 -2.01
C ARG D 196 9.02 -27.18 -1.39
N SER D 197 8.32 -26.82 -0.30
CA SER D 197 7.47 -27.78 0.38
C SER D 197 6.26 -28.16 -0.46
N ALA D 198 5.49 -27.17 -0.91
CA ALA D 198 4.23 -27.42 -1.59
C ALA D 198 3.99 -26.33 -2.62
N GLY D 199 2.84 -26.40 -3.28
CA GLY D 199 2.47 -25.48 -4.34
C GLY D 199 1.42 -24.46 -3.94
N HIS D 200 1.07 -24.36 -2.67
CA HIS D 200 0.02 -23.44 -2.25
C HIS D 200 0.38 -22.00 -2.61
N LEU D 201 1.59 -21.56 -2.28
CA LEU D 201 1.94 -20.15 -2.44
C LEU D 201 2.02 -19.78 -3.93
N ALA D 202 2.68 -20.61 -4.74
CA ALA D 202 2.80 -20.29 -6.16
C ALA D 202 1.42 -20.24 -6.83
N LEU D 203 0.56 -21.23 -6.54
CA LEU D 203 -0.76 -21.24 -7.16
C LEU D 203 -1.65 -20.13 -6.63
N GLY D 204 -1.46 -19.74 -5.36
CA GLY D 204 -2.25 -18.65 -4.82
C GLY D 204 -1.94 -17.33 -5.49
N MET D 205 -0.66 -17.02 -5.62
CA MET D 205 -0.25 -15.80 -6.31
C MET D 205 -0.68 -15.83 -7.78
N ALA D 206 -0.56 -16.99 -8.43
CA ALA D 206 -0.86 -17.07 -9.85
C ALA D 206 -2.35 -16.87 -10.12
N GLU D 207 -3.20 -17.61 -9.40
CA GLU D 207 -4.64 -17.47 -9.60
C GLU D 207 -5.12 -16.07 -9.28
N ALA D 208 -4.64 -15.50 -8.16
CA ALA D 208 -5.07 -14.17 -7.77
C ALA D 208 -4.65 -13.12 -8.79
N SER D 209 -3.46 -13.26 -9.35
CA SER D 209 -2.91 -12.27 -10.28
C SER D 209 -3.29 -12.55 -11.73
N GLY D 210 -4.06 -13.59 -11.99
CA GLY D 210 -4.39 -13.94 -13.36
C GLY D 210 -3.19 -14.28 -14.21
N ALA D 211 -2.16 -14.85 -13.60
CA ALA D 211 -0.99 -15.26 -14.37
C ALA D 211 -1.40 -16.28 -15.42
N HIS D 212 -0.67 -16.28 -16.54
CA HIS D 212 -1.04 -17.10 -17.69
C HIS D 212 -0.70 -18.56 -17.50
N LEU D 213 0.20 -18.90 -16.59
CA LEU D 213 0.53 -20.29 -16.36
C LEU D 213 1.04 -20.43 -14.93
N CYS D 214 0.78 -21.59 -14.34
CA CYS D 214 1.37 -21.94 -13.06
C CYS D 214 1.74 -23.41 -13.08
N LEU D 215 2.98 -23.72 -12.69
CA LEU D 215 3.47 -25.08 -12.61
C LEU D 215 3.83 -25.37 -11.16
N ILE D 216 3.24 -26.42 -10.61
CA ILE D 216 3.50 -26.85 -9.24
C ILE D 216 3.87 -28.32 -9.30
N PRO D 217 4.71 -28.83 -8.39
CA PRO D 217 5.07 -30.26 -8.46
C PRO D 217 3.87 -31.19 -8.34
N GLU D 218 2.79 -30.75 -7.70
CA GLU D 218 1.67 -31.63 -7.43
C GLU D 218 0.93 -32.07 -8.69
N GLU D 219 1.05 -31.35 -9.80
CA GLU D 219 0.29 -31.66 -10.99
C GLU D 219 0.98 -32.67 -11.89
N PHE D 220 2.20 -33.10 -11.57
CA PHE D 220 2.92 -34.06 -12.39
C PHE D 220 2.58 -35.48 -11.97
N LYS D 221 2.20 -36.29 -12.96
CA LYS D 221 1.70 -37.63 -12.66
C LYS D 221 2.82 -38.55 -12.18
N GLN D 222 3.90 -38.65 -12.95
CA GLN D 222 4.98 -39.54 -12.55
C GLN D 222 5.69 -39.00 -11.32
N ASP D 223 6.46 -39.86 -10.67
CA ASP D 223 7.09 -39.51 -9.40
C ASP D 223 8.27 -38.57 -9.56
N GLU D 224 8.92 -38.55 -10.73
CA GLU D 224 10.08 -37.69 -10.95
C GLU D 224 9.88 -36.83 -12.20
N ILE D 225 10.20 -35.55 -12.07
CA ILE D 225 10.07 -34.58 -13.15
C ILE D 225 11.34 -34.60 -13.99
N GLU D 226 11.18 -34.33 -15.29
CA GLU D 226 12.30 -34.19 -16.20
C GLU D 226 12.39 -32.73 -16.66
N PHE D 227 13.63 -32.22 -16.75
CA PHE D 227 13.83 -30.83 -17.14
C PHE D 227 13.16 -30.53 -18.47
N GLU D 228 13.27 -31.45 -19.44
CA GLU D 228 12.72 -31.20 -20.77
C GLU D 228 11.21 -30.98 -20.73
N ASP D 229 10.52 -31.68 -19.84
CA ASP D 229 9.06 -31.53 -19.75
C ASP D 229 8.68 -30.14 -19.26
N VAL D 230 9.40 -29.61 -18.27
CA VAL D 230 9.09 -28.28 -17.76
C VAL D 230 9.27 -27.23 -18.84
N VAL D 231 10.37 -27.32 -19.58
CA VAL D 231 10.61 -26.39 -20.68
C VAL D 231 9.48 -26.46 -21.70
N GLU D 232 9.02 -27.68 -22.02
CA GLU D 232 7.99 -27.82 -23.05
C GLU D 232 6.62 -27.40 -22.55
N LEU D 233 6.35 -27.53 -21.25
CA LEU D 233 5.08 -27.07 -20.72
C LEU D 233 4.98 -25.55 -20.79
N VAL D 234 6.08 -24.85 -20.48
CA VAL D 234 6.12 -23.40 -20.65
C VAL D 234 6.13 -23.05 -22.14
N GLU D 235 6.86 -23.83 -22.94
CA GLU D 235 7.01 -23.52 -24.36
C GLU D 235 5.66 -23.56 -25.06
N ALA D 236 4.83 -24.57 -24.75
CA ALA D 236 3.53 -24.67 -25.39
C ALA D 236 2.64 -23.50 -25.02
N THR D 237 2.73 -23.03 -23.76
CA THR D 237 1.93 -21.88 -23.37
C THR D 237 2.34 -20.63 -24.13
N ILE D 238 3.65 -20.42 -24.29
CA ILE D 238 4.12 -19.24 -25.01
C ILE D 238 3.67 -19.29 -26.46
N LEU D 239 3.76 -20.46 -27.10
CA LEU D 239 3.35 -20.57 -28.50
C LEU D 239 1.85 -20.36 -28.66
N LYS D 240 1.04 -20.89 -27.74
CA LYS D 240 -0.40 -20.72 -27.87
C LYS D 240 -0.80 -19.25 -27.73
N ARG D 241 -0.23 -18.56 -26.75
CA ARG D 241 -0.44 -17.12 -26.64
C ARG D 241 -0.02 -16.41 -27.91
N LEU D 242 1.14 -16.79 -28.47
CA LEU D 242 1.60 -16.19 -29.72
C LEU D 242 0.64 -16.46 -30.87
N ALA D 243 -0.04 -17.61 -30.84
CA ALA D 243 -1.01 -17.91 -31.89
C ALA D 243 -2.24 -17.02 -31.80
N TYR D 244 -2.49 -16.43 -30.64
CA TYR D 244 -3.56 -15.45 -30.46
C TYR D 244 -3.02 -14.02 -30.40
N GLY D 245 -1.83 -13.78 -30.94
CA GLY D 245 -1.29 -12.44 -31.09
C GLY D 245 -0.60 -11.85 -29.89
N LYS D 246 -0.33 -12.65 -28.85
CA LYS D 246 0.28 -12.17 -27.62
C LYS D 246 1.66 -12.81 -27.47
N ASN D 247 2.70 -11.98 -27.54
CA ASN D 247 4.09 -12.43 -27.38
C ASN D 247 4.61 -12.09 -25.99
N TYR D 248 3.75 -12.20 -24.97
CA TYR D 248 4.14 -11.84 -23.61
C TYR D 248 3.25 -12.60 -22.65
N GLY D 249 3.63 -12.57 -21.38
CA GLY D 249 2.86 -13.20 -20.34
C GLY D 249 3.70 -13.34 -19.09
N VAL D 250 3.09 -13.98 -18.09
CA VAL D 250 3.80 -14.34 -16.87
C VAL D 250 3.48 -15.79 -16.56
N CYS D 251 4.52 -16.57 -16.25
CA CYS D 251 4.38 -17.94 -15.80
C CYS D 251 4.99 -18.03 -14.41
N VAL D 252 4.23 -18.57 -13.46
CA VAL D 252 4.66 -18.69 -12.07
C VAL D 252 5.07 -20.13 -11.84
N LEU D 253 6.25 -20.32 -11.27
CA LEU D 253 6.85 -21.65 -11.07
C LEU D 253 7.12 -21.84 -9.59
N ALA D 254 6.54 -22.88 -9.00
CA ALA D 254 6.84 -23.22 -7.62
C ALA D 254 8.25 -23.80 -7.54
N GLU D 255 9.04 -23.31 -6.57
CA GLU D 255 10.39 -23.81 -6.41
C GLU D 255 10.41 -25.31 -6.11
N GLY D 256 9.30 -25.86 -5.62
CA GLY D 256 9.24 -27.28 -5.32
C GLY D 256 9.38 -28.20 -6.51
N LEU D 257 9.23 -27.67 -7.73
CA LEU D 257 9.52 -28.46 -8.92
C LEU D 257 10.93 -29.03 -8.87
N VAL D 258 11.88 -28.26 -8.32
CA VAL D 258 13.27 -28.67 -8.31
C VAL D 258 13.46 -29.92 -7.46
N SER D 259 12.80 -29.98 -6.30
CA SER D 259 12.98 -31.11 -5.39
C SER D 259 12.25 -32.35 -5.87
N LYS D 260 11.50 -32.26 -6.96
CA LYS D 260 10.89 -33.43 -7.58
C LYS D 260 11.65 -33.87 -8.83
N MET D 261 12.67 -33.12 -9.24
CA MET D 261 13.39 -33.42 -10.47
C MET D 261 14.35 -34.59 -10.26
N SER D 262 14.49 -35.41 -11.29
CA SER D 262 15.37 -36.56 -11.23
C SER D 262 16.84 -36.12 -11.12
N LYS D 263 17.72 -37.10 -10.87
CA LYS D 263 19.14 -36.82 -10.80
C LYS D 263 19.66 -36.25 -12.12
N LYS D 264 19.23 -36.83 -13.25
CA LYS D 264 19.66 -36.33 -14.55
C LYS D 264 19.14 -34.93 -14.79
N ALA D 265 17.89 -34.66 -14.39
CA ALA D 265 17.31 -33.33 -14.58
C ALA D 265 18.10 -32.28 -13.81
N LEU D 266 18.61 -32.63 -12.62
CA LEU D 266 19.40 -31.69 -11.85
C LEU D 266 20.75 -31.45 -12.51
N TYR D 267 21.31 -32.47 -13.17
CA TYR D 267 22.55 -32.29 -13.91
C TYR D 267 22.39 -31.25 -15.02
N LYS D 268 21.29 -31.33 -15.78
CA LYS D 268 21.01 -30.31 -16.79
C LYS D 268 20.68 -28.97 -16.15
N LEU D 269 20.02 -28.99 -14.99
CA LEU D 269 19.60 -27.76 -14.34
C LEU D 269 20.79 -26.87 -14.01
N PHE D 270 21.86 -27.47 -13.48
CA PHE D 270 23.06 -26.74 -13.09
C PHE D 270 24.03 -26.52 -14.25
N GLY D 271 23.55 -26.54 -15.48
CA GLY D 271 24.39 -26.26 -16.63
C GLY D 271 25.12 -27.43 -17.20
N ASN D 272 24.52 -28.62 -17.17
CA ASN D 272 25.18 -29.87 -17.58
C ASN D 272 26.50 -30.07 -16.83
N ARG D 273 26.55 -29.61 -15.59
CA ARG D 273 27.65 -29.84 -14.67
C ARG D 273 27.18 -30.73 -13.53
N GLU D 274 28.13 -31.25 -12.76
CA GLU D 274 27.78 -32.03 -11.58
C GLU D 274 27.13 -31.13 -10.52
N PRO D 275 25.96 -31.52 -10.00
CA PRO D 275 25.27 -30.68 -8.99
C PRO D 275 26.09 -30.54 -7.72
N PRO D 276 26.09 -29.37 -7.09
CA PRO D 276 26.81 -29.23 -5.82
C PRO D 276 26.23 -30.14 -4.74
N THR D 277 27.03 -30.37 -3.70
CA THR D 277 26.68 -31.30 -2.65
C THR D 277 27.30 -30.84 -1.33
N ASP D 278 26.68 -31.23 -0.23
CA ASP D 278 27.17 -30.88 1.10
C ASP D 278 28.26 -31.84 1.58
N LEU D 284 22.58 -29.78 -2.76
CA LEU D 284 22.41 -28.38 -2.38
C LEU D 284 21.45 -27.68 -3.34
N LEU D 285 20.15 -27.85 -3.09
CA LEU D 285 19.13 -27.34 -3.99
C LEU D 285 19.01 -25.82 -3.97
N ASP D 286 19.47 -25.16 -2.90
CA ASP D 286 19.34 -23.71 -2.83
C ASP D 286 20.16 -22.98 -3.90
N ASP D 287 21.24 -23.59 -4.39
CA ASP D 287 22.03 -22.94 -5.43
C ASP D 287 21.39 -23.05 -6.81
N ALA D 288 20.38 -23.90 -6.97
CA ALA D 288 19.68 -24.00 -8.24
C ALA D 288 18.93 -22.71 -8.53
N GLU D 289 18.83 -22.40 -9.82
CA GLU D 289 18.10 -21.23 -10.31
C GLU D 289 17.11 -21.75 -11.34
N LEU D 290 16.01 -22.35 -10.87
CA LEU D 290 15.08 -23.00 -11.77
C LEU D 290 14.60 -22.04 -12.86
N ALA D 291 14.10 -20.87 -12.46
CA ALA D 291 13.54 -19.94 -13.43
C ALA D 291 14.60 -19.46 -14.41
N ARG D 292 15.82 -19.24 -13.94
CA ARG D 292 16.88 -18.77 -14.82
C ARG D 292 17.26 -19.83 -15.84
N SER D 293 17.44 -21.08 -15.37
CA SER D 293 17.81 -22.16 -16.27
C SER D 293 16.76 -22.36 -17.37
N LEU D 294 15.49 -22.33 -16.99
CA LEU D 294 14.43 -22.45 -17.98
C LEU D 294 14.45 -21.27 -18.95
N SER D 295 14.80 -20.08 -18.46
CA SER D 295 14.84 -18.90 -19.32
C SER D 295 15.91 -19.04 -20.40
N GLU D 296 17.10 -19.51 -20.04
CA GLU D 296 18.16 -19.69 -21.02
C GLU D 296 17.74 -20.68 -22.09
N GLU D 297 17.16 -21.82 -21.67
CA GLU D 297 16.77 -22.84 -22.63
C GLU D 297 15.66 -22.35 -23.56
N LEU D 298 14.65 -21.66 -23.01
CA LEU D 298 13.53 -21.22 -23.82
C LEU D 298 13.92 -20.12 -24.80
N LEU D 299 14.96 -19.34 -24.50
CA LEU D 299 15.38 -18.29 -25.43
C LEU D 299 16.02 -18.85 -26.68
N LYS D 300 16.81 -19.92 -26.56
CA LYS D 300 17.36 -20.54 -27.77
C LYS D 300 16.24 -21.03 -28.69
N ARG D 301 15.18 -21.61 -28.12
CA ARG D 301 14.14 -22.22 -28.93
C ARG D 301 13.18 -21.19 -29.53
N LEU D 302 12.92 -20.11 -28.80
CA LEU D 302 11.86 -19.18 -29.15
C LEU D 302 12.35 -17.78 -29.46
N GLY D 303 13.64 -17.50 -29.25
CA GLY D 303 14.15 -16.16 -29.50
C GLY D 303 13.94 -15.70 -30.94
N ASN D 304 14.06 -16.62 -31.90
CA ASN D 304 13.90 -16.26 -33.30
C ASN D 304 12.48 -15.79 -33.59
N LEU D 305 11.51 -16.15 -32.76
CA LEU D 305 10.13 -15.75 -32.93
C LEU D 305 9.84 -14.36 -32.37
N GLY D 306 10.84 -13.69 -31.79
CA GLY D 306 10.62 -12.41 -31.18
C GLY D 306 10.27 -12.44 -29.71
N ILE D 307 10.62 -13.49 -28.99
CA ILE D 307 10.27 -13.65 -27.59
C ILE D 307 11.50 -13.40 -26.73
N ARG D 308 11.33 -12.57 -25.69
CA ARG D 308 12.32 -12.40 -24.64
C ARG D 308 11.74 -12.92 -23.33
N ILE D 309 12.59 -13.57 -22.54
CA ILE D 309 12.18 -14.23 -21.30
C ILE D 309 13.15 -13.86 -20.19
N THR D 310 12.61 -13.52 -19.02
CA THR D 310 13.38 -13.01 -17.88
C THR D 310 12.92 -13.67 -16.59
N PRO D 311 13.85 -14.13 -15.75
CA PRO D 311 13.45 -14.69 -14.45
C PRO D 311 13.38 -13.64 -13.35
N LYS D 312 12.51 -13.92 -12.37
CA LYS D 312 12.32 -13.04 -11.21
C LYS D 312 11.90 -13.92 -10.04
N LYS D 313 12.56 -13.75 -8.90
CA LYS D 313 12.28 -14.52 -7.71
C LYS D 313 11.46 -13.71 -6.72
N ILE D 314 10.47 -14.35 -6.12
CA ILE D 314 9.63 -13.74 -5.09
C ILE D 314 9.72 -14.64 -3.86
N GLY D 315 10.28 -14.12 -2.78
CA GLY D 315 10.46 -14.90 -1.58
C GLY D 315 10.70 -14.11 -0.32
N TYR D 316 11.91 -13.58 -0.18
CA TYR D 316 12.33 -13.00 1.11
C TYR D 316 11.57 -11.73 1.44
N GLU D 317 11.09 -11.00 0.44
CA GLU D 317 10.33 -9.78 0.70
C GLU D 317 8.94 -10.06 1.24
N LEU D 318 8.51 -11.32 1.27
CA LEU D 318 7.21 -11.69 1.78
C LEU D 318 7.22 -12.05 3.26
N ARG D 319 8.36 -12.50 3.80
CA ARG D 319 8.35 -13.15 5.10
C ARG D 319 7.94 -12.18 6.21
N CYS D 320 8.38 -10.91 6.11
CA CYS D 320 8.16 -9.94 7.17
C CYS D 320 7.33 -8.75 6.72
N ALA D 321 6.52 -8.91 5.68
CA ALA D 321 5.51 -7.91 5.39
C ALA D 321 4.56 -7.76 6.58
N ASP D 322 4.03 -6.55 6.75
CA ASP D 322 3.06 -6.34 7.81
C ASP D 322 1.84 -7.22 7.56
N PRO D 323 1.25 -7.80 8.61
CA PRO D 323 0.15 -8.73 8.40
C PRO D 323 -1.09 -8.03 7.88
N VAL D 324 -1.80 -8.71 6.98
CA VAL D 324 -3.12 -8.24 6.52
C VAL D 324 -4.11 -8.56 7.63
N ALA D 325 -5.32 -8.00 7.51
CA ALA D 325 -6.28 -8.11 8.61
C ALA D 325 -6.60 -9.56 8.94
N PHE D 326 -6.69 -10.42 7.93
CA PHE D 326 -7.02 -11.82 8.20
C PHE D 326 -5.98 -12.47 9.12
N ASP D 327 -4.70 -12.15 8.92
CA ASP D 327 -3.66 -12.72 9.75
C ASP D 327 -3.53 -12.00 11.10
N ALA D 328 -3.96 -10.74 11.18
CA ALA D 328 -3.96 -10.05 12.47
C ALA D 328 -5.00 -10.67 13.40
N VAL D 329 -6.21 -10.93 12.89
CA VAL D 329 -7.21 -11.61 13.68
C VAL D 329 -6.75 -13.04 14.00
N TYR D 330 -6.21 -13.72 12.99
CA TYR D 330 -5.77 -15.10 13.15
C TYR D 330 -4.78 -15.25 14.30
N THR D 331 -3.70 -14.46 14.27
CA THR D 331 -2.64 -14.63 15.25
C THR D 331 -3.04 -14.12 16.64
N ARG D 332 -3.98 -13.19 16.73
CA ARG D 332 -4.50 -12.82 18.04
C ARG D 332 -5.26 -13.98 18.68
N GLU D 333 -6.06 -14.69 17.88
CA GLU D 333 -6.79 -15.83 18.42
C GLU D 333 -5.86 -16.99 18.77
N LEU D 334 -4.73 -17.11 18.06
CA LEU D 334 -3.78 -18.16 18.38
C LEU D 334 -3.05 -17.85 19.69
N GLY D 335 -2.59 -16.61 19.84
CA GLY D 335 -1.96 -16.21 21.08
C GLY D 335 -2.86 -16.40 22.28
N TYR D 336 -4.15 -16.04 22.14
CA TYR D 336 -5.10 -16.29 23.21
C TYR D 336 -5.20 -17.78 23.51
N GLY D 337 -5.33 -18.60 22.47
CA GLY D 337 -5.52 -20.03 22.67
C GLY D 337 -4.33 -20.72 23.32
N ALA D 338 -3.12 -20.16 23.15
CA ALA D 338 -1.97 -20.73 23.83
C ALA D 338 -2.09 -20.57 25.33
N ILE D 339 -2.45 -19.36 25.78
CA ILE D 339 -2.62 -19.11 27.22
C ILE D 339 -3.79 -19.93 27.74
N ASP D 340 -4.87 -20.04 26.96
CA ASP D 340 -6.02 -20.82 27.38
C ASP D 340 -5.66 -22.29 27.58
N ALA D 341 -4.82 -22.84 26.72
CA ALA D 341 -4.42 -24.24 26.85
C ALA D 341 -3.58 -24.46 28.10
N PHE D 342 -2.65 -23.54 28.39
CA PHE D 342 -1.88 -23.63 29.64
C PHE D 342 -2.79 -23.64 30.86
N LEU D 343 -3.80 -22.76 30.87
CA LEU D 343 -4.70 -22.69 32.01
C LEU D 343 -5.47 -23.99 32.21
N ASN D 344 -5.79 -24.68 31.12
CA ASN D 344 -6.54 -25.93 31.18
C ASN D 344 -5.64 -27.14 31.36
N GLY D 345 -4.37 -26.93 31.70
CA GLY D 345 -3.48 -28.03 32.01
C GLY D 345 -2.89 -28.75 30.82
N HIS D 346 -3.02 -28.19 29.63
CA HIS D 346 -2.49 -28.85 28.44
C HIS D 346 -0.98 -28.69 28.35
N SER D 347 -0.35 -29.66 27.69
CA SER D 347 1.08 -29.65 27.44
C SER D 347 1.34 -30.61 26.29
N ALA D 348 2.48 -30.41 25.62
CA ALA D 348 2.81 -31.17 24.41
C ALA D 348 1.67 -31.12 23.40
N ALA D 349 1.15 -29.92 23.18
CA ALA D 349 0.03 -29.71 22.28
C ALA D 349 0.36 -28.61 21.28
N LEU D 350 -0.45 -28.56 20.22
CA LEU D 350 -0.33 -27.58 19.15
C LEU D 350 -1.58 -26.70 19.12
N ILE D 351 -1.36 -25.38 19.17
CA ILE D 351 -2.45 -24.43 19.05
C ILE D 351 -2.77 -24.28 17.56
N VAL D 352 -3.95 -24.72 17.16
CA VAL D 352 -4.40 -24.64 15.77
C VAL D 352 -5.83 -24.14 15.75
N ARG D 353 -6.23 -23.57 14.62
CA ARG D 353 -7.59 -23.13 14.42
C ARG D 353 -8.24 -24.04 13.40
N GLU D 354 -9.38 -24.62 13.76
CA GLU D 354 -10.09 -25.57 12.91
C GLU D 354 -11.57 -25.24 12.99
N ASN D 355 -12.17 -24.97 11.83
CA ASN D 355 -13.59 -24.63 11.74
C ASN D 355 -13.92 -23.47 12.69
N GLY D 356 -13.06 -22.45 12.68
CA GLY D 356 -13.28 -21.25 13.45
C GLY D 356 -13.06 -21.37 14.94
N GLN D 357 -12.48 -22.48 15.40
CA GLN D 357 -12.27 -22.72 16.82
C GLN D 357 -10.79 -22.97 17.07
N VAL D 358 -10.18 -22.18 17.95
CA VAL D 358 -8.81 -22.45 18.37
C VAL D 358 -8.84 -23.52 19.46
N LYS D 359 -8.05 -24.57 19.29
CA LYS D 359 -8.07 -25.72 20.19
C LYS D 359 -6.71 -26.36 20.23
N PRO D 360 -6.34 -27.00 21.34
CA PRO D 360 -5.08 -27.74 21.38
C PRO D 360 -5.21 -29.12 20.75
N VAL D 361 -4.14 -29.53 20.06
CA VAL D 361 -4.11 -30.81 19.36
C VAL D 361 -2.75 -31.47 19.65
N GLN D 362 -2.79 -32.68 20.20
CA GLN D 362 -1.55 -33.34 20.60
C GLN D 362 -0.65 -33.53 19.39
N PHE D 363 0.66 -33.40 19.63
CA PHE D 363 1.63 -33.49 18.53
C PHE D 363 1.49 -34.79 17.76
N LYS D 364 1.31 -35.90 18.47
CA LYS D 364 1.22 -37.21 17.82
C LYS D 364 -0.06 -37.33 16.99
N ASP D 365 -1.13 -36.65 17.36
CA ASP D 365 -2.36 -36.75 16.58
C ASP D 365 -2.18 -36.27 15.14
N LEU D 366 -1.19 -35.41 14.89
CA LEU D 366 -1.01 -34.80 13.58
C LEU D 366 0.16 -35.37 12.80
N LEU D 367 1.00 -36.20 13.41
CA LEU D 367 2.14 -36.76 12.69
C LEU D 367 1.71 -37.77 11.65
N ASP D 368 2.47 -37.79 10.55
CA ASP D 368 2.37 -38.87 9.57
C ASP D 368 3.31 -39.98 9.98
N PRO D 369 2.82 -41.19 10.26
CA PRO D 369 3.70 -42.25 10.78
C PRO D 369 4.91 -42.56 9.91
N ALA D 370 4.82 -42.30 8.60
CA ALA D 370 5.93 -42.64 7.72
C ALA D 370 7.10 -41.68 7.84
N THR D 371 6.86 -40.46 8.31
CA THR D 371 7.84 -39.40 8.27
C THR D 371 8.45 -39.03 9.61
N GLY D 372 7.70 -39.14 10.70
CA GLY D 372 8.14 -38.60 11.97
C GLY D 372 7.98 -37.10 12.09
N ARG D 373 7.64 -36.42 11.00
CA ARG D 373 7.35 -35.00 10.99
C ARG D 373 5.83 -34.81 10.89
N VAL D 374 5.37 -33.60 11.19
CA VAL D 374 3.94 -33.33 11.04
C VAL D 374 3.56 -33.57 9.58
N ARG D 375 2.36 -34.07 9.35
CA ARG D 375 1.95 -34.42 8.00
C ARG D 375 1.86 -33.17 7.14
N THR D 376 2.29 -33.31 5.89
CA THR D 376 2.33 -32.20 4.94
C THR D 376 1.09 -32.24 4.04
N ARG D 377 0.32 -31.17 4.06
CA ARG D 377 -0.84 -31.03 3.19
C ARG D 377 -0.39 -30.33 1.91
N LEU D 378 -0.58 -31.00 0.77
CA LEU D 378 -0.22 -30.44 -0.52
C LEU D 378 -1.46 -29.96 -1.26
N VAL D 379 -1.24 -29.32 -2.40
CA VAL D 379 -2.36 -28.91 -3.25
C VAL D 379 -3.08 -30.17 -3.74
N ASP D 380 -4.40 -30.16 -3.61
CA ASP D 380 -5.22 -31.26 -4.12
C ASP D 380 -5.58 -30.93 -5.57
N VAL D 381 -4.85 -31.53 -6.52
CA VAL D 381 -5.06 -31.21 -7.92
C VAL D 381 -6.30 -31.87 -8.49
N THR D 382 -7.01 -32.68 -7.70
CA THR D 382 -8.31 -33.20 -8.11
C THR D 382 -9.46 -32.32 -7.66
N SER D 383 -9.23 -31.39 -6.74
CA SER D 383 -10.30 -30.54 -6.24
C SER D 383 -10.78 -29.61 -7.35
N GLN D 384 -11.99 -29.05 -7.15
CA GLN D 384 -12.51 -28.12 -8.14
C GLN D 384 -11.73 -26.82 -8.12
N SER D 385 -11.23 -26.39 -6.96
CA SER D 385 -10.45 -25.17 -6.90
C SER D 385 -9.26 -25.21 -7.86
N PHE D 386 -8.60 -26.37 -7.95
CA PHE D 386 -7.45 -26.48 -8.84
C PHE D 386 -7.88 -26.45 -10.31
N LYS D 387 -8.97 -27.13 -10.64
CA LYS D 387 -9.44 -27.11 -12.03
C LYS D 387 -9.92 -25.73 -12.45
N VAL D 388 -10.49 -24.96 -11.52
CA VAL D 388 -10.93 -23.60 -11.85
C VAL D 388 -9.72 -22.74 -12.15
N ALA D 389 -8.70 -22.80 -11.29
CA ALA D 389 -7.46 -22.08 -11.56
C ALA D 389 -6.91 -22.44 -12.93
N ARG D 390 -7.02 -23.72 -13.31
CA ARG D 390 -6.45 -24.18 -14.57
C ARG D 390 -7.25 -23.69 -15.76
N VAL D 391 -8.55 -23.45 -15.59
CA VAL D 391 -9.38 -22.99 -16.70
C VAL D 391 -8.91 -21.62 -17.21
N TYR D 392 -8.48 -20.76 -16.29
CA TYR D 392 -8.09 -19.41 -16.64
C TYR D 392 -6.61 -19.29 -16.99
N MET D 393 -5.90 -20.41 -17.07
CA MET D 393 -4.54 -20.43 -17.58
C MET D 393 -4.55 -20.61 -19.09
N TRP D 394 -3.45 -20.23 -19.72
CA TRP D 394 -3.21 -20.51 -21.14
C TRP D 394 -2.38 -21.77 -21.25
N ARG D 395 -2.95 -22.80 -21.87
CA ARG D 395 -2.28 -24.10 -21.97
C ARG D 395 -3.02 -24.95 -22.99
N MET D 396 -2.34 -26.00 -23.46
CA MET D 396 -2.89 -26.94 -24.42
C MET D 396 -3.41 -28.16 -23.67
N SER D 397 -4.73 -28.34 -23.66
CA SER D 397 -5.36 -29.47 -23.01
C SER D 397 -5.34 -30.69 -23.94
N LYS D 398 -5.84 -31.82 -23.44
CA LYS D 398 -6.04 -32.98 -24.30
C LYS D 398 -6.93 -32.62 -25.48
N LYS D 399 -8.07 -32.00 -25.20
CA LYS D 399 -8.98 -31.60 -26.27
C LYS D 399 -8.31 -30.63 -27.24
N ASP D 400 -7.47 -29.74 -26.73
CA ASP D 400 -6.83 -28.75 -27.59
C ASP D 400 -5.94 -29.40 -28.64
N TYR D 401 -5.18 -30.44 -28.24
CA TYR D 401 -4.32 -31.12 -29.18
C TYR D 401 -5.12 -31.84 -30.26
N GLU D 402 -6.37 -32.18 -29.98
CA GLU D 402 -7.25 -32.83 -30.95
C GLU D 402 -7.97 -31.85 -31.86
N ASN D 403 -7.88 -30.55 -31.59
CA ASN D 403 -8.50 -29.51 -32.41
C ASN D 403 -7.51 -29.13 -33.49
N LYS D 404 -7.74 -29.61 -34.72
CA LYS D 404 -6.77 -29.39 -35.79
C LYS D 404 -6.67 -27.92 -36.19
N ASP D 405 -7.79 -27.17 -36.13
CA ASP D 405 -7.71 -25.74 -36.42
C ASP D 405 -6.78 -25.04 -35.42
N LEU D 406 -6.91 -25.38 -34.14
CA LEU D 406 -6.06 -24.77 -33.12
C LEU D 406 -4.61 -25.24 -33.26
N VAL D 407 -4.42 -26.55 -33.44
CA VAL D 407 -3.06 -27.09 -33.52
C VAL D 407 -2.32 -26.51 -34.72
N ALA D 408 -3.04 -26.25 -35.82
CA ALA D 408 -2.39 -25.66 -36.99
C ALA D 408 -1.97 -24.22 -36.72
N ARG D 409 -2.81 -23.45 -36.03
CA ARG D 409 -2.46 -22.07 -35.71
C ARG D 409 -1.29 -21.99 -34.74
N VAL D 410 -1.29 -22.83 -33.71
CA VAL D 410 -0.20 -22.80 -32.73
C VAL D 410 1.10 -23.24 -33.38
N ALA D 411 1.07 -24.37 -34.09
CA ALA D 411 2.26 -24.84 -34.79
C ALA D 411 2.83 -23.77 -35.71
N ALA D 412 1.95 -23.09 -36.45
CA ALA D 412 2.40 -22.04 -37.35
C ALA D 412 3.06 -20.89 -36.59
N ALA D 413 2.51 -20.56 -35.40
CA ALA D 413 3.12 -19.53 -34.57
C ALA D 413 4.57 -19.90 -34.23
N GLY D 414 4.84 -21.18 -34.02
CA GLY D 414 6.17 -21.66 -33.73
C GLY D 414 6.99 -22.02 -34.95
N LYS D 415 6.48 -21.69 -36.15
CA LYS D 415 7.19 -21.96 -37.40
C LYS D 415 7.65 -23.42 -37.47
N MET D 416 6.69 -24.32 -37.27
CA MET D 416 6.90 -25.75 -37.42
C MET D 416 5.59 -26.34 -37.93
N THR D 417 5.68 -27.52 -38.53
CA THR D 417 4.50 -28.14 -39.11
C THR D 417 3.59 -28.67 -38.00
N PRO D 418 2.30 -28.85 -38.28
CA PRO D 418 1.42 -29.49 -37.28
C PRO D 418 1.92 -30.84 -36.85
N GLU D 419 2.59 -31.58 -37.74
CA GLU D 419 3.14 -32.88 -37.36
C GLU D 419 4.33 -32.73 -36.42
N ALA D 420 5.18 -31.72 -36.65
CA ALA D 420 6.31 -31.48 -35.76
C ALA D 420 5.83 -31.04 -34.38
N PHE D 421 4.84 -30.16 -34.33
CA PHE D 421 4.31 -29.70 -33.05
C PHE D 421 3.72 -30.85 -32.26
N THR D 422 2.86 -31.64 -32.90
CA THR D 422 2.26 -32.79 -32.22
C THR D 422 3.33 -33.77 -31.77
N GLU D 423 4.37 -33.97 -32.59
CA GLU D 423 5.40 -34.94 -32.26
C GLU D 423 6.13 -34.55 -30.98
N LYS D 424 6.31 -33.25 -30.75
CA LYS D 424 7.10 -32.77 -29.62
C LYS D 424 6.27 -32.60 -28.35
N PHE D 425 5.05 -32.05 -28.47
CA PHE D 425 4.31 -31.58 -27.30
C PHE D 425 3.14 -32.47 -26.89
N ALA D 426 2.63 -33.32 -27.78
CA ALA D 426 1.38 -34.02 -27.49
C ALA D 426 1.52 -34.94 -26.28
N HIS D 427 2.72 -35.44 -26.00
CA HIS D 427 2.93 -36.36 -24.90
C HIS D 427 2.73 -35.70 -23.53
N LEU D 428 2.70 -34.36 -23.46
CA LEU D 428 2.62 -33.69 -22.18
C LEU D 428 1.32 -33.94 -21.44
N THR D 429 0.28 -34.43 -22.14
CA THR D 429 -0.98 -34.71 -21.46
C THR D 429 -0.89 -35.91 -20.53
N ASP D 430 0.13 -36.77 -20.71
CA ASP D 430 0.42 -37.84 -19.77
C ASP D 430 1.48 -37.44 -18.76
N VAL D 431 2.02 -36.22 -18.85
CA VAL D 431 3.01 -35.74 -17.89
C VAL D 431 2.33 -35.06 -16.71
N VAL D 432 1.22 -34.35 -16.96
CA VAL D 432 0.53 -33.58 -15.94
C VAL D 432 -0.95 -33.93 -15.98
N VAL D 433 -1.59 -33.83 -14.80
CA VAL D 433 -3.02 -34.08 -14.69
C VAL D 433 -3.79 -33.09 -15.55
N GLU D 434 -4.94 -33.54 -16.05
CA GLU D 434 -5.75 -32.71 -16.93
C GLU D 434 -7.07 -32.32 -16.25
#